data_2RCZ
# 
_entry.id   2RCZ 
# 
_audit_conform.dict_name       mmcif_pdbx.dic 
_audit_conform.dict_version    5.387 
_audit_conform.dict_location   http://mmcif.pdb.org/dictionaries/ascii/mmcif_pdbx.dic 
# 
loop_
_database_2.database_id 
_database_2.database_code 
_database_2.pdbx_database_accession 
_database_2.pdbx_DOI 
PDB   2RCZ         pdb_00002rcz 10.2210/pdb2rcz/pdb 
RCSB  RCSB044710   ?            ?                   
WWPDB D_1000044710 ?            ?                   
# 
loop_
_pdbx_audit_revision_history.ordinal 
_pdbx_audit_revision_history.data_content_type 
_pdbx_audit_revision_history.major_revision 
_pdbx_audit_revision_history.minor_revision 
_pdbx_audit_revision_history.revision_date 
1 'Structure model' 1 0 2007-10-09 
2 'Structure model' 1 1 2011-07-13 
3 'Structure model' 1 2 2024-02-21 
# 
_pdbx_audit_revision_details.ordinal             1 
_pdbx_audit_revision_details.revision_ordinal    1 
_pdbx_audit_revision_details.data_content_type   'Structure model' 
_pdbx_audit_revision_details.provider            repository 
_pdbx_audit_revision_details.type                'Initial release' 
_pdbx_audit_revision_details.description         ? 
_pdbx_audit_revision_details.details             ? 
# 
loop_
_pdbx_audit_revision_group.ordinal 
_pdbx_audit_revision_group.revision_ordinal 
_pdbx_audit_revision_group.data_content_type 
_pdbx_audit_revision_group.group 
1 2 'Structure model' Advisory                    
2 2 'Structure model' 'Version format compliance' 
3 3 'Structure model' 'Data collection'           
4 3 'Structure model' 'Database references'       
# 
loop_
_pdbx_audit_revision_category.ordinal 
_pdbx_audit_revision_category.revision_ordinal 
_pdbx_audit_revision_category.data_content_type 
_pdbx_audit_revision_category.category 
1 3 'Structure model' chem_comp_atom     
2 3 'Structure model' chem_comp_bond     
3 3 'Structure model' database_2         
4 3 'Structure model' struct_ref_seq_dif 
# 
loop_
_pdbx_audit_revision_item.ordinal 
_pdbx_audit_revision_item.revision_ordinal 
_pdbx_audit_revision_item.data_content_type 
_pdbx_audit_revision_item.item 
1 3 'Structure model' '_database_2.pdbx_DOI'                
2 3 'Structure model' '_database_2.pdbx_database_accession' 
3 3 'Structure model' '_struct_ref_seq_dif.details'         
# 
_pdbx_database_status.entry_id                        2RCZ 
_pdbx_database_status.deposit_site                    RCSB 
_pdbx_database_status.process_site                    RCSB 
_pdbx_database_status.recvd_initial_deposition_date   2007-09-20 
_pdbx_database_status.status_code                     REL 
_pdbx_database_status.status_code_sf                  REL 
_pdbx_database_status.status_code_mr                  ? 
_pdbx_database_status.SG_entry                        ? 
_pdbx_database_status.status_code_cs                  ? 
_pdbx_database_status.methods_development_category    ? 
_pdbx_database_status.pdb_format_compatible           Y 
_pdbx_database_status.status_code_nmr_data            ? 
# 
loop_
_audit_author.name 
_audit_author.pdbx_ordinal 
'Lavie, A.' 1 
'Lye, M.F.' 2 
# 
_citation.id                        primary 
_citation.title                     'Domain swapping within PDZ2 is responsible for dimerization of ZO proteins.' 
_citation.journal_abbrev            J.Biol.Chem. 
_citation.journal_volume            282 
_citation.page_first                37710 
_citation.page_last                 37716 
_citation.year                      2007 
_citation.journal_id_ASTM           JBCHA3 
_citation.country                   US 
_citation.journal_id_ISSN           0021-9258 
_citation.journal_id_CSD            0071 
_citation.book_publisher            ? 
_citation.pdbx_database_id_PubMed   17928286 
_citation.pdbx_database_id_DOI      10.1074/jbc.M707255200 
# 
loop_
_citation_author.citation_id 
_citation_author.name 
_citation_author.ordinal 
_citation_author.identifier_ORCID 
primary 'Fanning, A.S.'  1 ? 
primary 'Lye, M.F.'      2 ? 
primary 'Anderson, J.M.' 3 ? 
primary 'Lavie, A.'      4 ? 
# 
loop_
_entity.id 
_entity.type 
_entity.src_method 
_entity.pdbx_description 
_entity.formula_weight 
_entity.pdbx_number_of_molecules 
_entity.pdbx_ec 
_entity.pdbx_mutation 
_entity.pdbx_fragment 
_entity.details 
1 polymer man 'Tight junction protein ZO-1' 9003.305 2   ? ? PDZ2 ? 
2 water   nat water                         18.015   103 ? ? ?    ? 
# 
_entity_name_com.entity_id   1 
_entity_name_com.name        'Zonula occludens 1 protein, Zona occludens 1 protein, Tight junction protein 1' 
# 
_entity_poly.entity_id                      1 
_entity_poly.type                           'polypeptide(L)' 
_entity_poly.nstd_linkage                   no 
_entity_poly.nstd_monomer                   no 
_entity_poly.pdbx_seq_one_letter_code       
;GSKVTLVKSRKNEEYGLRLASHIFVKEISQDSLAARDGNIQEGDVVLKINGTVTENMSLTDAKTLIERSKGKLKMVVQRD
E
;
_entity_poly.pdbx_seq_one_letter_code_can   
;GSKVTLVKSRKNEEYGLRLASHIFVKEISQDSLAARDGNIQEGDVVLKINGTVTENMSLTDAKTLIERSKGKLKMVVQRD
E
;
_entity_poly.pdbx_strand_id                 A,B 
_entity_poly.pdbx_target_identifier         ? 
# 
_pdbx_entity_nonpoly.entity_id   2 
_pdbx_entity_nonpoly.name        water 
_pdbx_entity_nonpoly.comp_id     HOH 
# 
loop_
_entity_poly_seq.entity_id 
_entity_poly_seq.num 
_entity_poly_seq.mon_id 
_entity_poly_seq.hetero 
1 1  GLY n 
1 2  SER n 
1 3  LYS n 
1 4  VAL n 
1 5  THR n 
1 6  LEU n 
1 7  VAL n 
1 8  LYS n 
1 9  SER n 
1 10 ARG n 
1 11 LYS n 
1 12 ASN n 
1 13 GLU n 
1 14 GLU n 
1 15 TYR n 
1 16 GLY n 
1 17 LEU n 
1 18 ARG n 
1 19 LEU n 
1 20 ALA n 
1 21 SER n 
1 22 HIS n 
1 23 ILE n 
1 24 PHE n 
1 25 VAL n 
1 26 LYS n 
1 27 GLU n 
1 28 ILE n 
1 29 SER n 
1 30 GLN n 
1 31 ASP n 
1 32 SER n 
1 33 LEU n 
1 34 ALA n 
1 35 ALA n 
1 36 ARG n 
1 37 ASP n 
1 38 GLY n 
1 39 ASN n 
1 40 ILE n 
1 41 GLN n 
1 42 GLU n 
1 43 GLY n 
1 44 ASP n 
1 45 VAL n 
1 46 VAL n 
1 47 LEU n 
1 48 LYS n 
1 49 ILE n 
1 50 ASN n 
1 51 GLY n 
1 52 THR n 
1 53 VAL n 
1 54 THR n 
1 55 GLU n 
1 56 ASN n 
1 57 MET n 
1 58 SER n 
1 59 LEU n 
1 60 THR n 
1 61 ASP n 
1 62 ALA n 
1 63 LYS n 
1 64 THR n 
1 65 LEU n 
1 66 ILE n 
1 67 GLU n 
1 68 ARG n 
1 69 SER n 
1 70 LYS n 
1 71 GLY n 
1 72 LYS n 
1 73 LEU n 
1 74 LYS n 
1 75 MET n 
1 76 VAL n 
1 77 VAL n 
1 78 GLN n 
1 79 ARG n 
1 80 ASP n 
1 81 GLU n 
# 
_entity_src_gen.entity_id                          1 
_entity_src_gen.pdbx_src_id                        1 
_entity_src_gen.pdbx_alt_source_flag               sample 
_entity_src_gen.pdbx_seq_type                      ? 
_entity_src_gen.pdbx_beg_seq_num                   ? 
_entity_src_gen.pdbx_end_seq_num                   ? 
_entity_src_gen.gene_src_common_name               human 
_entity_src_gen.gene_src_genus                     Homo 
_entity_src_gen.pdbx_gene_src_gene                 'TJP1, ZO1' 
_entity_src_gen.gene_src_species                   ? 
_entity_src_gen.gene_src_strain                    ? 
_entity_src_gen.gene_src_tissue                    ? 
_entity_src_gen.gene_src_tissue_fraction           ? 
_entity_src_gen.gene_src_details                   ? 
_entity_src_gen.pdbx_gene_src_fragment             ? 
_entity_src_gen.pdbx_gene_src_scientific_name      'Homo sapiens' 
_entity_src_gen.pdbx_gene_src_ncbi_taxonomy_id     9606 
_entity_src_gen.pdbx_gene_src_variant              ? 
_entity_src_gen.pdbx_gene_src_cell_line            ? 
_entity_src_gen.pdbx_gene_src_atcc                 ? 
_entity_src_gen.pdbx_gene_src_organ                ? 
_entity_src_gen.pdbx_gene_src_organelle            ? 
_entity_src_gen.pdbx_gene_src_cell                 ? 
_entity_src_gen.pdbx_gene_src_cellular_location    ? 
_entity_src_gen.host_org_common_name               ? 
_entity_src_gen.pdbx_host_org_scientific_name      'Escherichia coli' 
_entity_src_gen.pdbx_host_org_ncbi_taxonomy_id     562 
_entity_src_gen.host_org_genus                     Escherichia 
_entity_src_gen.pdbx_host_org_gene                 ? 
_entity_src_gen.pdbx_host_org_organ                ? 
_entity_src_gen.host_org_species                   ? 
_entity_src_gen.pdbx_host_org_tissue               ? 
_entity_src_gen.pdbx_host_org_tissue_fraction      ? 
_entity_src_gen.pdbx_host_org_strain               ? 
_entity_src_gen.pdbx_host_org_variant              ? 
_entity_src_gen.pdbx_host_org_cell_line            ? 
_entity_src_gen.pdbx_host_org_atcc                 ? 
_entity_src_gen.pdbx_host_org_culture_collection   ? 
_entity_src_gen.pdbx_host_org_cell                 ? 
_entity_src_gen.pdbx_host_org_organelle            ? 
_entity_src_gen.pdbx_host_org_cellular_location    ? 
_entity_src_gen.pdbx_host_org_vector_type          ? 
_entity_src_gen.pdbx_host_org_vector               ? 
_entity_src_gen.host_org_details                   ? 
_entity_src_gen.expression_system_id               ? 
_entity_src_gen.plasmid_name                       ? 
_entity_src_gen.plasmid_details                    ? 
_entity_src_gen.pdbx_description                   ? 
# 
loop_
_chem_comp.id 
_chem_comp.type 
_chem_comp.mon_nstd_flag 
_chem_comp.name 
_chem_comp.pdbx_synonyms 
_chem_comp.formula 
_chem_comp.formula_weight 
ALA 'L-peptide linking' y ALANINE         ? 'C3 H7 N O2'     89.093  
ARG 'L-peptide linking' y ARGININE        ? 'C6 H15 N4 O2 1' 175.209 
ASN 'L-peptide linking' y ASPARAGINE      ? 'C4 H8 N2 O3'    132.118 
ASP 'L-peptide linking' y 'ASPARTIC ACID' ? 'C4 H7 N O4'     133.103 
GLN 'L-peptide linking' y GLUTAMINE       ? 'C5 H10 N2 O3'   146.144 
GLU 'L-peptide linking' y 'GLUTAMIC ACID' ? 'C5 H9 N O4'     147.129 
GLY 'peptide linking'   y GLYCINE         ? 'C2 H5 N O2'     75.067  
HIS 'L-peptide linking' y HISTIDINE       ? 'C6 H10 N3 O2 1' 156.162 
HOH non-polymer         . WATER           ? 'H2 O'           18.015  
ILE 'L-peptide linking' y ISOLEUCINE      ? 'C6 H13 N O2'    131.173 
LEU 'L-peptide linking' y LEUCINE         ? 'C6 H13 N O2'    131.173 
LYS 'L-peptide linking' y LYSINE          ? 'C6 H15 N2 O2 1' 147.195 
MET 'L-peptide linking' y METHIONINE      ? 'C5 H11 N O2 S'  149.211 
PHE 'L-peptide linking' y PHENYLALANINE   ? 'C9 H11 N O2'    165.189 
SER 'L-peptide linking' y SERINE          ? 'C3 H7 N O3'     105.093 
THR 'L-peptide linking' y THREONINE       ? 'C4 H9 N O3'     119.119 
TYR 'L-peptide linking' y TYROSINE        ? 'C9 H11 N O3'    181.189 
VAL 'L-peptide linking' y VALINE          ? 'C5 H11 N O2'    117.146 
# 
loop_
_pdbx_poly_seq_scheme.asym_id 
_pdbx_poly_seq_scheme.entity_id 
_pdbx_poly_seq_scheme.seq_id 
_pdbx_poly_seq_scheme.mon_id 
_pdbx_poly_seq_scheme.ndb_seq_num 
_pdbx_poly_seq_scheme.pdb_seq_num 
_pdbx_poly_seq_scheme.auth_seq_num 
_pdbx_poly_seq_scheme.pdb_mon_id 
_pdbx_poly_seq_scheme.auth_mon_id 
_pdbx_poly_seq_scheme.pdb_strand_id 
_pdbx_poly_seq_scheme.pdb_ins_code 
_pdbx_poly_seq_scheme.hetero 
A 1 1  GLY 1  184 184 GLY GLY A . n 
A 1 2  SER 2  185 185 SER SER A . n 
A 1 3  LYS 3  186 186 LYS LYS A . n 
A 1 4  VAL 4  187 187 VAL VAL A . n 
A 1 5  THR 5  188 188 THR THR A . n 
A 1 6  LEU 6  189 189 LEU LEU A . n 
A 1 7  VAL 7  190 190 VAL VAL A . n 
A 1 8  LYS 8  191 191 LYS LYS A . n 
A 1 9  SER 9  192 192 SER SER A . n 
A 1 10 ARG 10 193 193 ARG ALA A . n 
A 1 11 LYS 11 194 194 LYS ALA A . n 
A 1 12 ASN 12 195 195 ASN ASN A . n 
A 1 13 GLU 13 196 196 GLU GLU A . n 
A 1 14 GLU 14 197 197 GLU ALA A . n 
A 1 15 TYR 15 198 198 TYR TYR A . n 
A 1 16 GLY 16 199 199 GLY GLY A . n 
A 1 17 LEU 17 200 200 LEU LEU A . n 
A 1 18 ARG 18 201 201 ARG ARG A . n 
A 1 19 LEU 19 202 202 LEU LEU A . n 
A 1 20 ALA 20 203 203 ALA ALA A . n 
A 1 21 SER 21 204 204 SER SER A . n 
A 1 22 HIS 22 205 205 HIS HIS A . n 
A 1 23 ILE 23 206 206 ILE ILE A . n 
A 1 24 PHE 24 207 207 PHE PHE A . n 
A 1 25 VAL 25 208 208 VAL VAL A . n 
A 1 26 LYS 26 209 209 LYS LYS A . n 
A 1 27 GLU 27 210 210 GLU GLU A . n 
A 1 28 ILE 28 211 211 ILE ILE A . n 
A 1 29 SER 29 212 212 SER SER A . n 
A 1 30 GLN 30 213 213 GLN GLN A . n 
A 1 31 ASP 31 214 214 ASP ASP A . n 
A 1 32 SER 32 215 215 SER SER A . n 
A 1 33 LEU 33 216 216 LEU LEU A . n 
A 1 34 ALA 34 217 217 ALA ALA A . n 
A 1 35 ALA 35 218 218 ALA ALA A . n 
A 1 36 ARG 36 219 219 ARG ARG A . n 
A 1 37 ASP 37 220 220 ASP ASP A . n 
A 1 38 GLY 38 221 221 GLY GLY A . n 
A 1 39 ASN 39 222 222 ASN ASN A . n 
A 1 40 ILE 40 223 223 ILE ILE A . n 
A 1 41 GLN 41 224 224 GLN GLN A . n 
A 1 42 GLU 42 225 225 GLU GLU A . n 
A 1 43 GLY 43 226 226 GLY GLY A . n 
A 1 44 ASP 44 227 227 ASP ASP A . n 
A 1 45 VAL 45 228 228 VAL VAL A . n 
A 1 46 VAL 46 229 229 VAL VAL A . n 
A 1 47 LEU 47 230 230 LEU LEU A . n 
A 1 48 LYS 48 231 231 LYS LYS A . n 
A 1 49 ILE 49 232 232 ILE ILE A . n 
A 1 50 ASN 50 233 233 ASN ASN A . n 
A 1 51 GLY 51 234 234 GLY GLY A . n 
A 1 52 THR 52 235 235 THR THR A . n 
A 1 53 VAL 53 236 236 VAL VAL A . n 
A 1 54 THR 54 237 237 THR THR A . n 
A 1 55 GLU 55 238 238 GLU GLU A . n 
A 1 56 ASN 56 239 239 ASN ASN A . n 
A 1 57 MET 57 240 240 MET MET A . n 
A 1 58 SER 58 241 241 SER SER A . n 
A 1 59 LEU 59 242 242 LEU LEU A . n 
A 1 60 THR 60 243 243 THR THR A . n 
A 1 61 ASP 61 244 244 ASP ASP A . n 
A 1 62 ALA 62 245 245 ALA ALA A . n 
A 1 63 LYS 63 246 246 LYS LYS A . n 
A 1 64 THR 64 247 247 THR THR A . n 
A 1 65 LEU 65 248 248 LEU LEU A . n 
A 1 66 ILE 66 249 249 ILE ILE A . n 
A 1 67 GLU 67 250 250 GLU GLU A . n 
A 1 68 ARG 68 251 251 ARG ARG A . n 
A 1 69 SER 69 252 252 SER SER A . n 
A 1 70 LYS 70 253 253 LYS LYS A . n 
A 1 71 GLY 71 254 254 GLY GLY A . n 
A 1 72 LYS 72 255 255 LYS LYS A . n 
A 1 73 LEU 73 256 256 LEU LEU A . n 
A 1 74 LYS 74 257 257 LYS LYS A . n 
A 1 75 MET 75 258 258 MET MET A . n 
A 1 76 VAL 76 259 259 VAL VAL A . n 
A 1 77 VAL 77 260 260 VAL VAL A . n 
A 1 78 GLN 78 261 261 GLN GLN A . n 
A 1 79 ARG 79 262 262 ARG ALA A . n 
A 1 80 ASP 80 263 ?   ?   ?   A . n 
A 1 81 GLU 81 264 ?   ?   ?   A . n 
B 1 1  GLY 1  184 184 GLY GLY B . n 
B 1 2  SER 2  185 185 SER SER B . n 
B 1 3  LYS 3  186 186 LYS LYS B . n 
B 1 4  VAL 4  187 187 VAL VAL B . n 
B 1 5  THR 5  188 188 THR THR B . n 
B 1 6  LEU 6  189 189 LEU LEU B . n 
B 1 7  VAL 7  190 190 VAL VAL B . n 
B 1 8  LYS 8  191 191 LYS LYS B . n 
B 1 9  SER 9  192 192 SER SER B . n 
B 1 10 ARG 10 193 193 ARG ARG B . n 
B 1 11 LYS 11 194 194 LYS LYS B . n 
B 1 12 ASN 12 195 195 ASN ASN B . n 
B 1 13 GLU 13 196 196 GLU GLU B . n 
B 1 14 GLU 14 197 197 GLU GLU B . n 
B 1 15 TYR 15 198 198 TYR TYR B . n 
B 1 16 GLY 16 199 199 GLY GLY B . n 
B 1 17 LEU 17 200 200 LEU LEU B . n 
B 1 18 ARG 18 201 201 ARG ARG B . n 
B 1 19 LEU 19 202 202 LEU LEU B . n 
B 1 20 ALA 20 203 203 ALA ALA B . n 
B 1 21 SER 21 204 204 SER SER B . n 
B 1 22 HIS 22 205 205 HIS HIS B . n 
B 1 23 ILE 23 206 206 ILE ILE B . n 
B 1 24 PHE 24 207 207 PHE PHE B . n 
B 1 25 VAL 25 208 208 VAL VAL B . n 
B 1 26 LYS 26 209 209 LYS LYS B . n 
B 1 27 GLU 27 210 210 GLU ALA B . n 
B 1 28 ILE 28 211 211 ILE ILE B . n 
B 1 29 SER 29 212 212 SER SER B . n 
B 1 30 GLN 30 213 213 GLN GLN B . n 
B 1 31 ASP 31 214 214 ASP ASP B . n 
B 1 32 SER 32 215 215 SER SER B . n 
B 1 33 LEU 33 216 216 LEU LEU B . n 
B 1 34 ALA 34 217 217 ALA ALA B . n 
B 1 35 ALA 35 218 218 ALA ALA B . n 
B 1 36 ARG 36 219 219 ARG ARG B . n 
B 1 37 ASP 37 220 220 ASP ASP B . n 
B 1 38 GLY 38 221 221 GLY GLY B . n 
B 1 39 ASN 39 222 222 ASN ALA B . n 
B 1 40 ILE 40 223 223 ILE ILE B . n 
B 1 41 GLN 41 224 224 GLN ALA B . n 
B 1 42 GLU 42 225 225 GLU GLU B . n 
B 1 43 GLY 43 226 226 GLY GLY B . n 
B 1 44 ASP 44 227 227 ASP ASP B . n 
B 1 45 VAL 45 228 228 VAL VAL B . n 
B 1 46 VAL 46 229 229 VAL VAL B . n 
B 1 47 LEU 47 230 230 LEU LEU B . n 
B 1 48 LYS 48 231 231 LYS LYS B . n 
B 1 49 ILE 49 232 232 ILE ILE B . n 
B 1 50 ASN 50 233 233 ASN ASN B . n 
B 1 51 GLY 51 234 234 GLY GLY B . n 
B 1 52 THR 52 235 235 THR THR B . n 
B 1 53 VAL 53 236 236 VAL VAL B . n 
B 1 54 THR 54 237 237 THR THR B . n 
B 1 55 GLU 55 238 238 GLU GLU B . n 
B 1 56 ASN 56 239 239 ASN ASN B . n 
B 1 57 MET 57 240 240 MET MET B . n 
B 1 58 SER 58 241 241 SER SER B . n 
B 1 59 LEU 59 242 242 LEU LEU B . n 
B 1 60 THR 60 243 243 THR THR B . n 
B 1 61 ASP 61 244 244 ASP ASP B . n 
B 1 62 ALA 62 245 245 ALA ALA B . n 
B 1 63 LYS 63 246 246 LYS LYS B . n 
B 1 64 THR 64 247 247 THR THR B . n 
B 1 65 LEU 65 248 248 LEU LEU B . n 
B 1 66 ILE 66 249 249 ILE ILE B . n 
B 1 67 GLU 67 250 250 GLU GLU B . n 
B 1 68 ARG 68 251 251 ARG ARG B . n 
B 1 69 SER 69 252 252 SER SER B . n 
B 1 70 LYS 70 253 253 LYS LYS B . n 
B 1 71 GLY 71 254 254 GLY GLY B . n 
B 1 72 LYS 72 255 255 LYS LYS B . n 
B 1 73 LEU 73 256 256 LEU LEU B . n 
B 1 74 LYS 74 257 257 LYS LYS B . n 
B 1 75 MET 75 258 258 MET MET B . n 
B 1 76 VAL 76 259 259 VAL VAL B . n 
B 1 77 VAL 77 260 260 VAL VAL B . n 
B 1 78 GLN 78 261 261 GLN GLN B . n 
B 1 79 ARG 79 262 262 ARG ALA B . n 
B 1 80 ASP 80 263 263 ASP ALA B . n 
B 1 81 GLU 81 264 264 GLU GLU B . n 
# 
loop_
_pdbx_nonpoly_scheme.asym_id 
_pdbx_nonpoly_scheme.entity_id 
_pdbx_nonpoly_scheme.mon_id 
_pdbx_nonpoly_scheme.ndb_seq_num 
_pdbx_nonpoly_scheme.pdb_seq_num 
_pdbx_nonpoly_scheme.auth_seq_num 
_pdbx_nonpoly_scheme.pdb_mon_id 
_pdbx_nonpoly_scheme.auth_mon_id 
_pdbx_nonpoly_scheme.pdb_strand_id 
_pdbx_nonpoly_scheme.pdb_ins_code 
C 2 HOH 1  265 1   HOH HOH A . 
C 2 HOH 2  266 3   HOH HOH A . 
C 2 HOH 3  267 4   HOH HOH A . 
C 2 HOH 4  268 7   HOH HOH A . 
C 2 HOH 5  269 8   HOH HOH A . 
C 2 HOH 6  270 10  HOH HOH A . 
C 2 HOH 7  271 15  HOH HOH A . 
C 2 HOH 8  272 16  HOH HOH A . 
C 2 HOH 9  273 18  HOH HOH A . 
C 2 HOH 10 274 20  HOH HOH A . 
C 2 HOH 11 275 22  HOH HOH A . 
C 2 HOH 12 276 23  HOH HOH A . 
C 2 HOH 13 277 28  HOH HOH A . 
C 2 HOH 14 278 30  HOH HOH A . 
C 2 HOH 15 279 31  HOH HOH A . 
C 2 HOH 16 280 32  HOH HOH A . 
C 2 HOH 17 281 33  HOH HOH A . 
C 2 HOH 18 282 34  HOH HOH A . 
C 2 HOH 19 283 38  HOH HOH A . 
C 2 HOH 20 284 40  HOH HOH A . 
C 2 HOH 21 285 42  HOH HOH A . 
C 2 HOH 22 286 45  HOH HOH A . 
C 2 HOH 23 287 47  HOH HOH A . 
C 2 HOH 24 288 49  HOH HOH A . 
C 2 HOH 25 289 50  HOH HOH A . 
C 2 HOH 26 290 52  HOH HOH A . 
C 2 HOH 27 291 53  HOH HOH A . 
C 2 HOH 28 292 55  HOH HOH A . 
C 2 HOH 29 293 58  HOH HOH A . 
C 2 HOH 30 294 59  HOH HOH A . 
C 2 HOH 31 295 60  HOH HOH A . 
C 2 HOH 32 296 61  HOH HOH A . 
C 2 HOH 33 297 63  HOH HOH A . 
C 2 HOH 34 298 65  HOH HOH A . 
C 2 HOH 35 299 67  HOH HOH A . 
C 2 HOH 36 300 71  HOH HOH A . 
C 2 HOH 37 301 73  HOH HOH A . 
C 2 HOH 38 302 74  HOH HOH A . 
C 2 HOH 39 303 76  HOH HOH A . 
C 2 HOH 40 304 78  HOH HOH A . 
C 2 HOH 41 305 79  HOH HOH A . 
C 2 HOH 42 306 80  HOH HOH A . 
C 2 HOH 43 307 81  HOH HOH A . 
C 2 HOH 44 308 82  HOH HOH A . 
C 2 HOH 45 309 83  HOH HOH A . 
C 2 HOH 46 310 86  HOH HOH A . 
C 2 HOH 47 311 87  HOH HOH A . 
C 2 HOH 48 312 88  HOH HOH A . 
C 2 HOH 49 313 89  HOH HOH A . 
C 2 HOH 50 314 90  HOH HOH A . 
C 2 HOH 51 315 92  HOH HOH A . 
C 2 HOH 52 316 93  HOH HOH A . 
C 2 HOH 53 317 97  HOH HOH A . 
C 2 HOH 54 318 66  HOH HOH A . 
D 2 HOH 1  265 2   HOH HOH B . 
D 2 HOH 2  266 5   HOH HOH B . 
D 2 HOH 3  267 6   HOH HOH B . 
D 2 HOH 4  268 9   HOH HOH B . 
D 2 HOH 5  269 11  HOH HOH B . 
D 2 HOH 6  270 12  HOH HOH B . 
D 2 HOH 7  271 13  HOH HOH B . 
D 2 HOH 8  272 14  HOH HOH B . 
D 2 HOH 9  273 17  HOH HOH B . 
D 2 HOH 10 274 19  HOH HOH B . 
D 2 HOH 11 275 21  HOH HOH B . 
D 2 HOH 12 276 24  HOH HOH B . 
D 2 HOH 13 277 25  HOH HOH B . 
D 2 HOH 14 278 26  HOH HOH B . 
D 2 HOH 15 279 27  HOH HOH B . 
D 2 HOH 16 280 29  HOH HOH B . 
D 2 HOH 17 281 35  HOH HOH B . 
D 2 HOH 18 282 36  HOH HOH B . 
D 2 HOH 19 283 37  HOH HOH B . 
D 2 HOH 20 284 39  HOH HOH B . 
D 2 HOH 21 285 41  HOH HOH B . 
D 2 HOH 22 286 43  HOH HOH B . 
D 2 HOH 23 287 44  HOH HOH B . 
D 2 HOH 24 288 46  HOH HOH B . 
D 2 HOH 25 289 48  HOH HOH B . 
D 2 HOH 26 290 51  HOH HOH B . 
D 2 HOH 27 291 54  HOH HOH B . 
D 2 HOH 28 292 56  HOH HOH B . 
D 2 HOH 29 293 57  HOH HOH B . 
D 2 HOH 30 294 62  HOH HOH B . 
D 2 HOH 31 295 64  HOH HOH B . 
D 2 HOH 32 296 68  HOH HOH B . 
D 2 HOH 33 297 69  HOH HOH B . 
D 2 HOH 34 298 70  HOH HOH B . 
D 2 HOH 35 299 72  HOH HOH B . 
D 2 HOH 36 300 75  HOH HOH B . 
D 2 HOH 37 301 77  HOH HOH B . 
D 2 HOH 38 302 84  HOH HOH B . 
D 2 HOH 39 303 85  HOH HOH B . 
D 2 HOH 40 304 91  HOH HOH B . 
D 2 HOH 41 305 94  HOH HOH B . 
D 2 HOH 42 306 95  HOH HOH B . 
D 2 HOH 43 307 96  HOH HOH B . 
D 2 HOH 44 308 98  HOH HOH B . 
D 2 HOH 45 309 99  HOH HOH B . 
D 2 HOH 46 310 100 HOH HOH B . 
D 2 HOH 47 311 101 HOH HOH B . 
D 2 HOH 48 312 102 HOH HOH B . 
D 2 HOH 49 313 103 HOH HOH B . 
# 
loop_
_pdbx_unobs_or_zero_occ_atoms.id 
_pdbx_unobs_or_zero_occ_atoms.PDB_model_num 
_pdbx_unobs_or_zero_occ_atoms.polymer_flag 
_pdbx_unobs_or_zero_occ_atoms.occupancy_flag 
_pdbx_unobs_or_zero_occ_atoms.auth_asym_id 
_pdbx_unobs_or_zero_occ_atoms.auth_comp_id 
_pdbx_unobs_or_zero_occ_atoms.auth_seq_id 
_pdbx_unobs_or_zero_occ_atoms.PDB_ins_code 
_pdbx_unobs_or_zero_occ_atoms.auth_atom_id 
_pdbx_unobs_or_zero_occ_atoms.label_alt_id 
_pdbx_unobs_or_zero_occ_atoms.label_asym_id 
_pdbx_unobs_or_zero_occ_atoms.label_comp_id 
_pdbx_unobs_or_zero_occ_atoms.label_seq_id 
_pdbx_unobs_or_zero_occ_atoms.label_atom_id 
1  1 Y 1 A ARG 193 ? CG  ? A ARG 10 CG  
2  1 Y 1 A ARG 193 ? CD  ? A ARG 10 CD  
3  1 Y 1 A ARG 193 ? NE  ? A ARG 10 NE  
4  1 Y 1 A ARG 193 ? CZ  ? A ARG 10 CZ  
5  1 Y 1 A ARG 193 ? NH1 ? A ARG 10 NH1 
6  1 Y 1 A ARG 193 ? NH2 ? A ARG 10 NH2 
7  1 Y 1 A LYS 194 ? CG  ? A LYS 11 CG  
8  1 Y 1 A LYS 194 ? CD  ? A LYS 11 CD  
9  1 Y 1 A LYS 194 ? CE  ? A LYS 11 CE  
10 1 Y 1 A LYS 194 ? NZ  ? A LYS 11 NZ  
11 1 Y 1 A GLU 197 ? CG  ? A GLU 14 CG  
12 1 Y 1 A GLU 197 ? CD  ? A GLU 14 CD  
13 1 Y 1 A GLU 197 ? OE1 ? A GLU 14 OE1 
14 1 Y 1 A GLU 197 ? OE2 ? A GLU 14 OE2 
15 1 Y 1 A ARG 262 ? CG  ? A ARG 79 CG  
16 1 Y 1 A ARG 262 ? CD  ? A ARG 79 CD  
17 1 Y 1 A ARG 262 ? NE  ? A ARG 79 NE  
18 1 Y 1 A ARG 262 ? CZ  ? A ARG 79 CZ  
19 1 Y 1 A ARG 262 ? NH1 ? A ARG 79 NH1 
20 1 Y 1 A ARG 262 ? NH2 ? A ARG 79 NH2 
21 1 Y 1 B GLU 210 ? CG  ? B GLU 27 CG  
22 1 Y 1 B GLU 210 ? CD  ? B GLU 27 CD  
23 1 Y 1 B GLU 210 ? OE1 ? B GLU 27 OE1 
24 1 Y 1 B GLU 210 ? OE2 ? B GLU 27 OE2 
25 1 Y 1 B ASN 222 ? CG  ? B ASN 39 CG  
26 1 Y 1 B ASN 222 ? OD1 ? B ASN 39 OD1 
27 1 Y 1 B ASN 222 ? ND2 ? B ASN 39 ND2 
28 1 Y 1 B GLN 224 ? CG  ? B GLN 41 CG  
29 1 Y 1 B GLN 224 ? CD  ? B GLN 41 CD  
30 1 Y 1 B GLN 224 ? OE1 ? B GLN 41 OE1 
31 1 Y 1 B GLN 224 ? NE2 ? B GLN 41 NE2 
32 1 Y 1 B ARG 262 ? CG  ? B ARG 79 CG  
33 1 Y 1 B ARG 262 ? CD  ? B ARG 79 CD  
34 1 Y 1 B ARG 262 ? NE  ? B ARG 79 NE  
35 1 Y 1 B ARG 262 ? CZ  ? B ARG 79 CZ  
36 1 Y 1 B ARG 262 ? NH1 ? B ARG 79 NH1 
37 1 Y 1 B ARG 262 ? NH2 ? B ARG 79 NH2 
38 1 Y 1 B ASP 263 ? CG  ? B ASP 80 CG  
39 1 Y 1 B ASP 263 ? OD1 ? B ASP 80 OD1 
40 1 Y 1 B ASP 263 ? OD2 ? B ASP 80 OD2 
# 
loop_
_software.name 
_software.version 
_software.date 
_software.type 
_software.contact_author 
_software.contact_author_email 
_software.classification 
_software.location 
_software.language 
_software.citation_id 
_software.pdbx_ordinal 
XSCALE      .     ?              package 'Wolfgang Kabsch' ?                           'data scaling'    
http://www.mpimf-heidelberg.mpg.de/~kabsch/xds/xscale_program.html ?          ? 1 
PHASER      .     ?              other   'R. J. Read'      cimr-phaser@lists.cam.ac.uk phasing           
http://www-structmed.cimr.cam.ac.uk/phaser/                        ?          ? 2 
REFMAC      .     ?              program 'Murshudov, G.N.' ccp4@dl.ac.uk               refinement        
http://www.ccp4.ac.uk/main.html                                    Fortran_77 ? 3 
PDB_EXTRACT 3.000 'July 2, 2007' package PDB               sw-help@rcsb.rutgers.edu    'data extraction' 
http://pdb.rutgers.edu/software/                                   C++        ? 4 
# 
_cell.length_a           47.750 
_cell.length_b           33.610 
_cell.length_c           91.040 
_cell.angle_alpha        90.000 
_cell.angle_beta         103.640 
_cell.angle_gamma        90.000 
_cell.entry_id           2RCZ 
_cell.pdbx_unique_axis   ? 
_cell.Z_PDB              8 
_cell.length_a_esd       ? 
_cell.length_b_esd       ? 
_cell.length_c_esd       ? 
_cell.angle_alpha_esd    ? 
_cell.angle_beta_esd     ? 
_cell.angle_gamma_esd    ? 
# 
_symmetry.space_group_name_H-M             'C 1 2 1' 
_symmetry.entry_id                         2RCZ 
_symmetry.Int_Tables_number                5 
_symmetry.pdbx_full_space_group_name_H-M   ? 
_symmetry.cell_setting                     ? 
_symmetry.space_group_name_Hall            ? 
# 
_exptl.crystals_number   1 
_exptl.entry_id          2RCZ 
_exptl.method            'X-RAY DIFFRACTION' 
# 
_exptl_crystal.id                    1 
_exptl_crystal.density_Matthews      1.97 
_exptl_crystal.density_meas          ? 
_exptl_crystal.density_percent_sol   37.60 
_exptl_crystal.description           ? 
_exptl_crystal.F_000                 ? 
_exptl_crystal.preparation           ? 
# 
_exptl_crystal_grow.crystal_id      1 
_exptl_crystal_grow.method          'VAPOR DIFFUSION, SITTING DROP' 
_exptl_crystal_grow.pH              4.2 
_exptl_crystal_grow.temp            295 
_exptl_crystal_grow.pdbx_details    
'0.1 M Phosphate-citrate, pH 4.2 and 40 % v/v PEG 300, VAPOR DIFFUSION, SITTING DROP, temperature 295K' 
_exptl_crystal_grow.temp_details    ? 
_exptl_crystal_grow.pdbx_pH_range   . 
# 
_diffrn.id                     1 
_diffrn.ambient_temp           100 
_diffrn.ambient_temp_details   ? 
_diffrn.crystal_id             1 
# 
_diffrn_detector.diffrn_id              1 
_diffrn_detector.detector               CCD 
_diffrn_detector.type                   'MARMOSAIC 300 mm CCD' 
_diffrn_detector.pdbx_collection_date   2007-08-02 
_diffrn_detector.details                ? 
# 
_diffrn_radiation.diffrn_id                        1 
_diffrn_radiation.pdbx_diffrn_protocol             'SINGLE WAVELENGTH' 
_diffrn_radiation.monochromator                    ? 
_diffrn_radiation.wavelength_id                    1 
_diffrn_radiation.pdbx_monochromatic_or_laue_m_l   M 
_diffrn_radiation.pdbx_scattering_type             x-ray 
# 
_diffrn_radiation_wavelength.id           1 
_diffrn_radiation_wavelength.wavelength   1.0 
_diffrn_radiation_wavelength.wt           1.0 
# 
_diffrn_source.diffrn_id                   1 
_diffrn_source.source                      SYNCHROTRON 
_diffrn_source.type                        'APS BEAMLINE 22-ID' 
_diffrn_source.pdbx_wavelength_list        1.0 
_diffrn_source.pdbx_wavelength             ? 
_diffrn_source.pdbx_synchrotron_site       APS 
_diffrn_source.pdbx_synchrotron_beamline   22-ID 
# 
_reflns.entry_id                     2RCZ 
_reflns.d_resolution_high            1.700 
_reflns.number_obs                   15592 
_reflns.pdbx_Rmerge_I_obs            0.083 
_reflns.pdbx_netI_over_sigmaI        10.820 
_reflns.percent_possible_obs         99.200 
_reflns.B_iso_Wilson_estimate        32.327 
_reflns.observed_criterion_sigma_I   -3.00 
_reflns.observed_criterion_sigma_F   ? 
_reflns.d_resolution_low             18.8 
_reflns.number_all                   ? 
_reflns.pdbx_Rsym_value              ? 
_reflns.pdbx_redundancy              ? 
_reflns.R_free_details               ? 
_reflns.limit_h_max                  ? 
_reflns.limit_h_min                  ? 
_reflns.limit_k_max                  ? 
_reflns.limit_k_min                  ? 
_reflns.limit_l_max                  ? 
_reflns.limit_l_min                  ? 
_reflns.observed_criterion_F_max     ? 
_reflns.observed_criterion_F_min     ? 
_reflns.pdbx_chi_squared             ? 
_reflns.pdbx_scaling_rejects         ? 
_reflns.pdbx_ordinal                 1 
_reflns.pdbx_diffrn_id               1 
# 
loop_
_reflns_shell.d_res_high 
_reflns_shell.d_res_low 
_reflns_shell.number_measured_obs 
_reflns_shell.number_measured_all 
_reflns_shell.number_unique_obs 
_reflns_shell.Rmerge_I_obs 
_reflns_shell.meanI_over_sigI_obs 
_reflns_shell.pdbx_Rsym_value 
_reflns_shell.pdbx_chi_squared 
_reflns_shell.pdbx_redundancy 
_reflns_shell.percent_possible_obs 
_reflns_shell.number_unique_all 
_reflns_shell.percent_possible_all 
_reflns_shell.pdbx_ordinal 
_reflns_shell.pdbx_diffrn_id 
1.70  1.80  8937  ? 2440 0.558 4.0  ? ? ? ? ? 99.80 1  1 
1.80  1.90  7140  ? 1937 0.377 5.4  ? ? ? ? ? 99.60 2  1 
1.90  2.00  5910  ? 1606 0.188 7.4  ? ? ? ? ? 99.50 3  1 
2.00  2.50  17230 ? 4665 0.087 10.5 ? ? ? ? ? 99.70 4  1 
2.50  3.00  13261 ? 2096 0.098 15.5 ? ? ? ? ? 99.90 5  1 
3.00  4.00  10539 ? 1659 0.076 19.4 ? ? ? ? ? 99.90 6  1 
4.00  6.00  4705  ? 884  0.069 19.7 ? ? ? ? ? 99.30 7  1 
6.00  10.00 1178  ? 261  0.070 18.1 ? ? ? ? ? 89.10 8  1 
10.00 15.00 111   ? 33   0.094 16.0 ? ? ? ? ? 52.40 9  1 
15.00 ?     21    ? 11   0.076 13.6 ? ? ? ? ? 40.70 10 1 
# 
_refine.entry_id                                 2RCZ 
_refine.ls_d_res_high                            1.700 
_refine.ls_d_res_low                             18.800 
_refine.pdbx_ls_sigma_F                          0.00 
_refine.ls_percent_reflns_obs                    99.310 
_refine.ls_number_reflns_obs                     15583 
_refine.pdbx_ls_cross_valid_method               THROUGHOUT 
_refine.pdbx_R_Free_selection_details            RANDOM 
_refine.details                                  'HYDROGENS HAVE BEEN ADDED IN THE RIDING POSITIONS' 
_refine.ls_R_factor_obs                          0.209 
_refine.ls_R_factor_R_work                       0.204 
_refine.ls_R_factor_R_free                       0.258 
_refine.ls_percent_reflns_R_free                 10.000 
_refine.ls_number_reflns_R_free                  1551 
_refine.B_iso_mean                               26.103 
_refine.aniso_B[1][1]                            0.170 
_refine.aniso_B[2][2]                            -0.160 
_refine.aniso_B[3][3]                            -0.040 
_refine.aniso_B[1][2]                            0.000 
_refine.aniso_B[1][3]                            -0.050 
_refine.aniso_B[2][3]                            0.000 
_refine.correlation_coeff_Fo_to_Fc               0.951 
_refine.correlation_coeff_Fo_to_Fc_free          0.919 
_refine.pdbx_overall_ESU_R                       0.138 
_refine.pdbx_overall_ESU_R_Free                  0.139 
_refine.overall_SU_ML                            0.089 
_refine.overall_SU_B                             5.337 
_refine.solvent_model_details                    MASK 
_refine.pdbx_solvent_vdw_probe_radii             1.400 
_refine.pdbx_solvent_ion_probe_radii             0.800 
_refine.pdbx_solvent_shrinkage_radii             0.800 
_refine.pdbx_method_to_determine_struct          'MOLECULAR REPLACEMENT' 
_refine.pdbx_stereochemistry_target_values       'MAXIMUM LIKELIHOOD' 
_refine.pdbx_ls_sigma_I                          ? 
_refine.ls_number_reflns_all                     ? 
_refine.ls_R_factor_all                          ? 
_refine.ls_redundancy_reflns_obs                 ? 
_refine.pdbx_data_cutoff_high_absF               ? 
_refine.pdbx_data_cutoff_low_absF                ? 
_refine.ls_number_parameters                     ? 
_refine.ls_number_restraints                     ? 
_refine.ls_R_factor_R_free_error                 ? 
_refine.ls_R_factor_R_free_error_details         ? 
_refine.pdbx_starting_model                      ? 
_refine.pdbx_stereochem_target_val_spec_case     ? 
_refine.solvent_model_param_bsol                 ? 
_refine.solvent_model_param_ksol                 ? 
_refine.occupancy_max                            ? 
_refine.occupancy_min                            ? 
_refine.pdbx_isotropic_thermal_model             ? 
_refine.B_iso_min                                ? 
_refine.B_iso_max                                ? 
_refine.overall_SU_R_Cruickshank_DPI             ? 
_refine.overall_SU_R_free                        ? 
_refine.pdbx_data_cutoff_high_rms_absF           ? 
_refine.ls_wR_factor_R_free                      ? 
_refine.ls_wR_factor_R_work                      ? 
_refine.overall_FOM_free_R_set                   ? 
_refine.overall_FOM_work_R_set                   ? 
_refine.pdbx_refine_id                           'X-RAY DIFFRACTION' 
_refine.pdbx_TLS_residual_ADP_flag               'LIKELY RESIDUAL' 
_refine.pdbx_diffrn_id                           1 
_refine.pdbx_overall_phase_error                 ? 
_refine.pdbx_overall_SU_R_free_Cruickshank_DPI   ? 
_refine.pdbx_overall_SU_R_Blow_DPI               ? 
_refine.pdbx_overall_SU_R_free_Blow_DPI          ? 
# 
_refine_hist.pdbx_refine_id                   'X-RAY DIFFRACTION' 
_refine_hist.cycle_id                         LAST 
_refine_hist.pdbx_number_atoms_protein        1199 
_refine_hist.pdbx_number_atoms_nucleic_acid   0 
_refine_hist.pdbx_number_atoms_ligand         0 
_refine_hist.number_atoms_solvent             103 
_refine_hist.number_atoms_total               1302 
_refine_hist.d_res_high                       1.700 
_refine_hist.d_res_low                        18.800 
# 
loop_
_refine_ls_restr.type 
_refine_ls_restr.number 
_refine_ls_restr.dev_ideal 
_refine_ls_restr.dev_ideal_target 
_refine_ls_restr.weight 
_refine_ls_restr.pdbx_refine_id 
_refine_ls_restr.pdbx_restraint_function 
r_bond_refined_d         1203 0.013  0.022  ? 'X-RAY DIFFRACTION' ? 
r_angle_refined_deg      1611 1.492  1.981  ? 'X-RAY DIFFRACTION' ? 
r_dihedral_angle_1_deg   158  5.760  5.000  ? 'X-RAY DIFFRACTION' ? 
r_dihedral_angle_2_deg   44   33.976 25.455 ? 'X-RAY DIFFRACTION' ? 
r_dihedral_angle_3_deg   246  15.225 15.000 ? 'X-RAY DIFFRACTION' ? 
r_dihedral_angle_4_deg   7    20.681 15.000 ? 'X-RAY DIFFRACTION' ? 
r_chiral_restr           200  0.104  0.200  ? 'X-RAY DIFFRACTION' ? 
r_gen_planes_refined     833  0.006  0.020  ? 'X-RAY DIFFRACTION' ? 
r_nbd_refined            452  0.204  0.200  ? 'X-RAY DIFFRACTION' ? 
r_nbtor_refined          816  0.311  0.200  ? 'X-RAY DIFFRACTION' ? 
r_xyhbond_nbd_refined    81   0.148  0.200  ? 'X-RAY DIFFRACTION' ? 
r_symmetry_vdw_refined   38   0.342  0.200  ? 'X-RAY DIFFRACTION' ? 
r_symmetry_hbond_refined 10   0.150  0.200  ? 'X-RAY DIFFRACTION' ? 
r_mcbond_it              809  1.205  1.500  ? 'X-RAY DIFFRACTION' ? 
r_mcangle_it             1257 1.801  2.000  ? 'X-RAY DIFFRACTION' ? 
r_scbond_it              425  2.850  3.000  ? 'X-RAY DIFFRACTION' ? 
r_scangle_it             354  4.743  4.500  ? 'X-RAY DIFFRACTION' ? 
# 
_refine_ls_shell.d_res_high                       1.700 
_refine_ls_shell.d_res_low                        1.744 
_refine_ls_shell.pdbx_total_number_of_bins_used   20 
_refine_ls_shell.percent_reflns_obs               99.820 
_refine_ls_shell.number_reflns_R_work             1019 
_refine_ls_shell.R_factor_all                     ? 
_refine_ls_shell.R_factor_R_work                  0.215 
_refine_ls_shell.R_factor_R_free                  0.266 
_refine_ls_shell.percent_reflns_R_free            ? 
_refine_ls_shell.number_reflns_R_free             116 
_refine_ls_shell.R_factor_R_free_error            ? 
_refine_ls_shell.number_reflns_all                1135 
_refine_ls_shell.number_reflns_obs                ? 
_refine_ls_shell.redundancy_reflns_obs            ? 
_refine_ls_shell.pdbx_refine_id                   'X-RAY DIFFRACTION' 
# 
_struct.entry_id                  2RCZ 
_struct.title                     'Structure of the second PDZ domain of ZO-1' 
_struct.pdbx_model_details        ? 
_struct.pdbx_CASP_flag            ? 
_struct.pdbx_model_type_details   ? 
# 
_struct_keywords.entry_id        2RCZ 
_struct_keywords.text            
'PDZ, domain-swapping, Cell junction, Membrane, Phosphorylation, SH3 domain, Tight junction, PROTEIN BINDING' 
_struct_keywords.pdbx_keywords   'PROTEIN BINDING' 
# 
loop_
_struct_asym.id 
_struct_asym.pdbx_blank_PDB_chainid_flag 
_struct_asym.pdbx_modified 
_struct_asym.entity_id 
_struct_asym.details 
A N N 1 ? 
B N N 1 ? 
C N N 2 ? 
D N N 2 ? 
# 
_struct_ref.id                         1 
_struct_ref.db_name                    UNP 
_struct_ref.db_code                    ZO1_HUMAN 
_struct_ref.pdbx_db_accession          Q07157 
_struct_ref.entity_id                  1 
_struct_ref.pdbx_seq_one_letter_code   KVTLVKSRKNEEYGLRLASHIFVKEISQDSLAARDGNIQEGDVVLKINGTVTENMSLTDAKTLIERSKGKLKMVVQRDE 
_struct_ref.pdbx_align_begin           186 
_struct_ref.pdbx_db_isoform            ? 
# 
loop_
_struct_ref_seq.align_id 
_struct_ref_seq.ref_id 
_struct_ref_seq.pdbx_PDB_id_code 
_struct_ref_seq.pdbx_strand_id 
_struct_ref_seq.seq_align_beg 
_struct_ref_seq.pdbx_seq_align_beg_ins_code 
_struct_ref_seq.seq_align_end 
_struct_ref_seq.pdbx_seq_align_end_ins_code 
_struct_ref_seq.pdbx_db_accession 
_struct_ref_seq.db_align_beg 
_struct_ref_seq.pdbx_db_align_beg_ins_code 
_struct_ref_seq.db_align_end 
_struct_ref_seq.pdbx_db_align_end_ins_code 
_struct_ref_seq.pdbx_auth_seq_align_beg 
_struct_ref_seq.pdbx_auth_seq_align_end 
1 1 2RCZ A 3 ? 81 ? Q07157 186 ? 264 ? 186 264 
2 1 2RCZ B 3 ? 81 ? Q07157 186 ? 264 ? 186 264 
# 
loop_
_struct_ref_seq_dif.align_id 
_struct_ref_seq_dif.pdbx_pdb_id_code 
_struct_ref_seq_dif.mon_id 
_struct_ref_seq_dif.pdbx_pdb_strand_id 
_struct_ref_seq_dif.seq_num 
_struct_ref_seq_dif.pdbx_pdb_ins_code 
_struct_ref_seq_dif.pdbx_seq_db_name 
_struct_ref_seq_dif.pdbx_seq_db_accession_code 
_struct_ref_seq_dif.db_mon_id 
_struct_ref_seq_dif.pdbx_seq_db_seq_num 
_struct_ref_seq_dif.details 
_struct_ref_seq_dif.pdbx_auth_seq_num 
_struct_ref_seq_dif.pdbx_ordinal 
1 2RCZ GLY A 1 ? UNP Q07157 ? ? 'expression tag' 184 1 
1 2RCZ SER A 2 ? UNP Q07157 ? ? 'expression tag' 185 2 
2 2RCZ GLY B 1 ? UNP Q07157 ? ? 'expression tag' 184 3 
2 2RCZ SER B 2 ? UNP Q07157 ? ? 'expression tag' 185 4 
# 
_pdbx_struct_assembly.id                   1 
_pdbx_struct_assembly.details              author_and_software_defined_assembly 
_pdbx_struct_assembly.method_details       PISA 
_pdbx_struct_assembly.oligomeric_details   dimeric 
_pdbx_struct_assembly.oligomeric_count     2 
# 
_pdbx_struct_assembly_prop.biol_id   1 
_pdbx_struct_assembly_prop.type      'ABSA (A^2)' 
_pdbx_struct_assembly_prop.value     4650 
_pdbx_struct_assembly_prop.details   ? 
# 
_pdbx_struct_assembly_gen.assembly_id       1 
_pdbx_struct_assembly_gen.oper_expression   1 
_pdbx_struct_assembly_gen.asym_id_list      A,B,C,D 
# 
_pdbx_struct_oper_list.id                   1 
_pdbx_struct_oper_list.type                 'identity operation' 
_pdbx_struct_oper_list.name                 1_555 
_pdbx_struct_oper_list.symmetry_operation   x,y,z 
_pdbx_struct_oper_list.matrix[1][1]         1.0000000000 
_pdbx_struct_oper_list.matrix[1][2]         0.0000000000 
_pdbx_struct_oper_list.matrix[1][3]         0.0000000000 
_pdbx_struct_oper_list.vector[1]            0.0000000000 
_pdbx_struct_oper_list.matrix[2][1]         0.0000000000 
_pdbx_struct_oper_list.matrix[2][2]         1.0000000000 
_pdbx_struct_oper_list.matrix[2][3]         0.0000000000 
_pdbx_struct_oper_list.vector[2]            0.0000000000 
_pdbx_struct_oper_list.matrix[3][1]         0.0000000000 
_pdbx_struct_oper_list.matrix[3][2]         0.0000000000 
_pdbx_struct_oper_list.matrix[3][3]         1.0000000000 
_pdbx_struct_oper_list.vector[3]            0.0000000000 
# 
_struct_biol.id        1 
_struct_biol.details   ? 
# 
loop_
_struct_conf.conf_type_id 
_struct_conf.id 
_struct_conf.pdbx_PDB_helix_id 
_struct_conf.beg_label_comp_id 
_struct_conf.beg_label_asym_id 
_struct_conf.beg_label_seq_id 
_struct_conf.pdbx_beg_PDB_ins_code 
_struct_conf.end_label_comp_id 
_struct_conf.end_label_asym_id 
_struct_conf.end_label_seq_id 
_struct_conf.pdbx_end_PDB_ins_code 
_struct_conf.beg_auth_comp_id 
_struct_conf.beg_auth_asym_id 
_struct_conf.beg_auth_seq_id 
_struct_conf.end_auth_comp_id 
_struct_conf.end_auth_asym_id 
_struct_conf.end_auth_seq_id 
_struct_conf.pdbx_PDB_helix_class 
_struct_conf.details 
_struct_conf.pdbx_PDB_helix_length 
HELX_P HELX_P1 1 SER A 32 ? GLY A 38 ? SER A 215 GLY A 221 1 ? 7  
HELX_P HELX_P2 2 SER A 58 ? ARG A 68 ? SER A 241 ARG A 251 1 ? 11 
HELX_P HELX_P3 3 SER B 32 ? GLY B 38 ? SER B 215 GLY B 221 1 ? 7  
HELX_P HELX_P4 4 SER B 58 ? ARG B 68 ? SER B 241 ARG B 251 1 ? 11 
# 
_struct_conf_type.id          HELX_P 
_struct_conf_type.criteria    ? 
_struct_conf_type.reference   ? 
# 
loop_
_struct_sheet.id 
_struct_sheet.type 
_struct_sheet.number_strands 
_struct_sheet.details 
A ? 8 ? 
B ? 6 ? 
# 
loop_
_struct_sheet_order.sheet_id 
_struct_sheet_order.range_id_1 
_struct_sheet_order.range_id_2 
_struct_sheet_order.offset 
_struct_sheet_order.sense 
A 1 2 ? anti-parallel 
A 2 3 ? anti-parallel 
A 3 4 ? anti-parallel 
A 4 5 ? anti-parallel 
A 5 6 ? anti-parallel 
A 6 7 ? anti-parallel 
A 7 8 ? anti-parallel 
B 1 2 ? anti-parallel 
B 2 3 ? anti-parallel 
B 3 4 ? anti-parallel 
B 4 5 ? anti-parallel 
B 5 6 ? anti-parallel 
# 
loop_
_struct_sheet_range.sheet_id 
_struct_sheet_range.id 
_struct_sheet_range.beg_label_comp_id 
_struct_sheet_range.beg_label_asym_id 
_struct_sheet_range.beg_label_seq_id 
_struct_sheet_range.pdbx_beg_PDB_ins_code 
_struct_sheet_range.end_label_comp_id 
_struct_sheet_range.end_label_asym_id 
_struct_sheet_range.end_label_seq_id 
_struct_sheet_range.pdbx_end_PDB_ins_code 
_struct_sheet_range.beg_auth_comp_id 
_struct_sheet_range.beg_auth_asym_id 
_struct_sheet_range.beg_auth_seq_id 
_struct_sheet_range.end_auth_comp_id 
_struct_sheet_range.end_auth_asym_id 
_struct_sheet_range.end_auth_seq_id 
A 1 SER A 2  ? VAL A 7  ? SER A 185 VAL A 190 
A 2 LYS B 72 ? VAL B 77 ? LYS B 255 VAL B 260 
A 3 VAL B 45 ? ILE B 49 ? VAL B 228 ILE B 232 
A 4 LEU B 17 ? ILE B 28 ? LEU B 200 ILE B 211 
A 5 LEU A 17 ? ILE A 28 ? LEU A 200 ILE A 211 
A 6 VAL A 45 ? ILE A 49 ? VAL A 228 ILE A 232 
A 7 LYS A 72 ? GLN A 78 ? LYS A 255 GLN A 261 
A 8 LYS B 3  ? VAL B 7  ? LYS B 186 VAL B 190 
B 1 THR A 52 ? VAL A 53 ? THR A 235 VAL A 236 
B 2 VAL A 45 ? ILE A 49 ? VAL A 228 ILE A 232 
B 3 LEU A 17 ? ILE A 28 ? LEU A 200 ILE A 211 
B 4 LEU B 17 ? ILE B 28 ? LEU B 200 ILE B 211 
B 5 VAL B 45 ? ILE B 49 ? VAL B 228 ILE B 232 
B 6 THR B 52 ? VAL B 53 ? THR B 235 VAL B 236 
# 
loop_
_pdbx_struct_sheet_hbond.sheet_id 
_pdbx_struct_sheet_hbond.range_id_1 
_pdbx_struct_sheet_hbond.range_id_2 
_pdbx_struct_sheet_hbond.range_1_label_atom_id 
_pdbx_struct_sheet_hbond.range_1_label_comp_id 
_pdbx_struct_sheet_hbond.range_1_label_asym_id 
_pdbx_struct_sheet_hbond.range_1_label_seq_id 
_pdbx_struct_sheet_hbond.range_1_PDB_ins_code 
_pdbx_struct_sheet_hbond.range_1_auth_atom_id 
_pdbx_struct_sheet_hbond.range_1_auth_comp_id 
_pdbx_struct_sheet_hbond.range_1_auth_asym_id 
_pdbx_struct_sheet_hbond.range_1_auth_seq_id 
_pdbx_struct_sheet_hbond.range_2_label_atom_id 
_pdbx_struct_sheet_hbond.range_2_label_comp_id 
_pdbx_struct_sheet_hbond.range_2_label_asym_id 
_pdbx_struct_sheet_hbond.range_2_label_seq_id 
_pdbx_struct_sheet_hbond.range_2_PDB_ins_code 
_pdbx_struct_sheet_hbond.range_2_auth_atom_id 
_pdbx_struct_sheet_hbond.range_2_auth_comp_id 
_pdbx_struct_sheet_hbond.range_2_auth_asym_id 
_pdbx_struct_sheet_hbond.range_2_auth_seq_id 
A 1 2 N VAL A 4  ? N VAL A 187 O MET B 75 ? O MET B 258 
A 2 3 O VAL B 76 ? O VAL B 259 N LEU B 47 ? N LEU B 230 
A 3 4 O VAL B 46 ? O VAL B 229 N ILE B 23 ? N ILE B 206 
A 4 5 O PHE B 24 ? O PHE B 207 N ALA A 20 ? N ALA A 203 
A 5 6 N ILE A 23 ? N ILE A 206 O VAL A 46 ? O VAL A 229 
A 6 7 N LEU A 47 ? N LEU A 230 O VAL A 76 ? O VAL A 259 
A 7 8 N MET A 75 ? N MET A 258 O VAL B 4  ? O VAL B 187 
B 1 2 O THR A 52 ? O THR A 235 N ILE A 49 ? N ILE A 232 
B 2 3 O VAL A 46 ? O VAL A 229 N ILE A 23 ? N ILE A 206 
B 3 4 N ALA A 20 ? N ALA A 203 O PHE B 24 ? O PHE B 207 
B 4 5 N ILE B 23 ? N ILE B 206 O VAL B 46 ? O VAL B 229 
B 5 6 N ILE B 49 ? N ILE B 232 O THR B 52 ? O THR B 235 
# 
_pdbx_validate_close_contact.id               1 
_pdbx_validate_close_contact.PDB_model_num    1 
_pdbx_validate_close_contact.auth_atom_id_1   O 
_pdbx_validate_close_contact.auth_asym_id_1   B 
_pdbx_validate_close_contact.auth_comp_id_1   HOH 
_pdbx_validate_close_contact.auth_seq_id_1    274 
_pdbx_validate_close_contact.PDB_ins_code_1   ? 
_pdbx_validate_close_contact.label_alt_id_1   ? 
_pdbx_validate_close_contact.auth_atom_id_2   O 
_pdbx_validate_close_contact.auth_asym_id_2   B 
_pdbx_validate_close_contact.auth_comp_id_2   HOH 
_pdbx_validate_close_contact.auth_seq_id_2    294 
_pdbx_validate_close_contact.PDB_ins_code_2   ? 
_pdbx_validate_close_contact.label_alt_id_2   ? 
_pdbx_validate_close_contact.dist             1.96 
# 
_pdbx_validate_symm_contact.id                1 
_pdbx_validate_symm_contact.PDB_model_num     1 
_pdbx_validate_symm_contact.auth_atom_id_1    OE1 
_pdbx_validate_symm_contact.auth_asym_id_1    A 
_pdbx_validate_symm_contact.auth_comp_id_1    GLN 
_pdbx_validate_symm_contact.auth_seq_id_1     213 
_pdbx_validate_symm_contact.PDB_ins_code_1    ? 
_pdbx_validate_symm_contact.label_alt_id_1    ? 
_pdbx_validate_symm_contact.site_symmetry_1   1_555 
_pdbx_validate_symm_contact.auth_atom_id_2    OE1 
_pdbx_validate_symm_contact.auth_asym_id_2    A 
_pdbx_validate_symm_contact.auth_comp_id_2    GLN 
_pdbx_validate_symm_contact.auth_seq_id_2     261 
_pdbx_validate_symm_contact.PDB_ins_code_2    ? 
_pdbx_validate_symm_contact.label_alt_id_2    ? 
_pdbx_validate_symm_contact.site_symmetry_2   3_545 
_pdbx_validate_symm_contact.dist              2.06 
# 
loop_
_pdbx_validate_torsion.id 
_pdbx_validate_torsion.PDB_model_num 
_pdbx_validate_torsion.auth_comp_id 
_pdbx_validate_torsion.auth_asym_id 
_pdbx_validate_torsion.auth_seq_id 
_pdbx_validate_torsion.PDB_ins_code 
_pdbx_validate_torsion.label_alt_id 
_pdbx_validate_torsion.phi 
_pdbx_validate_torsion.psi 
1 1 ASN A 239 ? ? 65.45 -0.42 
2 1 ASN B 195 ? ? 59.28 16.98 
# 
loop_
_pdbx_refine_tls.id 
_pdbx_refine_tls.details 
_pdbx_refine_tls.method 
_pdbx_refine_tls.origin_x 
_pdbx_refine_tls.origin_y 
_pdbx_refine_tls.origin_z 
_pdbx_refine_tls.T[1][1] 
_pdbx_refine_tls.T[2][2] 
_pdbx_refine_tls.T[3][3] 
_pdbx_refine_tls.T[1][2] 
_pdbx_refine_tls.T[1][3] 
_pdbx_refine_tls.T[2][3] 
_pdbx_refine_tls.L[1][1] 
_pdbx_refine_tls.L[2][2] 
_pdbx_refine_tls.L[3][3] 
_pdbx_refine_tls.L[1][2] 
_pdbx_refine_tls.L[1][3] 
_pdbx_refine_tls.L[2][3] 
_pdbx_refine_tls.S[1][1] 
_pdbx_refine_tls.S[2][2] 
_pdbx_refine_tls.S[3][3] 
_pdbx_refine_tls.S[1][2] 
_pdbx_refine_tls.S[1][3] 
_pdbx_refine_tls.S[2][3] 
_pdbx_refine_tls.S[2][1] 
_pdbx_refine_tls.S[3][1] 
_pdbx_refine_tls.S[3][2] 
_pdbx_refine_tls.pdbx_refine_id 
1 ? refined 4.1484  7.6331  12.6599  -0.0106 0.0470  -0.0509 -0.0038 0.0308 0.0050  1.7822 2.8896 8.8369 1.6176 2.2679 3.6378 0.1758  -0.1726 -0.0031 -0.3065 0.1017  -0.0608 0.1626  0.1851 -0.0632 'X-RAY DIFFRACTION' 
2 ? refined -4.3769 -7.7260 -9.3832  0.0720  -0.0257 -0.0576 -0.0163 0.0765 0.0017  2.4928 3.9781 2.2967 1.1409 1.0840 1.6231 -0.0955 0.0819  0.0136  0.2017  -0.1758 -0.0139 0.0858  0.0277 0.0056  'X-RAY DIFFRACTION' 
3 ? refined -3.5428 -7.5582 -11.5321 0.0910  0.0076  -0.0470 -0.0258 0.0525 -0.0013 1.6258 2.9887 3.1867 1.3838 1.0377 2.6309 -0.0725 0.0793  -0.0067 0.1604  -0.2881 -0.1314 -0.1673 0.0360 -0.0498 'X-RAY DIFFRACTION' 
4 ? refined 5.1171  7.3507  9.1068   -0.0194 0.0138  -0.0681 -0.0141 0.0450 0.0449  2.3000 2.0024 4.1705 0.5140 0.7760 0.9643 0.0847  0.0103  -0.0950 -0.0591 0.1496  -0.0515 -0.0561 0.0525 0.0127  'X-RAY DIFFRACTION' 
# 
loop_
_pdbx_refine_tls_group.id 
_pdbx_refine_tls_group.refine_tls_id 
_pdbx_refine_tls_group.beg_label_asym_id 
_pdbx_refine_tls_group.beg_label_seq_id 
_pdbx_refine_tls_group.end_label_asym_id 
_pdbx_refine_tls_group.end_label_seq_id 
_pdbx_refine_tls_group.selection 
_pdbx_refine_tls_group.beg_auth_asym_id 
_pdbx_refine_tls_group.beg_auth_seq_id 
_pdbx_refine_tls_group.end_auth_asym_id 
_pdbx_refine_tls_group.end_auth_seq_id 
_pdbx_refine_tls_group.pdbx_refine_id 
_pdbx_refine_tls_group.selection_details 
1 1 A 1  A 26 ? A 184 A 209 'X-RAY DIFFRACTION' ? 
2 2 A 27 A 79 ? A 210 A 262 'X-RAY DIFFRACTION' ? 
3 3 B 1  B 26 ? B 184 B 209 'X-RAY DIFFRACTION' ? 
4 4 B 27 B 81 ? B 210 B 264 'X-RAY DIFFRACTION' ? 
# 
_pdbx_phasing_MR.entry_id                     2RCZ 
_pdbx_phasing_MR.method_rotation              ? 
_pdbx_phasing_MR.method_translation           ? 
_pdbx_phasing_MR.model_details                'Phaser MODE: MR_AUTO' 
_pdbx_phasing_MR.R_factor                     ? 
_pdbx_phasing_MR.R_rigid_body                 ? 
_pdbx_phasing_MR.correlation_coeff_Fo_to_Fc   ? 
_pdbx_phasing_MR.correlation_coeff_Io_to_Ic   ? 
_pdbx_phasing_MR.d_res_high_rotation          2.500 
_pdbx_phasing_MR.d_res_low_rotation           29.400 
_pdbx_phasing_MR.d_res_high_translation       2.500 
_pdbx_phasing_MR.d_res_low_translation        29.400 
_pdbx_phasing_MR.packing                      ? 
_pdbx_phasing_MR.reflns_percent_rotation      ? 
_pdbx_phasing_MR.reflns_percent_translation   ? 
_pdbx_phasing_MR.sigma_F_rotation             ? 
_pdbx_phasing_MR.sigma_F_translation          ? 
_pdbx_phasing_MR.sigma_I_rotation             ? 
_pdbx_phasing_MR.sigma_I_translation          ? 
# 
_phasing.method   MR 
# 
loop_
_pdbx_unobs_or_zero_occ_residues.id 
_pdbx_unobs_or_zero_occ_residues.PDB_model_num 
_pdbx_unobs_or_zero_occ_residues.polymer_flag 
_pdbx_unobs_or_zero_occ_residues.occupancy_flag 
_pdbx_unobs_or_zero_occ_residues.auth_asym_id 
_pdbx_unobs_or_zero_occ_residues.auth_comp_id 
_pdbx_unobs_or_zero_occ_residues.auth_seq_id 
_pdbx_unobs_or_zero_occ_residues.PDB_ins_code 
_pdbx_unobs_or_zero_occ_residues.label_asym_id 
_pdbx_unobs_or_zero_occ_residues.label_comp_id 
_pdbx_unobs_or_zero_occ_residues.label_seq_id 
1 1 Y 1 A ASP 263 ? A ASP 80 
2 1 Y 1 A GLU 264 ? A GLU 81 
# 
loop_
_chem_comp_atom.comp_id 
_chem_comp_atom.atom_id 
_chem_comp_atom.type_symbol 
_chem_comp_atom.pdbx_aromatic_flag 
_chem_comp_atom.pdbx_stereo_config 
_chem_comp_atom.pdbx_ordinal 
ALA N    N N N 1   
ALA CA   C N S 2   
ALA C    C N N 3   
ALA O    O N N 4   
ALA CB   C N N 5   
ALA OXT  O N N 6   
ALA H    H N N 7   
ALA H2   H N N 8   
ALA HA   H N N 9   
ALA HB1  H N N 10  
ALA HB2  H N N 11  
ALA HB3  H N N 12  
ALA HXT  H N N 13  
ARG N    N N N 14  
ARG CA   C N S 15  
ARG C    C N N 16  
ARG O    O N N 17  
ARG CB   C N N 18  
ARG CG   C N N 19  
ARG CD   C N N 20  
ARG NE   N N N 21  
ARG CZ   C N N 22  
ARG NH1  N N N 23  
ARG NH2  N N N 24  
ARG OXT  O N N 25  
ARG H    H N N 26  
ARG H2   H N N 27  
ARG HA   H N N 28  
ARG HB2  H N N 29  
ARG HB3  H N N 30  
ARG HG2  H N N 31  
ARG HG3  H N N 32  
ARG HD2  H N N 33  
ARG HD3  H N N 34  
ARG HE   H N N 35  
ARG HH11 H N N 36  
ARG HH12 H N N 37  
ARG HH21 H N N 38  
ARG HH22 H N N 39  
ARG HXT  H N N 40  
ASN N    N N N 41  
ASN CA   C N S 42  
ASN C    C N N 43  
ASN O    O N N 44  
ASN CB   C N N 45  
ASN CG   C N N 46  
ASN OD1  O N N 47  
ASN ND2  N N N 48  
ASN OXT  O N N 49  
ASN H    H N N 50  
ASN H2   H N N 51  
ASN HA   H N N 52  
ASN HB2  H N N 53  
ASN HB3  H N N 54  
ASN HD21 H N N 55  
ASN HD22 H N N 56  
ASN HXT  H N N 57  
ASP N    N N N 58  
ASP CA   C N S 59  
ASP C    C N N 60  
ASP O    O N N 61  
ASP CB   C N N 62  
ASP CG   C N N 63  
ASP OD1  O N N 64  
ASP OD2  O N N 65  
ASP OXT  O N N 66  
ASP H    H N N 67  
ASP H2   H N N 68  
ASP HA   H N N 69  
ASP HB2  H N N 70  
ASP HB3  H N N 71  
ASP HD2  H N N 72  
ASP HXT  H N N 73  
GLN N    N N N 74  
GLN CA   C N S 75  
GLN C    C N N 76  
GLN O    O N N 77  
GLN CB   C N N 78  
GLN CG   C N N 79  
GLN CD   C N N 80  
GLN OE1  O N N 81  
GLN NE2  N N N 82  
GLN OXT  O N N 83  
GLN H    H N N 84  
GLN H2   H N N 85  
GLN HA   H N N 86  
GLN HB2  H N N 87  
GLN HB3  H N N 88  
GLN HG2  H N N 89  
GLN HG3  H N N 90  
GLN HE21 H N N 91  
GLN HE22 H N N 92  
GLN HXT  H N N 93  
GLU N    N N N 94  
GLU CA   C N S 95  
GLU C    C N N 96  
GLU O    O N N 97  
GLU CB   C N N 98  
GLU CG   C N N 99  
GLU CD   C N N 100 
GLU OE1  O N N 101 
GLU OE2  O N N 102 
GLU OXT  O N N 103 
GLU H    H N N 104 
GLU H2   H N N 105 
GLU HA   H N N 106 
GLU HB2  H N N 107 
GLU HB3  H N N 108 
GLU HG2  H N N 109 
GLU HG3  H N N 110 
GLU HE2  H N N 111 
GLU HXT  H N N 112 
GLY N    N N N 113 
GLY CA   C N N 114 
GLY C    C N N 115 
GLY O    O N N 116 
GLY OXT  O N N 117 
GLY H    H N N 118 
GLY H2   H N N 119 
GLY HA2  H N N 120 
GLY HA3  H N N 121 
GLY HXT  H N N 122 
HIS N    N N N 123 
HIS CA   C N S 124 
HIS C    C N N 125 
HIS O    O N N 126 
HIS CB   C N N 127 
HIS CG   C Y N 128 
HIS ND1  N Y N 129 
HIS CD2  C Y N 130 
HIS CE1  C Y N 131 
HIS NE2  N Y N 132 
HIS OXT  O N N 133 
HIS H    H N N 134 
HIS H2   H N N 135 
HIS HA   H N N 136 
HIS HB2  H N N 137 
HIS HB3  H N N 138 
HIS HD1  H N N 139 
HIS HD2  H N N 140 
HIS HE1  H N N 141 
HIS HE2  H N N 142 
HIS HXT  H N N 143 
HOH O    O N N 144 
HOH H1   H N N 145 
HOH H2   H N N 146 
ILE N    N N N 147 
ILE CA   C N S 148 
ILE C    C N N 149 
ILE O    O N N 150 
ILE CB   C N S 151 
ILE CG1  C N N 152 
ILE CG2  C N N 153 
ILE CD1  C N N 154 
ILE OXT  O N N 155 
ILE H    H N N 156 
ILE H2   H N N 157 
ILE HA   H N N 158 
ILE HB   H N N 159 
ILE HG12 H N N 160 
ILE HG13 H N N 161 
ILE HG21 H N N 162 
ILE HG22 H N N 163 
ILE HG23 H N N 164 
ILE HD11 H N N 165 
ILE HD12 H N N 166 
ILE HD13 H N N 167 
ILE HXT  H N N 168 
LEU N    N N N 169 
LEU CA   C N S 170 
LEU C    C N N 171 
LEU O    O N N 172 
LEU CB   C N N 173 
LEU CG   C N N 174 
LEU CD1  C N N 175 
LEU CD2  C N N 176 
LEU OXT  O N N 177 
LEU H    H N N 178 
LEU H2   H N N 179 
LEU HA   H N N 180 
LEU HB2  H N N 181 
LEU HB3  H N N 182 
LEU HG   H N N 183 
LEU HD11 H N N 184 
LEU HD12 H N N 185 
LEU HD13 H N N 186 
LEU HD21 H N N 187 
LEU HD22 H N N 188 
LEU HD23 H N N 189 
LEU HXT  H N N 190 
LYS N    N N N 191 
LYS CA   C N S 192 
LYS C    C N N 193 
LYS O    O N N 194 
LYS CB   C N N 195 
LYS CG   C N N 196 
LYS CD   C N N 197 
LYS CE   C N N 198 
LYS NZ   N N N 199 
LYS OXT  O N N 200 
LYS H    H N N 201 
LYS H2   H N N 202 
LYS HA   H N N 203 
LYS HB2  H N N 204 
LYS HB3  H N N 205 
LYS HG2  H N N 206 
LYS HG3  H N N 207 
LYS HD2  H N N 208 
LYS HD3  H N N 209 
LYS HE2  H N N 210 
LYS HE3  H N N 211 
LYS HZ1  H N N 212 
LYS HZ2  H N N 213 
LYS HZ3  H N N 214 
LYS HXT  H N N 215 
MET N    N N N 216 
MET CA   C N S 217 
MET C    C N N 218 
MET O    O N N 219 
MET CB   C N N 220 
MET CG   C N N 221 
MET SD   S N N 222 
MET CE   C N N 223 
MET OXT  O N N 224 
MET H    H N N 225 
MET H2   H N N 226 
MET HA   H N N 227 
MET HB2  H N N 228 
MET HB3  H N N 229 
MET HG2  H N N 230 
MET HG3  H N N 231 
MET HE1  H N N 232 
MET HE2  H N N 233 
MET HE3  H N N 234 
MET HXT  H N N 235 
PHE N    N N N 236 
PHE CA   C N S 237 
PHE C    C N N 238 
PHE O    O N N 239 
PHE CB   C N N 240 
PHE CG   C Y N 241 
PHE CD1  C Y N 242 
PHE CD2  C Y N 243 
PHE CE1  C Y N 244 
PHE CE2  C Y N 245 
PHE CZ   C Y N 246 
PHE OXT  O N N 247 
PHE H    H N N 248 
PHE H2   H N N 249 
PHE HA   H N N 250 
PHE HB2  H N N 251 
PHE HB3  H N N 252 
PHE HD1  H N N 253 
PHE HD2  H N N 254 
PHE HE1  H N N 255 
PHE HE2  H N N 256 
PHE HZ   H N N 257 
PHE HXT  H N N 258 
SER N    N N N 259 
SER CA   C N S 260 
SER C    C N N 261 
SER O    O N N 262 
SER CB   C N N 263 
SER OG   O N N 264 
SER OXT  O N N 265 
SER H    H N N 266 
SER H2   H N N 267 
SER HA   H N N 268 
SER HB2  H N N 269 
SER HB3  H N N 270 
SER HG   H N N 271 
SER HXT  H N N 272 
THR N    N N N 273 
THR CA   C N S 274 
THR C    C N N 275 
THR O    O N N 276 
THR CB   C N R 277 
THR OG1  O N N 278 
THR CG2  C N N 279 
THR OXT  O N N 280 
THR H    H N N 281 
THR H2   H N N 282 
THR HA   H N N 283 
THR HB   H N N 284 
THR HG1  H N N 285 
THR HG21 H N N 286 
THR HG22 H N N 287 
THR HG23 H N N 288 
THR HXT  H N N 289 
TYR N    N N N 290 
TYR CA   C N S 291 
TYR C    C N N 292 
TYR O    O N N 293 
TYR CB   C N N 294 
TYR CG   C Y N 295 
TYR CD1  C Y N 296 
TYR CD2  C Y N 297 
TYR CE1  C Y N 298 
TYR CE2  C Y N 299 
TYR CZ   C Y N 300 
TYR OH   O N N 301 
TYR OXT  O N N 302 
TYR H    H N N 303 
TYR H2   H N N 304 
TYR HA   H N N 305 
TYR HB2  H N N 306 
TYR HB3  H N N 307 
TYR HD1  H N N 308 
TYR HD2  H N N 309 
TYR HE1  H N N 310 
TYR HE2  H N N 311 
TYR HH   H N N 312 
TYR HXT  H N N 313 
VAL N    N N N 314 
VAL CA   C N S 315 
VAL C    C N N 316 
VAL O    O N N 317 
VAL CB   C N N 318 
VAL CG1  C N N 319 
VAL CG2  C N N 320 
VAL OXT  O N N 321 
VAL H    H N N 322 
VAL H2   H N N 323 
VAL HA   H N N 324 
VAL HB   H N N 325 
VAL HG11 H N N 326 
VAL HG12 H N N 327 
VAL HG13 H N N 328 
VAL HG21 H N N 329 
VAL HG22 H N N 330 
VAL HG23 H N N 331 
VAL HXT  H N N 332 
# 
loop_
_chem_comp_bond.comp_id 
_chem_comp_bond.atom_id_1 
_chem_comp_bond.atom_id_2 
_chem_comp_bond.value_order 
_chem_comp_bond.pdbx_aromatic_flag 
_chem_comp_bond.pdbx_stereo_config 
_chem_comp_bond.pdbx_ordinal 
ALA N   CA   sing N N 1   
ALA N   H    sing N N 2   
ALA N   H2   sing N N 3   
ALA CA  C    sing N N 4   
ALA CA  CB   sing N N 5   
ALA CA  HA   sing N N 6   
ALA C   O    doub N N 7   
ALA C   OXT  sing N N 8   
ALA CB  HB1  sing N N 9   
ALA CB  HB2  sing N N 10  
ALA CB  HB3  sing N N 11  
ALA OXT HXT  sing N N 12  
ARG N   CA   sing N N 13  
ARG N   H    sing N N 14  
ARG N   H2   sing N N 15  
ARG CA  C    sing N N 16  
ARG CA  CB   sing N N 17  
ARG CA  HA   sing N N 18  
ARG C   O    doub N N 19  
ARG C   OXT  sing N N 20  
ARG CB  CG   sing N N 21  
ARG CB  HB2  sing N N 22  
ARG CB  HB3  sing N N 23  
ARG CG  CD   sing N N 24  
ARG CG  HG2  sing N N 25  
ARG CG  HG3  sing N N 26  
ARG CD  NE   sing N N 27  
ARG CD  HD2  sing N N 28  
ARG CD  HD3  sing N N 29  
ARG NE  CZ   sing N N 30  
ARG NE  HE   sing N N 31  
ARG CZ  NH1  sing N N 32  
ARG CZ  NH2  doub N N 33  
ARG NH1 HH11 sing N N 34  
ARG NH1 HH12 sing N N 35  
ARG NH2 HH21 sing N N 36  
ARG NH2 HH22 sing N N 37  
ARG OXT HXT  sing N N 38  
ASN N   CA   sing N N 39  
ASN N   H    sing N N 40  
ASN N   H2   sing N N 41  
ASN CA  C    sing N N 42  
ASN CA  CB   sing N N 43  
ASN CA  HA   sing N N 44  
ASN C   O    doub N N 45  
ASN C   OXT  sing N N 46  
ASN CB  CG   sing N N 47  
ASN CB  HB2  sing N N 48  
ASN CB  HB3  sing N N 49  
ASN CG  OD1  doub N N 50  
ASN CG  ND2  sing N N 51  
ASN ND2 HD21 sing N N 52  
ASN ND2 HD22 sing N N 53  
ASN OXT HXT  sing N N 54  
ASP N   CA   sing N N 55  
ASP N   H    sing N N 56  
ASP N   H2   sing N N 57  
ASP CA  C    sing N N 58  
ASP CA  CB   sing N N 59  
ASP CA  HA   sing N N 60  
ASP C   O    doub N N 61  
ASP C   OXT  sing N N 62  
ASP CB  CG   sing N N 63  
ASP CB  HB2  sing N N 64  
ASP CB  HB3  sing N N 65  
ASP CG  OD1  doub N N 66  
ASP CG  OD2  sing N N 67  
ASP OD2 HD2  sing N N 68  
ASP OXT HXT  sing N N 69  
GLN N   CA   sing N N 70  
GLN N   H    sing N N 71  
GLN N   H2   sing N N 72  
GLN CA  C    sing N N 73  
GLN CA  CB   sing N N 74  
GLN CA  HA   sing N N 75  
GLN C   O    doub N N 76  
GLN C   OXT  sing N N 77  
GLN CB  CG   sing N N 78  
GLN CB  HB2  sing N N 79  
GLN CB  HB3  sing N N 80  
GLN CG  CD   sing N N 81  
GLN CG  HG2  sing N N 82  
GLN CG  HG3  sing N N 83  
GLN CD  OE1  doub N N 84  
GLN CD  NE2  sing N N 85  
GLN NE2 HE21 sing N N 86  
GLN NE2 HE22 sing N N 87  
GLN OXT HXT  sing N N 88  
GLU N   CA   sing N N 89  
GLU N   H    sing N N 90  
GLU N   H2   sing N N 91  
GLU CA  C    sing N N 92  
GLU CA  CB   sing N N 93  
GLU CA  HA   sing N N 94  
GLU C   O    doub N N 95  
GLU C   OXT  sing N N 96  
GLU CB  CG   sing N N 97  
GLU CB  HB2  sing N N 98  
GLU CB  HB3  sing N N 99  
GLU CG  CD   sing N N 100 
GLU CG  HG2  sing N N 101 
GLU CG  HG3  sing N N 102 
GLU CD  OE1  doub N N 103 
GLU CD  OE2  sing N N 104 
GLU OE2 HE2  sing N N 105 
GLU OXT HXT  sing N N 106 
GLY N   CA   sing N N 107 
GLY N   H    sing N N 108 
GLY N   H2   sing N N 109 
GLY CA  C    sing N N 110 
GLY CA  HA2  sing N N 111 
GLY CA  HA3  sing N N 112 
GLY C   O    doub N N 113 
GLY C   OXT  sing N N 114 
GLY OXT HXT  sing N N 115 
HIS N   CA   sing N N 116 
HIS N   H    sing N N 117 
HIS N   H2   sing N N 118 
HIS CA  C    sing N N 119 
HIS CA  CB   sing N N 120 
HIS CA  HA   sing N N 121 
HIS C   O    doub N N 122 
HIS C   OXT  sing N N 123 
HIS CB  CG   sing N N 124 
HIS CB  HB2  sing N N 125 
HIS CB  HB3  sing N N 126 
HIS CG  ND1  sing Y N 127 
HIS CG  CD2  doub Y N 128 
HIS ND1 CE1  doub Y N 129 
HIS ND1 HD1  sing N N 130 
HIS CD2 NE2  sing Y N 131 
HIS CD2 HD2  sing N N 132 
HIS CE1 NE2  sing Y N 133 
HIS CE1 HE1  sing N N 134 
HIS NE2 HE2  sing N N 135 
HIS OXT HXT  sing N N 136 
HOH O   H1   sing N N 137 
HOH O   H2   sing N N 138 
ILE N   CA   sing N N 139 
ILE N   H    sing N N 140 
ILE N   H2   sing N N 141 
ILE CA  C    sing N N 142 
ILE CA  CB   sing N N 143 
ILE CA  HA   sing N N 144 
ILE C   O    doub N N 145 
ILE C   OXT  sing N N 146 
ILE CB  CG1  sing N N 147 
ILE CB  CG2  sing N N 148 
ILE CB  HB   sing N N 149 
ILE CG1 CD1  sing N N 150 
ILE CG1 HG12 sing N N 151 
ILE CG1 HG13 sing N N 152 
ILE CG2 HG21 sing N N 153 
ILE CG2 HG22 sing N N 154 
ILE CG2 HG23 sing N N 155 
ILE CD1 HD11 sing N N 156 
ILE CD1 HD12 sing N N 157 
ILE CD1 HD13 sing N N 158 
ILE OXT HXT  sing N N 159 
LEU N   CA   sing N N 160 
LEU N   H    sing N N 161 
LEU N   H2   sing N N 162 
LEU CA  C    sing N N 163 
LEU CA  CB   sing N N 164 
LEU CA  HA   sing N N 165 
LEU C   O    doub N N 166 
LEU C   OXT  sing N N 167 
LEU CB  CG   sing N N 168 
LEU CB  HB2  sing N N 169 
LEU CB  HB3  sing N N 170 
LEU CG  CD1  sing N N 171 
LEU CG  CD2  sing N N 172 
LEU CG  HG   sing N N 173 
LEU CD1 HD11 sing N N 174 
LEU CD1 HD12 sing N N 175 
LEU CD1 HD13 sing N N 176 
LEU CD2 HD21 sing N N 177 
LEU CD2 HD22 sing N N 178 
LEU CD2 HD23 sing N N 179 
LEU OXT HXT  sing N N 180 
LYS N   CA   sing N N 181 
LYS N   H    sing N N 182 
LYS N   H2   sing N N 183 
LYS CA  C    sing N N 184 
LYS CA  CB   sing N N 185 
LYS CA  HA   sing N N 186 
LYS C   O    doub N N 187 
LYS C   OXT  sing N N 188 
LYS CB  CG   sing N N 189 
LYS CB  HB2  sing N N 190 
LYS CB  HB3  sing N N 191 
LYS CG  CD   sing N N 192 
LYS CG  HG2  sing N N 193 
LYS CG  HG3  sing N N 194 
LYS CD  CE   sing N N 195 
LYS CD  HD2  sing N N 196 
LYS CD  HD3  sing N N 197 
LYS CE  NZ   sing N N 198 
LYS CE  HE2  sing N N 199 
LYS CE  HE3  sing N N 200 
LYS NZ  HZ1  sing N N 201 
LYS NZ  HZ2  sing N N 202 
LYS NZ  HZ3  sing N N 203 
LYS OXT HXT  sing N N 204 
MET N   CA   sing N N 205 
MET N   H    sing N N 206 
MET N   H2   sing N N 207 
MET CA  C    sing N N 208 
MET CA  CB   sing N N 209 
MET CA  HA   sing N N 210 
MET C   O    doub N N 211 
MET C   OXT  sing N N 212 
MET CB  CG   sing N N 213 
MET CB  HB2  sing N N 214 
MET CB  HB3  sing N N 215 
MET CG  SD   sing N N 216 
MET CG  HG2  sing N N 217 
MET CG  HG3  sing N N 218 
MET SD  CE   sing N N 219 
MET CE  HE1  sing N N 220 
MET CE  HE2  sing N N 221 
MET CE  HE3  sing N N 222 
MET OXT HXT  sing N N 223 
PHE N   CA   sing N N 224 
PHE N   H    sing N N 225 
PHE N   H2   sing N N 226 
PHE CA  C    sing N N 227 
PHE CA  CB   sing N N 228 
PHE CA  HA   sing N N 229 
PHE C   O    doub N N 230 
PHE C   OXT  sing N N 231 
PHE CB  CG   sing N N 232 
PHE CB  HB2  sing N N 233 
PHE CB  HB3  sing N N 234 
PHE CG  CD1  doub Y N 235 
PHE CG  CD2  sing Y N 236 
PHE CD1 CE1  sing Y N 237 
PHE CD1 HD1  sing N N 238 
PHE CD2 CE2  doub Y N 239 
PHE CD2 HD2  sing N N 240 
PHE CE1 CZ   doub Y N 241 
PHE CE1 HE1  sing N N 242 
PHE CE2 CZ   sing Y N 243 
PHE CE2 HE2  sing N N 244 
PHE CZ  HZ   sing N N 245 
PHE OXT HXT  sing N N 246 
SER N   CA   sing N N 247 
SER N   H    sing N N 248 
SER N   H2   sing N N 249 
SER CA  C    sing N N 250 
SER CA  CB   sing N N 251 
SER CA  HA   sing N N 252 
SER C   O    doub N N 253 
SER C   OXT  sing N N 254 
SER CB  OG   sing N N 255 
SER CB  HB2  sing N N 256 
SER CB  HB3  sing N N 257 
SER OG  HG   sing N N 258 
SER OXT HXT  sing N N 259 
THR N   CA   sing N N 260 
THR N   H    sing N N 261 
THR N   H2   sing N N 262 
THR CA  C    sing N N 263 
THR CA  CB   sing N N 264 
THR CA  HA   sing N N 265 
THR C   O    doub N N 266 
THR C   OXT  sing N N 267 
THR CB  OG1  sing N N 268 
THR CB  CG2  sing N N 269 
THR CB  HB   sing N N 270 
THR OG1 HG1  sing N N 271 
THR CG2 HG21 sing N N 272 
THR CG2 HG22 sing N N 273 
THR CG2 HG23 sing N N 274 
THR OXT HXT  sing N N 275 
TYR N   CA   sing N N 276 
TYR N   H    sing N N 277 
TYR N   H2   sing N N 278 
TYR CA  C    sing N N 279 
TYR CA  CB   sing N N 280 
TYR CA  HA   sing N N 281 
TYR C   O    doub N N 282 
TYR C   OXT  sing N N 283 
TYR CB  CG   sing N N 284 
TYR CB  HB2  sing N N 285 
TYR CB  HB3  sing N N 286 
TYR CG  CD1  doub Y N 287 
TYR CG  CD2  sing Y N 288 
TYR CD1 CE1  sing Y N 289 
TYR CD1 HD1  sing N N 290 
TYR CD2 CE2  doub Y N 291 
TYR CD2 HD2  sing N N 292 
TYR CE1 CZ   doub Y N 293 
TYR CE1 HE1  sing N N 294 
TYR CE2 CZ   sing Y N 295 
TYR CE2 HE2  sing N N 296 
TYR CZ  OH   sing N N 297 
TYR OH  HH   sing N N 298 
TYR OXT HXT  sing N N 299 
VAL N   CA   sing N N 300 
VAL N   H    sing N N 301 
VAL N   H2   sing N N 302 
VAL CA  C    sing N N 303 
VAL CA  CB   sing N N 304 
VAL CA  HA   sing N N 305 
VAL C   O    doub N N 306 
VAL C   OXT  sing N N 307 
VAL CB  CG1  sing N N 308 
VAL CB  CG2  sing N N 309 
VAL CB  HB   sing N N 310 
VAL CG1 HG11 sing N N 311 
VAL CG1 HG12 sing N N 312 
VAL CG1 HG13 sing N N 313 
VAL CG2 HG21 sing N N 314 
VAL CG2 HG22 sing N N 315 
VAL CG2 HG23 sing N N 316 
VAL OXT HXT  sing N N 317 
# 
_atom_sites.entry_id                    2RCZ 
_atom_sites.fract_transf_matrix[1][1]   0.01726115 
_atom_sites.fract_transf_matrix[1][2]   -0.00368084 
_atom_sites.fract_transf_matrix[1][3]   -0.01236438 
_atom_sites.fract_transf_matrix[2][1]   0.01578851 
_atom_sites.fract_transf_matrix[2][2]   -0.00717287 
_atom_sites.fract_transf_matrix[2][3]   0.02417672 
_atom_sites.fract_transf_matrix[3][1]   -0.00090971 
_atom_sites.fract_transf_matrix[3][2]   -0.01094918 
_atom_sites.fract_transf_matrix[3][3]   -0.00265437 
_atom_sites.fract_transf_vector[1]      0.066464 
_atom_sites.fract_transf_vector[2]      0.789605 
_atom_sites.fract_transf_vector[3]      0.244892 
# 
loop_
_atom_type.symbol 
C 
N 
O 
S 
# 
loop_
_atom_site.group_PDB 
_atom_site.id 
_atom_site.type_symbol 
_atom_site.label_atom_id 
_atom_site.label_alt_id 
_atom_site.label_comp_id 
_atom_site.label_asym_id 
_atom_site.label_entity_id 
_atom_site.label_seq_id 
_atom_site.pdbx_PDB_ins_code 
_atom_site.Cartn_x 
_atom_site.Cartn_y 
_atom_site.Cartn_z 
_atom_site.occupancy 
_atom_site.B_iso_or_equiv 
_atom_site.pdbx_formal_charge 
_atom_site.auth_seq_id 
_atom_site.auth_comp_id 
_atom_site.auth_asym_id 
_atom_site.auth_atom_id 
_atom_site.pdbx_PDB_model_num 
ATOM   1    N N   . GLY A 1 1  ? 5.342   17.800  -0.994  1.00 38.18 ? 184 GLY A N   1 
ATOM   2    C CA  . GLY A 1 1  ? 4.748   16.715  -0.158  1.00 37.75 ? 184 GLY A CA  1 
ATOM   3    C C   . GLY A 1 1  ? 4.390   17.149  1.252   1.00 37.57 ? 184 GLY A C   1 
ATOM   4    O O   . GLY A 1 1  ? 5.142   17.897  1.873   1.00 38.12 ? 184 GLY A O   1 
ATOM   5    N N   . SER A 1 2  ? 3.253   16.680  1.769   1.00 36.70 ? 185 SER A N   1 
ATOM   6    C CA  . SER A 1 2  ? 2.848   17.076  3.123   1.00 35.57 ? 185 SER A CA  1 
ATOM   7    C C   . SER A 1 2  ? 3.762   16.462  4.175   1.00 33.78 ? 185 SER A C   1 
ATOM   8    O O   . SER A 1 2  ? 3.790   15.241  4.362   1.00 33.10 ? 185 SER A O   1 
ATOM   9    C CB  . SER A 1 2  ? 1.384   16.760  3.405   1.00 36.43 ? 185 SER A CB  1 
ATOM   10   O OG  . SER A 1 2  ? 0.866   17.746  4.279   1.00 36.25 ? 185 SER A OG  1 
ATOM   11   N N   . LYS A 1 3  ? 4.520   17.328  4.844   1.00 31.96 ? 186 LYS A N   1 
ATOM   12   C CA  . LYS A 1 3  ? 5.633   16.895  5.708   1.00 30.40 ? 186 LYS A CA  1 
ATOM   13   C C   . LYS A 1 3  ? 5.280   16.940  7.188   1.00 28.23 ? 186 LYS A C   1 
ATOM   14   O O   . LYS A 1 3  ? 4.873   17.973  7.702   1.00 28.00 ? 186 LYS A O   1 
ATOM   15   C CB  . LYS A 1 3  ? 6.899   17.713  5.405   1.00 30.17 ? 186 LYS A CB  1 
ATOM   16   C CG  . LYS A 1 3  ? 7.413   17.492  3.968   1.00 30.97 ? 186 LYS A CG  1 
ATOM   17   C CD  . LYS A 1 3  ? 8.527   18.464  3.524   1.00 32.41 ? 186 LYS A CD  1 
ATOM   18   C CE  . LYS A 1 3  ? 9.937   17.857  3.658   1.00 36.02 ? 186 LYS A CE  1 
ATOM   19   N NZ  . LYS A 1 3  ? 10.049  16.438  3.163   1.00 36.49 ? 186 LYS A NZ  1 
ATOM   20   N N   . VAL A 1 4  ? 5.422   15.812  7.884   1.00 25.89 ? 187 VAL A N   1 
ATOM   21   C CA  . VAL A 1 4  ? 4.977   15.763  9.275   1.00 25.60 ? 187 VAL A CA  1 
ATOM   22   C C   . VAL A 1 4  ? 6.137   15.302  10.138  1.00 24.03 ? 187 VAL A C   1 
ATOM   23   O O   . VAL A 1 4  ? 6.757   14.312  9.806   1.00 24.64 ? 187 VAL A O   1 
ATOM   24   C CB  . VAL A 1 4  ? 3.794   14.798  9.448   1.00 26.17 ? 187 VAL A CB  1 
ATOM   25   C CG1 . VAL A 1 4  ? 3.228   14.909  10.903  1.00 27.43 ? 187 VAL A CG1 1 
ATOM   26   C CG2 . VAL A 1 4  ? 2.708   15.084  8.408   1.00 28.80 ? 187 VAL A CG2 1 
ATOM   27   N N   . THR A 1 5  ? 6.435   16.032  11.217  1.00 22.40 ? 188 THR A N   1 
ATOM   28   C CA  . THR A 1 5  ? 7.556   15.672  12.087  1.00 21.93 ? 188 THR A CA  1 
ATOM   29   C C   . THR A 1 5  ? 7.088   15.444  13.504  1.00 21.41 ? 188 THR A C   1 
ATOM   30   O O   . THR A 1 5  ? 6.621   16.369  14.177  1.00 21.82 ? 188 THR A O   1 
ATOM   31   C CB  . THR A 1 5  ? 8.670   16.743  12.118  1.00 22.36 ? 188 THR A CB  1 
ATOM   32   O OG1 . THR A 1 5  ? 9.086   17.040  10.785  1.00 24.83 ? 188 THR A OG1 1 
ATOM   33   C CG2 . THR A 1 5  ? 9.890   16.239  12.875  1.00 22.31 ? 188 THR A CG2 1 
ATOM   34   N N   . LEU A 1 6  ? 7.275   14.216  13.977  1.00 20.02 ? 189 LEU A N   1 
ATOM   35   C CA  . LEU A 1 6  ? 6.920   13.878  15.361  1.00 19.80 ? 189 LEU A CA  1 
ATOM   36   C C   . LEU A 1 6  ? 8.179   13.764  16.220  1.00 18.69 ? 189 LEU A C   1 
ATOM   37   O O   . LEU A 1 6  ? 9.159   13.142  15.807  1.00 20.11 ? 189 LEU A O   1 
ATOM   38   C CB  . LEU A 1 6  ? 6.129   12.564  15.400  1.00 19.48 ? 189 LEU A CB  1 
ATOM   39   C CG  . LEU A 1 6  ? 4.900   12.464  14.498  1.00 21.84 ? 189 LEU A CG  1 
ATOM   40   C CD1 . LEU A 1 6  ? 4.297   11.065  14.614  1.00 24.51 ? 189 LEU A CD1 1 
ATOM   41   C CD2 . LEU A 1 6  ? 3.862   13.513  14.781  1.00 22.38 ? 189 LEU A CD2 1 
ATOM   42   N N   . VAL A 1 7  ? 8.168   14.420  17.370  1.00 19.50 ? 190 VAL A N   1 
ATOM   43   C CA  . VAL A 1 7  ? 9.337   14.477  18.236  1.00 20.07 ? 190 VAL A CA  1 
ATOM   44   C C   . VAL A 1 7  ? 9.057   13.964  19.647  1.00 20.28 ? 190 VAL A C   1 
ATOM   45   O O   . VAL A 1 7  ? 8.212   14.525  20.363  1.00 20.84 ? 190 VAL A O   1 
ATOM   46   C CB  . VAL A 1 7  ? 9.926   15.921  18.267  1.00 20.16 ? 190 VAL A CB  1 
ATOM   47   C CG1 . VAL A 1 7  ? 11.158  16.000  19.158  1.00 21.29 ? 190 VAL A CG1 1 
ATOM   48   C CG2 . VAL A 1 7  ? 10.255  16.370  16.856  1.00 20.33 ? 190 VAL A CG2 1 
ATOM   49   N N   . LYS A 1 8  ? 9.767   12.907  20.048  1.00 20.51 ? 191 LYS A N   1 
ATOM   50   C CA  . LYS A 1 8  ? 9.683   12.410  21.423  1.00 21.45 ? 191 LYS A CA  1 
ATOM   51   C C   . LYS A 1 8  ? 10.627  13.220  22.280  1.00 22.65 ? 191 LYS A C   1 
ATOM   52   O O   . LYS A 1 8  ? 11.821  13.350  21.981  1.00 23.20 ? 191 LYS A O   1 
ATOM   53   C CB  . LYS A 1 8  ? 10.026  10.926  21.542  1.00 21.56 ? 191 LYS A CB  1 
ATOM   54   C CG  . LYS A 1 8  ? 9.065   10.012  20.845  1.00 23.38 ? 191 LYS A CG  1 
ATOM   55   C CD  . LYS A 1 8  ? 9.446   8.580   21.051  1.00 26.17 ? 191 LYS A CD  1 
ATOM   56   C CE  . LYS A 1 8  ? 8.470   7.669   20.353  1.00 28.22 ? 191 LYS A CE  1 
ATOM   57   N NZ  . LYS A 1 8  ? 8.965   6.284   20.549  1.00 30.10 ? 191 LYS A NZ  1 
ATOM   58   N N   . SER A 1 9  ? 10.081  13.769  23.352  1.00 23.47 ? 192 SER A N   1 
ATOM   59   C CA  . SER A 1 9  ? 10.828  14.645  24.256  1.00 25.44 ? 192 SER A CA  1 
ATOM   60   C C   . SER A 1 9  ? 10.925  14.069  25.646  1.00 25.31 ? 192 SER A C   1 
ATOM   61   O O   . SER A 1 9  ? 11.794  14.475  26.420  1.00 26.24 ? 192 SER A O   1 
ATOM   62   C CB  . SER A 1 9  ? 10.163  16.025  24.347  1.00 25.86 ? 192 SER A CB  1 
ATOM   63   O OG  . SER A 1 9  ? 10.160  16.657  23.078  1.00 27.62 ? 192 SER A OG  1 
ATOM   64   N N   . ARG A 1 10 ? 10.036  13.134  25.969  1.00 25.65 ? 193 ARG A N   1 
ATOM   65   C CA  . ARG A 1 10 ? 9.926   12.611  27.326  1.00 26.21 ? 193 ARG A CA  1 
ATOM   66   C C   . ARG A 1 10 ? 9.822   11.096  27.269  1.00 26.34 ? 193 ARG A C   1 
ATOM   67   O O   . ARG A 1 10 ? 9.513   10.538  26.220  1.00 26.56 ? 193 ARG A O   1 
ATOM   68   C CB  . ARG A 1 10 ? 8.680   13.195  28.013  1.00 26.28 ? 193 ARG A CB  1 
ATOM   69   N N   . LYS A 1 11 ? 10.050  10.443  28.408  1.00 26.78 ? 194 LYS A N   1 
ATOM   70   C CA  . LYS A 1 11 ? 9.848   8.999   28.523  1.00 27.63 ? 194 LYS A CA  1 
ATOM   71   C C   . LYS A 1 11 ? 8.381   8.608   28.332  1.00 28.33 ? 194 LYS A C   1 
ATOM   72   O O   . LYS A 1 11 ? 7.470   9.409   28.573  1.00 28.23 ? 194 LYS A O   1 
ATOM   73   C CB  . LYS A 1 11 ? 10.364  8.478   29.873  1.00 27.25 ? 194 LYS A CB  1 
ATOM   74   N N   . ASN A 1 12 ? 8.178   7.366   27.904  1.00 28.91 ? 195 ASN A N   1 
ATOM   75   C CA  . ASN A 1 12 ? 6.843   6.768   27.736  1.00 30.47 ? 195 ASN A CA  1 
ATOM   76   C C   . ASN A 1 12 ? 5.953   7.509   26.759  1.00 30.75 ? 195 ASN A C   1 
ATOM   77   O O   . ASN A 1 12 ? 4.729   7.455   26.853  1.00 31.63 ? 195 ASN A O   1 
ATOM   78   C CB  . ASN A 1 12 ? 6.141   6.596   29.091  1.00 31.22 ? 195 ASN A CB  1 
ATOM   79   C CG  . ASN A 1 12 ? 6.953   5.761   30.073  1.00 32.11 ? 195 ASN A CG  1 
ATOM   80   O OD1 . ASN A 1 12 ? 6.929   6.004   31.285  1.00 34.95 ? 195 ASN A OD1 1 
ATOM   81   N ND2 . ASN A 1 12 ? 7.683   4.774   29.552  1.00 32.93 ? 195 ASN A ND2 1 
ATOM   82   N N   . GLU A 1 13 ? 6.583   8.205   25.816  1.00 30.70 ? 196 GLU A N   1 
ATOM   83   C CA  . GLU A 1 13 ? 5.872   8.901   24.762  1.00 30.38 ? 196 GLU A CA  1 
ATOM   84   C C   . GLU A 1 13 ? 5.800   7.937   23.605  1.00 28.97 ? 196 GLU A C   1 
ATOM   85   O O   . GLU A 1 13 ? 6.759   7.189   23.370  1.00 29.66 ? 196 GLU A O   1 
ATOM   86   C CB  . GLU A 1 13 ? 6.662   10.145  24.362  1.00 31.55 ? 196 GLU A CB  1 
ATOM   87   C CG  . GLU A 1 13 ? 5.840   11.226  23.755  1.00 34.35 ? 196 GLU A CG  1 
ATOM   88   C CD  . GLU A 1 13 ? 6.209   12.600  24.272  1.00 36.99 ? 196 GLU A CD  1 
ATOM   89   O OE1 . GLU A 1 13 ? 7.381   13.029  24.121  1.00 36.79 ? 196 GLU A OE1 1 
ATOM   90   O OE2 . GLU A 1 13 ? 5.306   13.254  24.841  1.00 39.76 ? 196 GLU A OE2 1 
ATOM   91   N N   . GLU A 1 14 ? 4.676   7.936   22.883  1.00 26.19 ? 197 GLU A N   1 
ATOM   92   C CA  . GLU A 1 14 ? 4.501   7.046   21.762  1.00 24.11 ? 197 GLU A CA  1 
ATOM   93   C C   . GLU A 1 14 ? 4.253   7.871   20.508  1.00 22.38 ? 197 GLU A C   1 
ATOM   94   O O   . GLU A 1 14 ? 3.582   8.893   20.560  1.00 20.96 ? 197 GLU A O   1 
ATOM   95   C CB  . GLU A 1 14 ? 3.308   6.091   22.018  1.00 25.16 ? 197 GLU A CB  1 
ATOM   96   N N   . TYR A 1 15 ? 4.778   7.452   19.372  1.00 21.41 ? 198 TYR A N   1 
ATOM   97   C CA  . TYR A 1 15 ? 4.370   8.112   18.138  1.00 20.02 ? 198 TYR A CA  1 
ATOM   98   C C   . TYR A 1 15 ? 2.894   7.905   17.877  1.00 20.60 ? 198 TYR A C   1 
ATOM   99   O O   . TYR A 1 15 ? 2.209   8.811   17.370  1.00 21.03 ? 198 TYR A O   1 
ATOM   100  C CB  . TYR A 1 15 ? 5.127   7.573   16.959  1.00 19.36 ? 198 TYR A CB  1 
ATOM   101  C CG  . TYR A 1 15 ? 6.574   7.952   16.954  1.00 17.95 ? 198 TYR A CG  1 
ATOM   102  C CD1 . TYR A 1 15 ? 6.994   9.289   17.099  1.00 15.09 ? 198 TYR A CD1 1 
ATOM   103  C CD2 . TYR A 1 15 ? 7.531   6.970   16.751  1.00 20.60 ? 198 TYR A CD2 1 
ATOM   104  C CE1 . TYR A 1 15 ? 8.344   9.598   17.053  1.00 19.16 ? 198 TYR A CE1 1 
ATOM   105  C CE2 . TYR A 1 15 ? 8.866   7.280   16.728  1.00 19.76 ? 198 TYR A CE2 1 
ATOM   106  C CZ  . TYR A 1 15 ? 9.260   8.580   16.866  1.00 21.12 ? 198 TYR A CZ  1 
ATOM   107  O OH  . TYR A 1 15 ? 10.611  8.831   16.790  1.00 19.51 ? 198 TYR A OH  1 
ATOM   108  N N   . GLY A 1 16 ? 2.425   6.684   18.150  1.00 20.44 ? 199 GLY A N   1 
ATOM   109  C CA  . GLY A 1 16 ? 0.998   6.362   18.071  1.00 20.70 ? 199 GLY A CA  1 
ATOM   110  C C   . GLY A 1 16 ? 0.508   5.940   16.709  1.00 21.08 ? 199 GLY A C   1 
ATOM   111  O O   . GLY A 1 16 ? -0.699  5.792   16.500  1.00 20.75 ? 199 GLY A O   1 
ATOM   112  N N   . LEU A 1 17 ? 1.428   5.700   15.774  1.00 20.75 ? 200 LEU A N   1 
ATOM   113  C CA  . LEU A 1 17 ? 1.063   5.259   14.432  1.00 21.84 ? 200 LEU A CA  1 
ATOM   114  C C   . LEU A 1 17 ? 1.041   3.746   14.353  1.00 22.25 ? 200 LEU A C   1 
ATOM   115  O O   . LEU A 1 17 ? 1.959   3.083   14.840  1.00 24.01 ? 200 LEU A O   1 
ATOM   116  C CB  . LEU A 1 17 ? 2.071   5.757   13.407  1.00 21.64 ? 200 LEU A CB  1 
ATOM   117  C CG  . LEU A 1 17 ? 2.202   7.271   13.293  1.00 23.87 ? 200 LEU A CG  1 
ATOM   118  C CD1 . LEU A 1 17 ? 3.345   7.550   12.324  1.00 29.36 ? 200 LEU A CD1 1 
ATOM   119  C CD2 . LEU A 1 17 ? 0.911   7.922   12.796  1.00 25.32 ? 200 LEU A CD2 1 
ATOM   120  N N   . ARG A 1 18 ? -0.019  3.201   13.781  1.00 20.83 ? 201 ARG A N   1 
ATOM   121  C CA  . ARG A 1 18 ? -0.076  1.766   13.514  1.00 20.48 ? 201 ARG A CA  1 
ATOM   122  C C   . ARG A 1 18 ? -0.111  1.621   12.006  1.00 19.64 ? 201 ARG A C   1 
ATOM   123  O O   . ARG A 1 18 ? -1.067  2.025   11.351  1.00 21.06 ? 201 ARG A O   1 
ATOM   124  C CB  . ARG A 1 18 ? -1.299  1.140   14.203  1.00 21.15 ? 201 ARG A CB  1 
ATOM   125  C CG  . ARG A 1 18 ? -1.282  1.343   15.726  1.00 25.38 ? 201 ARG A CG  1 
ATOM   126  C CD  . ARG A 1 18 ? -0.359  0.335   16.406  1.00 30.92 ? 201 ARG A CD  1 
ATOM   127  N NE  . ARG A 1 18 ? -0.509  0.320   17.865  1.00 35.39 ? 201 ARG A NE  1 
ATOM   128  C CZ  . ARG A 1 18 ? -0.152  -0.692  18.660  1.00 39.11 ? 201 ARG A CZ  1 
ATOM   129  N NH1 . ARG A 1 18 ? 0.377   -1.804  18.155  1.00 41.54 ? 201 ARG A NH1 1 
ATOM   130  N NH2 . ARG A 1 18 ? -0.336  -0.606  19.969  1.00 40.05 ? 201 ARG A NH2 1 
ATOM   131  N N   . LEU A 1 19 ? 0.961   1.063   11.454  1.00 18.71 ? 202 LEU A N   1 
ATOM   132  C CA  . LEU A 1 19 ? 1.089   0.982   9.994   1.00 16.97 ? 202 LEU A CA  1 
ATOM   133  C C   . LEU A 1 19 ? 0.484   -0.307  9.410   1.00 16.42 ? 202 LEU A C   1 
ATOM   134  O O   . LEU A 1 19 ? 0.294   -1.329  10.117  1.00 17.50 ? 202 LEU A O   1 
ATOM   135  C CB  . LEU A 1 19 ? 2.547   1.107   9.560   1.00 17.79 ? 202 LEU A CB  1 
ATOM   136  C CG  . LEU A 1 19 ? 3.389   2.301   10.001  1.00 20.05 ? 202 LEU A CG  1 
ATOM   137  C CD1 . LEU A 1 19 ? 4.774   2.160   9.399   1.00 21.62 ? 202 LEU A CD1 1 
ATOM   138  C CD2 . LEU A 1 19 ? 2.757   3.563   9.602   1.00 23.39 ? 202 LEU A CD2 1 
ATOM   139  N N   . ALA A 1 20 ? 0.165   -0.236  8.132   1.00 17.48 ? 203 ALA A N   1 
ATOM   140  C CA  . ALA A 1 20 ? -0.365  -1.356  7.399   1.00 16.63 ? 203 ALA A CA  1 
ATOM   141  C C   . ALA A 1 20 ? 0.093   -1.157  5.949   1.00 16.28 ? 203 ALA A C   1 
ATOM   142  O O   . ALA A 1 20 ? 0.640   -0.122  5.608   1.00 17.75 ? 203 ALA A O   1 
ATOM   143  C CB  . ALA A 1 20 ? -1.844  -1.360  7.481   1.00 18.88 ? 203 ALA A CB  1 
ATOM   144  N N   . SER A 1 21 ? -0.077  -2.174  5.120   1.00 16.75 ? 204 SER A N   1 
ATOM   145  C CA  . SER A 1 21 ? 0.202   -1.962  3.697   1.00 17.93 ? 204 SER A CA  1 
ATOM   146  C C   . SER A 1 21 ? -0.901  -2.475  2.831   1.00 18.46 ? 204 SER A C   1 
ATOM   147  O O   . SER A 1 21 ? -1.646  -3.412  3.216   1.00 17.89 ? 204 SER A O   1 
ATOM   148  C CB  . SER A 1 21 ? 1.534   -2.603  3.315   1.00 20.00 ? 204 SER A CB  1 
ATOM   149  O OG  . SER A 1 21 ? 1.524   -4.020  3.383   1.00 22.63 ? 204 SER A OG  1 
ATOM   150  N N   . HIS A 1 22 ? -1.019  -1.857  1.652   1.00 19.26 ? 205 HIS A N   1 
ATOM   151  C CA  . HIS A 1 22 ? -1.909  -2.439  0.675   1.00 20.43 ? 205 HIS A CA  1 
ATOM   152  C C   . HIS A 1 22 ? -1.225  -2.592  -0.674  1.00 17.92 ? 205 HIS A C   1 
ATOM   153  O O   . HIS A 1 22 ? -0.247  -1.890  -0.992  1.00 18.13 ? 205 HIS A O   1 
ATOM   154  C CB  . HIS A 1 22 ? -3.262  -1.717  0.609   1.00 23.31 ? 205 HIS A CB  1 
ATOM   155  C CG  . HIS A 1 22 ? -3.182  -0.264  0.272   1.00 27.07 ? 205 HIS A CG  1 
ATOM   156  N ND1 . HIS A 1 22 ? -3.976  0.675   0.906   1.00 32.49 ? 205 HIS A ND1 1 
ATOM   157  C CD2 . HIS A 1 22 ? -2.435  0.416   -0.631  1.00 34.21 ? 205 HIS A CD2 1 
ATOM   158  C CE1 . HIS A 1 22 ? -3.705  1.875   0.412   1.00 33.26 ? 205 HIS A CE1 1 
ATOM   159  N NE2 . HIS A 1 22 ? -2.769  1.748   -0.519  1.00 36.85 ? 205 HIS A NE2 1 
ATOM   160  N N   . ILE A 1 23 ? -1.732  -3.556  -1.442  1.00 17.61 ? 206 ILE A N   1 
ATOM   161  C CA  . ILE A 1 23 ? -1.329  -3.777  -2.819  1.00 16.16 ? 206 ILE A CA  1 
ATOM   162  C C   . ILE A 1 23 ? -2.275  -2.944  -3.696  1.00 16.91 ? 206 ILE A C   1 
ATOM   163  O O   . ILE A 1 23 ? -3.470  -2.912  -3.459  1.00 17.55 ? 206 ILE A O   1 
ATOM   164  C CB  . ILE A 1 23 ? -1.433  -5.312  -3.192  1.00 16.59 ? 206 ILE A CB  1 
ATOM   165  C CG1 . ILE A 1 23 ? -0.537  -6.168  -2.273  1.00 18.05 ? 206 ILE A CG1 1 
ATOM   166  C CG2 . ILE A 1 23 ? -1.148  -5.566  -4.687  1.00 17.64 ? 206 ILE A CG2 1 
ATOM   167  C CD1 . ILE A 1 23 ? 0.948   -5.936  -2.486  1.00 20.16 ? 206 ILE A CD1 1 
ATOM   168  N N   . PHE A 1 24 ? -1.726  -2.256  -4.685  1.00 15.77 ? 207 PHE A N   1 
ATOM   169  C CA  . PHE A 1 24 ? -2.594  -1.429  -5.562  1.00 16.76 ? 207 PHE A CA  1 
ATOM   170  C C   . PHE A 1 24 ? -2.135  -1.518  -6.995  1.00 17.02 ? 207 PHE A C   1 
ATOM   171  O O   . PHE A 1 24 ? -1.040  -1.986  -7.273  1.00 16.53 ? 207 PHE A O   1 
ATOM   172  C CB  . PHE A 1 24 ? -2.660  0.026   -5.075  1.00 18.37 ? 207 PHE A CB  1 
ATOM   173  C CG  . PHE A 1 24 ? -1.381  0.810   -5.292  1.00 18.72 ? 207 PHE A CG  1 
ATOM   174  C CD1 . PHE A 1 24 ? -1.247  1.671   -6.355  1.00 21.52 ? 207 PHE A CD1 1 
ATOM   175  C CD2 . PHE A 1 24 ? -0.332  0.701   -4.397  1.00 22.11 ? 207 PHE A CD2 1 
ATOM   176  C CE1 . PHE A 1 24 ? -0.057  2.384   -6.555  1.00 19.49 ? 207 PHE A CE1 1 
ATOM   177  C CE2 . PHE A 1 24 ? 0.830   1.415   -4.581  1.00 20.68 ? 207 PHE A CE2 1 
ATOM   178  C CZ  . PHE A 1 24 ? 0.958   2.263   -5.665  1.00 19.79 ? 207 PHE A CZ  1 
ATOM   179  N N   . VAL A 1 25 ? -3.016  -1.102  -7.903  1.00 15.88 ? 208 VAL A N   1 
ATOM   180  C CA  . VAL A 1 25 ? -2.706  -1.102  -9.331  1.00 17.39 ? 208 VAL A CA  1 
ATOM   181  C C   . VAL A 1 25 ? -1.914  0.129   -9.695  1.00 17.76 ? 208 VAL A C   1 
ATOM   182  O O   . VAL A 1 25 ? -2.420  1.261   -9.679  1.00 19.09 ? 208 VAL A O   1 
ATOM   183  C CB  . VAL A 1 25 ? -3.993  -1.243  -10.179 1.00 17.43 ? 208 VAL A CB  1 
ATOM   184  C CG1 . VAL A 1 25 ? -3.660  -1.277  -11.669 1.00 17.99 ? 208 VAL A CG1 1 
ATOM   185  C CG2 . VAL A 1 25 ? -4.687  -2.534  -9.827  1.00 16.75 ? 208 VAL A CG2 1 
ATOM   186  N N   . LYS A 1 26 ? -0.647  -0.092  -10.012 1.00 18.60 ? 209 LYS A N   1 
ATOM   187  C CA  . LYS A 1 26 ? 0.237   0.996   -10.360 1.00 18.95 ? 209 LYS A CA  1 
ATOM   188  C C   . LYS A 1 26 ? 0.070   1.444   -11.796 1.00 19.55 ? 209 LYS A C   1 
ATOM   189  O O   . LYS A 1 26 ? 0.122   2.648   -12.093 1.00 20.06 ? 209 LYS A O   1 
ATOM   190  C CB  . LYS A 1 26 ? 1.698   0.605   -10.075 1.00 19.85 ? 209 LYS A CB  1 
ATOM   191  C CG  . LYS A 1 26 ? 2.698   1.712   -10.352 1.00 23.26 ? 209 LYS A CG  1 
ATOM   192  C CD  . LYS A 1 26 ? 2.775   2.711   -9.205  1.00 28.28 ? 209 LYS A CD  1 
ATOM   193  C CE  . LYS A 1 26 ? 3.800   3.782   -9.522  1.00 30.90 ? 209 LYS A CE  1 
ATOM   194  N NZ  . LYS A 1 26 ? 3.792   4.838   -8.498  1.00 32.67 ? 209 LYS A NZ  1 
ATOM   195  N N   . GLU A 1 27 ? -0.063  0.472   -12.701 1.00 19.17 ? 210 GLU A N   1 
ATOM   196  C CA  . GLU A 1 27 ? -0.240  0.775   -14.096 1.00 18.51 ? 210 GLU A CA  1 
ATOM   197  C C   . GLU A 1 27 ? -1.129  -0.264  -14.724 1.00 17.54 ? 210 GLU A C   1 
ATOM   198  O O   . GLU A 1 27 ? -1.123  -1.414  -14.324 1.00 19.52 ? 210 GLU A O   1 
ATOM   199  C CB  . GLU A 1 27 ? 1.118   0.762   -14.790 1.00 18.79 ? 210 GLU A CB  1 
ATOM   200  C CG  . GLU A 1 27 ? 1.078   1.326   -16.189 1.00 25.04 ? 210 GLU A CG  1 
ATOM   201  C CD  . GLU A 1 27 ? 2.440   1.343   -16.822 1.00 29.02 ? 210 GLU A CD  1 
ATOM   202  O OE1 . GLU A 1 27 ? 3.442   1.229   -16.077 1.00 32.22 ? 210 GLU A OE1 1 
ATOM   203  O OE2 . GLU A 1 27 ? 2.513   1.471   -18.060 1.00 34.42 ? 210 GLU A OE2 1 
ATOM   204  N N   . ILE A 1 28 ? -1.924  0.172   -15.695 1.00 18.04 ? 211 ILE A N   1 
ATOM   205  C CA  . ILE A 1 28 ? -2.629  -0.767  -16.566 1.00 18.74 ? 211 ILE A CA  1 
ATOM   206  C C   . ILE A 1 28 ? -2.127  -0.486  -17.973 1.00 18.67 ? 211 ILE A C   1 
ATOM   207  O O   . ILE A 1 28 ? -2.160  0.660   -18.452 1.00 20.02 ? 211 ILE A O   1 
ATOM   208  C CB  . ILE A 1 28 ? -4.131  -0.572  -16.518 1.00 17.76 ? 211 ILE A CB  1 
ATOM   209  C CG1 . ILE A 1 28 ? -4.645  -0.910  -15.127 1.00 20.07 ? 211 ILE A CG1 1 
ATOM   210  C CG2 . ILE A 1 28 ? -4.826  -1.496  -17.546 1.00 18.03 ? 211 ILE A CG2 1 
ATOM   211  C CD1 . ILE A 1 28 ? -6.079  -0.550  -14.868 1.00 22.67 ? 211 ILE A CD1 1 
ATOM   212  N N   . SER A 1 29 ? -1.626  -1.534  -18.618 1.00 19.71 ? 212 SER A N   1 
ATOM   213  C CA  . SER A 1 29 ? -1.073  -1.419  -19.944 1.00 20.49 ? 212 SER A CA  1 
ATOM   214  C C   . SER A 1 29 ? -2.167  -1.191  -20.974 1.00 21.36 ? 212 SER A C   1 
ATOM   215  O O   . SER A 1 29 ? -3.264  -1.718  -20.865 1.00 20.56 ? 212 SER A O   1 
ATOM   216  C CB  . SER A 1 29 ? -0.300  -2.688  -20.294 1.00 21.44 ? 212 SER A CB  1 
ATOM   217  O OG  . SER A 1 29 ? 0.752   -2.878  -19.375 1.00 25.74 ? 212 SER A OG  1 
ATOM   218  N N   . GLN A 1 30 ? -1.839  -0.431  -22.011 1.00 22.67 ? 213 GLN A N   1 
ATOM   219  C CA  . GLN A 1 30 ? -2.826  -0.062  -23.008 1.00 23.76 ? 213 GLN A CA  1 
ATOM   220  C C   . GLN A 1 30 ? -3.223  -1.272  -23.834 1.00 24.78 ? 213 GLN A C   1 
ATOM   221  O O   . GLN A 1 30 ? -2.371  -2.118  -24.139 1.00 25.24 ? 213 GLN A O   1 
ATOM   222  C CB  . GLN A 1 30 ? -2.250  1.052   -23.891 1.00 23.81 ? 213 GLN A CB  1 
ATOM   223  C CG  . GLN A 1 30 ? -1.619  2.162   -23.047 1.00 26.36 ? 213 GLN A CG  1 
ATOM   224  C CD  . GLN A 1 30 ? -0.739  3.086   -23.855 1.00 28.10 ? 213 GLN A CD  1 
ATOM   225  O OE1 . GLN A 1 30 ? -1.159  3.582   -24.896 1.00 29.06 ? 213 GLN A OE1 1 
ATOM   226  N NE2 . GLN A 1 30 ? 0.488   3.340   -23.371 1.00 29.11 ? 213 GLN A NE2 1 
ATOM   227  N N   . ASP A 1 31 ? -4.517  -1.349  -24.171 1.00 25.32 ? 214 ASP A N   1 
ATOM   228  C CA  . ASP A 1 31 ? -5.131  -2.447  -24.967 1.00 25.44 ? 214 ASP A CA  1 
ATOM   229  C C   . ASP A 1 31 ? -4.872  -3.887  -24.469 1.00 25.10 ? 214 ASP A C   1 
ATOM   230  O O   . ASP A 1 31 ? -4.793  -4.846  -25.252 1.00 24.57 ? 214 ASP A O   1 
ATOM   231  C CB  . ASP A 1 31 ? -4.776  -2.299  -26.451 1.00 26.36 ? 214 ASP A CB  1 
ATOM   232  C CG  . ASP A 1 31 ? -5.490  -1.114  -27.118 1.00 29.73 ? 214 ASP A CG  1 
ATOM   233  O OD1 . ASP A 1 31 ? -6.604  -0.741  -26.678 1.00 33.87 ? 214 ASP A OD1 1 
ATOM   234  O OD2 . ASP A 1 31 ? -4.938  -0.564  -28.096 1.00 30.93 ? 214 ASP A OD2 1 
ATOM   235  N N   . SER A 1 32 ? -4.767  -4.025  -23.147 1.00 23.05 ? 215 SER A N   1 
ATOM   236  C CA  . SER A 1 32 ? -4.423  -5.289  -22.524 1.00 22.97 ? 215 SER A CA  1 
ATOM   237  C C   . SER A 1 32 ? -5.696  -5.857  -21.931 1.00 22.49 ? 215 SER A C   1 
ATOM   238  O O   . SER A 1 32 ? -6.724  -5.189  -21.979 1.00 23.05 ? 215 SER A O   1 
ATOM   239  C CB  . SER A 1 32 ? -3.407  -5.062  -21.409 1.00 22.57 ? 215 SER A CB  1 
ATOM   240  O OG  . SER A 1 32 ? -3.970  -4.334  -20.312 1.00 22.99 ? 215 SER A OG  1 
ATOM   241  N N   . LEU A 1 33 ? -5.624  -7.074  -21.389 1.00 21.96 ? 216 LEU A N   1 
ATOM   242  C CA  . LEU A 1 33 ? -6.797  -7.722  -20.803 1.00 22.03 ? 216 LEU A CA  1 
ATOM   243  C C   . LEU A 1 33 ? -7.404  -6.881  -19.695 1.00 22.28 ? 216 LEU A C   1 
ATOM   244  O O   . LEU A 1 33 ? -8.635  -6.860  -19.527 1.00 22.12 ? 216 LEU A O   1 
ATOM   245  C CB  . LEU A 1 33 ? -6.433  -9.086  -20.210 1.00 23.87 ? 216 LEU A CB  1 
ATOM   246  C CG  . LEU A 1 33 ? -6.239  -10.238 -21.189 1.00 24.32 ? 216 LEU A CG  1 
ATOM   247  C CD1 . LEU A 1 33 ? -5.819  -11.470 -20.434 1.00 26.42 ? 216 LEU A CD1 1 
ATOM   248  C CD2 . LEU A 1 33 ? -7.516  -10.520 -22.005 1.00 25.50 ? 216 LEU A CD2 1 
ATOM   249  N N   . ALA A 1 34 ? -6.538  -6.240  -18.907 1.00 20.92 ? 217 ALA A N   1 
ATOM   250  C CA  . ALA A 1 34 ? -7.012  -5.394  -17.820 1.00 21.05 ? 217 ALA A CA  1 
ATOM   251  C C   . ALA A 1 34 ? -7.690  -4.120  -18.293 1.00 21.01 ? 217 ALA A C   1 
ATOM   252  O O   . ALA A 1 34 ? -8.676  -3.677  -17.677 1.00 21.48 ? 217 ALA A O   1 
ATOM   253  C CB  . ALA A 1 34 ? -5.907  -5.102  -16.827 1.00 21.20 ? 217 ALA A CB  1 
ATOM   254  N N   . ALA A 1 35 ? -7.200  -3.529  -19.386 1.00 21.38 ? 218 ALA A N   1 
ATOM   255  C CA  . ALA A 1 35 ? -7.789  -2.286  -19.875 1.00 21.98 ? 218 ALA A CA  1 
ATOM   256  C C   . ALA A 1 35 ? -9.189  -2.502  -20.428 1.00 23.69 ? 218 ALA A C   1 
ATOM   257  O O   . ALA A 1 35 ? -10.074 -1.648  -20.294 1.00 23.34 ? 218 ALA A O   1 
ATOM   258  C CB  . ALA A 1 35 ? -6.876  -1.632  -20.935 1.00 21.99 ? 218 ALA A CB  1 
ATOM   259  N N   . ARG A 1 36 ? -9.375  -3.667  -21.033 1.00 24.61 ? 219 ARG A N   1 
ATOM   260  C CA  . ARG A 1 36 ? -10.607 -4.027  -21.722 1.00 27.95 ? 219 ARG A CA  1 
ATOM   261  C C   . ARG A 1 36 ? -11.734 -4.278  -20.748 1.00 28.57 ? 219 ARG A C   1 
ATOM   262  O O   . ARG A 1 36 ? -12.889 -3.973  -21.044 1.00 30.19 ? 219 ARG A O   1 
ATOM   263  C CB  . ARG A 1 36 ? -10.384 -5.277  -22.579 1.00 27.53 ? 219 ARG A CB  1 
ATOM   264  C CG  . ARG A 1 36 ? -9.375  -5.058  -23.702 1.00 30.97 ? 219 ARG A CG  1 
ATOM   265  C CD  . ARG A 1 36 ? -9.395  -6.179  -24.722 1.00 36.86 ? 219 ARG A CD  1 
ATOM   266  N NE  . ARG A 1 36 ? -8.074  -6.382  -25.319 1.00 41.26 ? 219 ARG A NE  1 
ATOM   267  C CZ  . ARG A 1 36 ? -7.360  -7.501  -25.205 1.00 42.46 ? 219 ARG A CZ  1 
ATOM   268  N NH1 . ARG A 1 36 ? -7.849  -8.539  -24.538 1.00 43.18 ? 219 ARG A NH1 1 
ATOM   269  N NH2 . ARG A 1 36 ? -6.161  -7.588  -25.774 1.00 43.89 ? 219 ARG A NH2 1 
ATOM   270  N N   . ASP A 1 37 ? -11.385 -4.825  -19.590 1.00 29.78 ? 220 ASP A N   1 
ATOM   271  C CA  . ASP A 1 37 ? -12.356 -5.287  -18.618 1.00 30.14 ? 220 ASP A CA  1 
ATOM   272  C C   . ASP A 1 37 ? -13.279 -4.173  -18.130 1.00 30.10 ? 220 ASP A C   1 
ATOM   273  O O   . ASP A 1 37 ? -14.495 -4.384  -17.990 1.00 30.44 ? 220 ASP A O   1 
ATOM   274  C CB  . ASP A 1 37 ? -11.656 -5.979  -17.442 1.00 30.80 ? 220 ASP A CB  1 
ATOM   275  C CG  . ASP A 1 37 ? -12.629 -6.442  -16.380 1.00 33.38 ? 220 ASP A CG  1 
ATOM   276  O OD1 . ASP A 1 37 ? -12.889 -5.661  -15.438 1.00 36.47 ? 220 ASP A OD1 1 
ATOM   277  O OD2 . ASP A 1 37 ? -13.166 -7.569  -16.498 1.00 36.88 ? 220 ASP A OD2 1 
ATOM   278  N N   . GLY A 1 38 ? -12.705 -3.000  -17.869 1.00 29.14 ? 221 GLY A N   1 
ATOM   279  C CA  . GLY A 1 38 ? -13.489 -1.861  -17.413 1.00 29.29 ? 221 GLY A CA  1 
ATOM   280  C C   . GLY A 1 38 ? -13.654 -1.709  -15.915 1.00 29.04 ? 221 GLY A C   1 
ATOM   281  O O   . GLY A 1 38 ? -13.841 -0.587  -15.433 1.00 29.77 ? 221 GLY A O   1 
ATOM   282  N N   . ASN A 1 39 ? -13.571 -2.815  -15.168 1.00 28.84 ? 222 ASN A N   1 
ATOM   283  C CA  . ASN A 1 39 ? -13.878 -2.783  -13.729 1.00 28.64 ? 222 ASN A CA  1 
ATOM   284  C C   . ASN A 1 39 ? -12.621 -2.721  -12.863 1.00 26.98 ? 222 ASN A C   1 
ATOM   285  O O   . ASN A 1 39 ? -12.702 -2.860  -11.644 1.00 27.93 ? 222 ASN A O   1 
ATOM   286  C CB  . ASN A 1 39 ? -14.735 -3.981  -13.271 1.00 29.92 ? 222 ASN A CB  1 
ATOM   287  C CG  . ASN A 1 39 ? -15.767 -4.419  -14.288 1.00 32.77 ? 222 ASN A CG  1 
ATOM   288  O OD1 . ASN A 1 39 ? -16.246 -3.637  -15.112 1.00 36.35 ? 222 ASN A OD1 1 
ATOM   289  N ND2 . ASN A 1 39 ? -16.136 -5.692  -14.212 1.00 35.69 ? 222 ASN A ND2 1 
ATOM   290  N N   . ILE A 1 40 ? -11.462 -2.555  -13.499 1.00 24.68 ? 223 ILE A N   1 
ATOM   291  C CA  . ILE A 1 40 ? -10.224 -2.321  -12.772 1.00 22.57 ? 223 ILE A CA  1 
ATOM   292  C C   . ILE A 1 40 ? -9.567  -1.056  -13.276 1.00 21.47 ? 223 ILE A C   1 
ATOM   293  O O   . ILE A 1 40 ? -9.511  -0.793  -14.503 1.00 19.14 ? 223 ILE A O   1 
ATOM   294  C CB  . ILE A 1 40 ? -9.275  -3.534  -12.823 1.00 24.02 ? 223 ILE A CB  1 
ATOM   295  C CG1 . ILE A 1 40 ? -8.131  -3.334  -11.829 1.00 26.04 ? 223 ILE A CG1 1 
ATOM   296  C CG2 . ILE A 1 40 ? -8.789  -3.815  -14.255 1.00 25.50 ? 223 ILE A CG2 1 
ATOM   297  C CD1 . ILE A 1 40 ? -7.447  -4.626  -11.398 1.00 30.62 ? 223 ILE A CD1 1 
ATOM   298  N N   . GLN A 1 41 ? -9.118  -0.245  -12.330 1.00 18.49 ? 224 GLN A N   1 
ATOM   299  C CA  . GLN A 1 41 ? -8.555  1.068   -12.638 1.00 18.25 ? 224 GLN A CA  1 
ATOM   300  C C   . GLN A 1 41 ? -7.227  1.349   -11.958 1.00 17.82 ? 224 GLN A C   1 
ATOM   301  O O   . GLN A 1 41 ? -6.930  0.821   -10.883 1.00 17.58 ? 224 GLN A O   1 
ATOM   302  C CB  . GLN A 1 41 ? -9.572  2.182   -12.309 1.00 19.12 ? 224 GLN A CB  1 
ATOM   303  C CG  . GLN A 1 41 ? -10.940 2.052   -13.069 1.00 20.46 ? 224 GLN A CG  1 
ATOM   304  C CD  . GLN A 1 41 ? -10.798 2.141   -14.559 1.00 22.52 ? 224 GLN A CD  1 
ATOM   305  O OE1 . GLN A 1 41 ? -9.894  2.821   -15.070 1.00 21.36 ? 224 GLN A OE1 1 
ATOM   306  N NE2 . GLN A 1 41 ? -11.716 1.479   -15.292 1.00 20.64 ? 224 GLN A NE2 1 
ATOM   307  N N   . GLU A 1 42 ? -6.407  2.209   -12.574 1.00 18.20 ? 225 GLU A N   1 
ATOM   308  C CA  . GLU A 1 42 ? -5.185  2.609   -11.887 1.00 19.04 ? 225 GLU A CA  1 
ATOM   309  C C   . GLU A 1 42 ? -5.505  3.209   -10.520 1.00 20.32 ? 225 GLU A C   1 
ATOM   310  O O   . GLU A 1 42 ? -6.465  3.988   -10.361 1.00 19.24 ? 225 GLU A O   1 
ATOM   311  C CB  . GLU A 1 42 ? -4.303  3.553   -12.738 1.00 19.57 ? 225 GLU A CB  1 
ATOM   312  C CG  . GLU A 1 42 ? -3.675  2.830   -13.925 1.00 22.75 ? 225 GLU A CG  1 
ATOM   313  C CD  . GLU A 1 42 ? -2.551  3.609   -14.583 1.00 22.01 ? 225 GLU A CD  1 
ATOM   314  O OE1 . GLU A 1 42 ? -2.133  3.223   -15.700 1.00 27.60 ? 225 GLU A OE1 1 
ATOM   315  O OE2 . GLU A 1 42 ? -2.085  4.644   -14.026 1.00 28.01 ? 225 GLU A OE2 1 
ATOM   316  N N   . GLY A 1 43 ? -4.700  2.825   -9.539  1.00 19.07 ? 226 GLY A N   1 
ATOM   317  C CA  . GLY A 1 43 ? -4.855  3.340   -8.190  1.00 20.69 ? 226 GLY A CA  1 
ATOM   318  C C   . GLY A 1 43 ? -5.761  2.447   -7.355  1.00 21.57 ? 226 GLY A C   1 
ATOM   319  O O   . GLY A 1 43 ? -5.873  2.634   -6.141  1.00 23.00 ? 226 GLY A O   1 
ATOM   320  N N   . ASP A 1 44 ? -6.426  1.473   -7.972  1.00 20.27 ? 227 ASP A N   1 
ATOM   321  C CA  . ASP A 1 44 ? -7.345  0.617   -7.193  1.00 20.11 ? 227 ASP A CA  1 
ATOM   322  C C   . ASP A 1 44 ? -6.547  -0.225  -6.233  1.00 19.08 ? 227 ASP A C   1 
ATOM   323  O O   . ASP A 1 44 ? -5.493  -0.752  -6.590  1.00 20.04 ? 227 ASP A O   1 
ATOM   324  C CB  . ASP A 1 44 ? -8.109  -0.367  -8.100  1.00 20.93 ? 227 ASP A CB  1 
ATOM   325  C CG  . ASP A 1 44 ? -9.337  0.241   -8.752  1.00 24.77 ? 227 ASP A CG  1 
ATOM   326  O OD1 . ASP A 1 44 ? -9.714  1.408   -8.465  1.00 27.80 ? 227 ASP A OD1 1 
ATOM   327  O OD2 . ASP A 1 44 ? -9.940  -0.473  -9.596  1.00 28.98 ? 227 ASP A OD2 1 
ATOM   328  N N   . VAL A 1 45 ? -7.078  -0.393  -5.030  1.00 19.41 ? 228 VAL A N   1 
ATOM   329  C CA  . VAL A 1 45 ? -6.500  -1.339  -4.027  1.00 19.60 ? 228 VAL A CA  1 
ATOM   330  C C   . VAL A 1 45 ? -6.952  -2.760  -4.299  1.00 19.65 ? 228 VAL A C   1 
ATOM   331  O O   . VAL A 1 45 ? -8.128  -3.032  -4.591  1.00 20.71 ? 228 VAL A O   1 
ATOM   332  C CB  . VAL A 1 45 ? -6.789  -0.930  -2.596  1.00 17.93 ? 228 VAL A CB  1 
ATOM   333  C CG1 . VAL A 1 45 ? -6.471  -2.097  -1.641  1.00 18.58 ? 228 VAL A CG1 1 
ATOM   334  C CG2 . VAL A 1 45 ? -6.017  0.349   -2.231  1.00 21.73 ? 228 VAL A CG2 1 
ATOM   335  N N   . VAL A 1 46 ? -6.010  -3.688  -4.302  1.00 19.87 ? 229 VAL A N   1 
ATOM   336  C CA  . VAL A 1 46 ? -6.387  -5.064  -4.610  1.00 20.86 ? 229 VAL A CA  1 
ATOM   337  C C   . VAL A 1 46 ? -6.562  -5.789  -3.303  1.00 22.44 ? 229 VAL A C   1 
ATOM   338  O O   . VAL A 1 46 ? -5.606  -5.953  -2.534  1.00 24.22 ? 229 VAL A O   1 
ATOM   339  C CB  . VAL A 1 46 ? -5.325  -5.757  -5.471  1.00 20.17 ? 229 VAL A CB  1 
ATOM   340  C CG1 . VAL A 1 46 ? -5.740  -7.245  -5.718  1.00 22.59 ? 229 VAL A CG1 1 
ATOM   341  C CG2 . VAL A 1 46 ? -5.161  -5.041  -6.790  1.00 22.73 ? 229 VAL A CG2 1 
ATOM   342  N N   . LEU A 1 47 ? -7.798  -6.190  -3.000  1.00 19.41 ? 230 LEU A N   1 
ATOM   343  C CA  . LEU A 1 47 ? -8.050  -6.735  -1.674  1.00 20.85 ? 230 LEU A CA  1 
ATOM   344  C C   . LEU A 1 47 ? -7.832  -8.229  -1.611  1.00 20.49 ? 230 LEU A C   1 
ATOM   345  O O   . LEU A 1 47 ? -7.519  -8.769  -0.540  1.00 21.32 ? 230 LEU A O   1 
ATOM   346  C CB  . LEU A 1 47 ? -9.478  -6.442  -1.286  1.00 19.70 ? 230 LEU A CB  1 
ATOM   347  C CG  . LEU A 1 47 ? -9.834  -4.973  -1.108  1.00 24.44 ? 230 LEU A CG  1 
ATOM   348  C CD1 . LEU A 1 47 ? -11.342 -4.887  -0.990  1.00 26.21 ? 230 LEU A CD1 1 
ATOM   349  C CD2 . LEU A 1 47 ? -9.157  -4.397  0.110   1.00 23.99 ? 230 LEU A CD2 1 
ATOM   350  N N   . LYS A 1 48 ? -8.089  -8.911  -2.716  1.00 19.34 ? 231 LYS A N   1 
ATOM   351  C CA  . LYS A 1 48 ? -7.991  -10.393 -2.782  1.00 20.80 ? 231 LYS A CA  1 
ATOM   352  C C   . LYS A 1 48 ? -7.523  -10.784 -4.173  1.00 20.70 ? 231 LYS A C   1 
ATOM   353  O O   . LYS A 1 48 ? -7.925  -10.145 -5.129  1.00 20.96 ? 231 LYS A O   1 
ATOM   354  C CB  . LYS A 1 48 ? -9.370  -11.034 -2.559  1.00 21.78 ? 231 LYS A CB  1 
ATOM   355  C CG  . LYS A 1 48 ? -9.933  -10.920 -1.188  1.00 25.83 ? 231 LYS A CG  1 
ATOM   356  C CD  . LYS A 1 48 ? -11.008 -11.998 -0.951  1.00 32.70 ? 231 LYS A CD  1 
ATOM   357  C CE  . LYS A 1 48 ? -12.181 -11.430 -0.172  1.00 34.84 ? 231 LYS A CE  1 
ATOM   358  N NZ  . LYS A 1 48 ? -13.380 -12.317 -0.237  1.00 39.07 ? 231 LYS A NZ  1 
ATOM   359  N N   . ILE A 1 49 ? -6.657  -11.806 -4.271  1.00 20.78 ? 232 ILE A N   1 
ATOM   360  C CA  . ILE A 1 49 ? -6.209  -12.356 -5.550  1.00 20.83 ? 232 ILE A CA  1 
ATOM   361  C C   . ILE A 1 49 ? -6.411  -13.838 -5.418  1.00 19.86 ? 232 ILE A C   1 
ATOM   362  O O   . ILE A 1 49 ? -5.792  -14.479 -4.558  1.00 18.65 ? 232 ILE A O   1 
ATOM   363  C CB  . ILE A 1 49 ? -4.721  -12.085 -5.823  1.00 20.31 ? 232 ILE A CB  1 
ATOM   364  C CG1 . ILE A 1 49 ? -4.454  -10.582 -5.890  1.00 23.20 ? 232 ILE A CG1 1 
ATOM   365  C CG2 . ILE A 1 49 ? -4.305  -12.737 -7.167  1.00 22.27 ? 232 ILE A CG2 1 
ATOM   366  C CD1 . ILE A 1 49 ? -2.963  -10.227 -5.965  1.00 23.49 ? 232 ILE A CD1 1 
ATOM   367  N N   . ASN A 1 50 ? -7.295  -14.373 -6.252  1.00 19.54 ? 233 ASN A N   1 
ATOM   368  C CA  . ASN A 1 50 ? -7.548  -15.825 -6.310  1.00 19.62 ? 233 ASN A CA  1 
ATOM   369  C C   . ASN A 1 50 ? -7.834  -16.437 -4.949  1.00 19.93 ? 233 ASN A C   1 
ATOM   370  O O   . ASN A 1 50 ? -7.397  -17.540 -4.620  1.00 18.88 ? 233 ASN A O   1 
ATOM   371  C CB  . ASN A 1 50 ? -6.476  -16.577 -7.109  1.00 20.56 ? 233 ASN A CB  1 
ATOM   372  C CG  . ASN A 1 50 ? -6.638  -16.383 -8.597  1.00 21.74 ? 233 ASN A CG  1 
ATOM   373  O OD1 . ASN A 1 50 ? -7.724  -16.071 -9.071  1.00 21.44 ? 233 ASN A OD1 1 
ATOM   374  N ND2 . ASN A 1 50 ? -5.559  -16.565 -9.342  1.00 24.81 ? 233 ASN A ND2 1 
ATOM   375  N N   . GLY A 1 51 ? -8.584  -15.684 -4.158  1.00 19.89 ? 234 GLY A N   1 
ATOM   376  C CA  . GLY A 1 51 ? -9.045  -16.172 -2.842  1.00 20.20 ? 234 GLY A CA  1 
ATOM   377  C C   . GLY A 1 51 ? -8.160  -15.812 -1.651  1.00 21.50 ? 234 GLY A C   1 
ATOM   378  O O   . GLY A 1 51 ? -8.525  -16.093 -0.499  1.00 22.94 ? 234 GLY A O   1 
ATOM   379  N N   . THR A 1 52 ? -6.984  -15.251 -1.917  1.00 20.57 ? 235 THR A N   1 
ATOM   380  C CA  . THR A 1 52 ? -6.011  -14.901 -0.884  1.00 22.22 ? 235 THR A CA  1 
ATOM   381  C C   . THR A 1 52 ? -6.062  -13.405 -0.583  1.00 22.11 ? 235 THR A C   1 
ATOM   382  O O   . THR A 1 52 ? -5.906  -12.566 -1.478  1.00 21.99 ? 235 THR A O   1 
ATOM   383  C CB  . THR A 1 52 ? -4.579  -15.300 -1.331  1.00 22.44 ? 235 THR A CB  1 
ATOM   384  O OG1 . THR A 1 52 ? -4.554  -16.708 -1.601  1.00 24.15 ? 235 THR A OG1 1 
ATOM   385  C CG2 . THR A 1 52 ? -3.562  -15.029 -0.253  1.00 25.62 ? 235 THR A CG2 1 
ATOM   386  N N   . VAL A 1 53 ? -6.278  -13.086 0.687   1.00 23.39 ? 236 VAL A N   1 
ATOM   387  C CA  . VAL A 1 53 ? -6.288  -11.716 1.145   1.00 23.63 ? 236 VAL A CA  1 
ATOM   388  C C   . VAL A 1 53 ? -4.890  -11.101 1.066   1.00 24.75 ? 236 VAL A C   1 
ATOM   389  O O   . VAL A 1 53 ? -3.899  -11.715 1.486   1.00 24.98 ? 236 VAL A O   1 
ATOM   390  C CB  . VAL A 1 53 ? -6.940  -11.643 2.566   1.00 23.07 ? 236 VAL A CB  1 
ATOM   391  C CG1 . VAL A 1 53 ? -6.896  -10.246 3.140   1.00 24.35 ? 236 VAL A CG1 1 
ATOM   392  C CG2 . VAL A 1 53 ? -8.348  -12.074 2.431   1.00 23.22 ? 236 VAL A CG2 1 
ATOM   393  N N   . THR A 1 54 ? -4.816  -9.896  0.498   1.00 24.95 ? 237 THR A N   1 
ATOM   394  C CA  . THR A 1 54 ? -3.553  -9.228  0.236   1.00 26.92 ? 237 THR A CA  1 
ATOM   395  C C   . THR A 1 54 ? -3.126  -8.177  1.262   1.00 27.74 ? 237 THR A C   1 
ATOM   396  O O   . THR A 1 54 ? -2.023  -7.636  1.148   1.00 28.59 ? 237 THR A O   1 
ATOM   397  C CB  . THR A 1 54 ? -3.606  -8.487  -1.093  1.00 27.33 ? 237 THR A CB  1 
ATOM   398  O OG1 . THR A 1 54 ? -4.678  -7.538  -1.031  1.00 31.35 ? 237 THR A OG1 1 
ATOM   399  C CG2 . THR A 1 54 ? -3.843  -9.435  -2.204  1.00 28.82 ? 237 THR A CG2 1 
ATOM   400  N N   . GLU A 1 55 ? -3.959  -7.849  2.251   1.00 28.40 ? 238 GLU A N   1 
ATOM   401  C CA  . GLU A 1 55 ? -3.526  -6.789  3.174   1.00 28.26 ? 238 GLU A CA  1 
ATOM   402  C C   . GLU A 1 55 ? -2.246  -7.222  3.896   1.00 26.83 ? 238 GLU A C   1 
ATOM   403  O O   . GLU A 1 55 ? -2.104  -8.369  4.274   1.00 25.40 ? 238 GLU A O   1 
ATOM   404  C CB  . GLU A 1 55 ? -4.623  -6.403  4.174   1.00 29.08 ? 238 GLU A CB  1 
ATOM   405  C CG  . GLU A 1 55 ? -4.247  -5.158  5.000   1.00 33.79 ? 238 GLU A CG  1 
ATOM   406  C CD  . GLU A 1 55 ? -5.284  -4.039  4.928   1.00 37.58 ? 238 GLU A CD  1 
ATOM   407  O OE1 . GLU A 1 55 ? -5.514  -3.507  3.816   1.00 39.97 ? 238 GLU A OE1 1 
ATOM   408  O OE2 . GLU A 1 55 ? -5.837  -3.678  5.986   1.00 38.76 ? 238 GLU A OE2 1 
ATOM   409  N N   . ASN A 1 56 ? -1.305  -6.291  4.042   1.00 25.58 ? 239 ASN A N   1 
ATOM   410  C CA  . ASN A 1 56 ? 0.010   -6.545  4.662   1.00 24.27 ? 239 ASN A CA  1 
ATOM   411  C C   . ASN A 1 56 ? 0.949   -7.502  3.928   1.00 24.64 ? 239 ASN A C   1 
ATOM   412  O O   . ASN A 1 56 ? 2.068   -7.715  4.363   1.00 25.78 ? 239 ASN A O   1 
ATOM   413  C CB  . ASN A 1 56 ? -0.110  -6.905  6.138   1.00 23.34 ? 239 ASN A CB  1 
ATOM   414  C CG  . ASN A 1 56 ? -0.786  -5.819  6.933   1.00 21.90 ? 239 ASN A CG  1 
ATOM   415  O OD1 . ASN A 1 56 ? -0.961  -4.692  6.459   1.00 19.57 ? 239 ASN A OD1 1 
ATOM   416  N ND2 . ASN A 1 56 ? -1.169  -6.144  8.155   1.00 24.16 ? 239 ASN A ND2 1 
ATOM   417  N N   . MET A 1 57 ? 0.512   -8.039  2.795   1.00 25.42 ? 240 MET A N   1 
ATOM   418  C CA  . MET A 1 57 ? 1.352   -8.908  1.977   1.00 26.77 ? 240 MET A CA  1 
ATOM   419  C C   . MET A 1 57 ? 2.407   -8.079  1.261   1.00 25.96 ? 240 MET A C   1 
ATOM   420  O O   . MET A 1 57 ? 2.106   -6.966  0.824   1.00 25.88 ? 240 MET A O   1 
ATOM   421  C CB  . MET A 1 57 ? 0.494   -9.621  0.934   1.00 25.84 ? 240 MET A CB  1 
ATOM   422  C CG  . MET A 1 57 ? 1.215   -10.687 0.196   1.00 28.77 ? 240 MET A CG  1 
ATOM   423  S SD  . MET A 1 57 ? 0.124   -11.537 -0.964  1.00 31.69 ? 240 MET A SD  1 
ATOM   424  C CE  . MET A 1 57 ? -0.816  -12.553 0.158   1.00 33.30 ? 240 MET A CE  1 
ATOM   425  N N   . SER A 1 58 ? 3.631   -8.610  1.140   1.00 25.31 ? 241 SER A N   1 
ATOM   426  C CA  . SER A 1 58 ? 4.677   -7.912  0.386   1.00 25.10 ? 241 SER A CA  1 
ATOM   427  C C   . SER A 1 58 ? 4.344   -7.940  -1.096  1.00 24.70 ? 241 SER A C   1 
ATOM   428  O O   . SER A 1 58 ? 3.658   -8.839  -1.571  1.00 25.03 ? 241 SER A O   1 
ATOM   429  C CB  . SER A 1 58 ? 6.039   -8.575  0.582   1.00 25.47 ? 241 SER A CB  1 
ATOM   430  O OG  . SER A 1 58 ? 6.078   -9.810  -0.093  1.00 26.03 ? 241 SER A OG  1 
ATOM   431  N N   . LEU A 1 59 ? 4.856   -6.962  -1.832  1.00 24.45 ? 242 LEU A N   1 
ATOM   432  C CA  . LEU A 1 59 ? 4.734   -6.983  -3.301  1.00 24.13 ? 242 LEU A CA  1 
ATOM   433  C C   . LEU A 1 59 ? 5.254   -8.273  -3.947  1.00 23.61 ? 242 LEU A C   1 
ATOM   434  O O   . LEU A 1 59 ? 4.578   -8.840  -4.813  1.00 23.27 ? 242 LEU A O   1 
ATOM   435  C CB  . LEU A 1 59 ? 5.443   -5.769  -3.913  1.00 23.91 ? 242 LEU A CB  1 
ATOM   436  C CG  . LEU A 1 59 ? 5.366   -5.605  -5.425  1.00 25.03 ? 242 LEU A CG  1 
ATOM   437  C CD1 . LEU A 1 59 ? 3.901   -5.629  -5.796  1.00 23.29 ? 242 LEU A CD1 1 
ATOM   438  C CD2 . LEU A 1 59 ? 6.050   -4.308  -5.866  1.00 24.52 ? 242 LEU A CD2 1 
ATOM   439  N N   . THR A 1 60 ? 6.441   -8.734  -3.554  1.00 23.01 ? 243 THR A N   1 
ATOM   440  C CA  . THR A 1 60 ? 6.976   -9.988  -4.121  1.00 22.14 ? 243 THR A CA  1 
ATOM   441  C C   . THR A 1 60 ? 5.978   -11.161 -3.972  1.00 22.52 ? 243 THR A C   1 
ATOM   442  O O   . THR A 1 60 ? 5.788   -11.933 -4.909  1.00 20.59 ? 243 THR A O   1 
ATOM   443  C CB  . THR A 1 60 ? 8.356   -10.338 -3.518  1.00 22.59 ? 243 THR A CB  1 
ATOM   444  O OG1 . THR A 1 60 ? 9.285   -9.295  -3.843  1.00 23.16 ? 243 THR A OG1 1 
ATOM   445  C CG2 . THR A 1 60 ? 8.888   -11.672 -4.070  1.00 21.95 ? 243 THR A CG2 1 
ATOM   446  N N   . ASP A 1 61 ? 5.352   -11.293 -2.798  1.00 22.44 ? 244 ASP A N   1 
ATOM   447  C CA  . ASP A 1 61 ? 4.373   -12.356 -2.553  1.00 23.60 ? 244 ASP A CA  1 
ATOM   448  C C   . ASP A 1 61 ? 3.112   -12.168 -3.398  1.00 23.43 ? 244 ASP A C   1 
ATOM   449  O O   . ASP A 1 61 ? 2.569   -13.126 -3.911  1.00 23.55 ? 244 ASP A O   1 
ATOM   450  C CB  . ASP A 1 61 ? 4.000   -12.432 -1.064  1.00 24.73 ? 244 ASP A CB  1 
ATOM   451  C CG  . ASP A 1 61 ? 5.087   -13.101 -0.202  1.00 26.78 ? 244 ASP A CG  1 
ATOM   452  O OD1 . ASP A 1 61 ? 6.014   -13.737 -0.763  1.00 30.38 ? 244 ASP A OD1 1 
ATOM   453  O OD2 . ASP A 1 61 ? 5.011   -13.012 1.054   1.00 30.50 ? 244 ASP A OD2 1 
ATOM   454  N N   . ALA A 1 62 ? 2.657   -10.925 -3.561  1.00 22.31 ? 245 ALA A N   1 
ATOM   455  C CA  . ALA A 1 62 ? 1.502   -10.677 -4.419  1.00 22.75 ? 245 ALA A CA  1 
ATOM   456  C C   . ALA A 1 62 ? 1.828   -10.998 -5.873  1.00 22.78 ? 245 ALA A C   1 
ATOM   457  O O   . ALA A 1 62 ? 1.004   -11.573 -6.595  1.00 23.24 ? 245 ALA A O   1 
ATOM   458  C CB  . ALA A 1 62 ? 1.025   -9.216  -4.279  1.00 23.07 ? 245 ALA A CB  1 
ATOM   459  N N   . LYS A 1 63 ? 3.025   -10.617 -6.318  1.00 22.85 ? 246 LYS A N   1 
ATOM   460  C CA  . LYS A 1 63 ? 3.454   -10.957 -7.671  1.00 23.41 ? 246 LYS A CA  1 
ATOM   461  C C   . LYS A 1 63 ? 3.565   -12.458 -7.866  1.00 23.41 ? 246 LYS A C   1 
ATOM   462  O O   . LYS A 1 63 ? 3.201   -12.940 -8.929  1.00 21.83 ? 246 LYS A O   1 
ATOM   463  C CB  . LYS A 1 63 ? 4.763   -10.263 -8.044  1.00 23.43 ? 246 LYS A CB  1 
ATOM   464  C CG  . LYS A 1 63 ? 4.581   -8.782  -8.319  1.00 25.18 ? 246 LYS A CG  1 
ATOM   465  C CD  . LYS A 1 63 ? 5.942   -8.125  -8.448  1.00 28.29 ? 246 LYS A CD  1 
ATOM   466  C CE  . LYS A 1 63 ? 5.815   -6.691  -8.891  1.00 31.89 ? 246 LYS A CE  1 
ATOM   467  N NZ  . LYS A 1 63 ? 7.083   -6.187  -9.520  1.00 33.90 ? 246 LYS A NZ  1 
ATOM   468  N N   . THR A 1 64 ? 4.029   -13.192 -6.844  1.00 23.15 ? 247 THR A N   1 
ATOM   469  C CA  . THR A 1 64 ? 4.034   -14.661 -6.916  1.00 23.88 ? 247 THR A CA  1 
ATOM   470  C C   . THR A 1 64 ? 2.638   -15.247 -7.158  1.00 23.59 ? 247 THR A C   1 
ATOM   471  O O   . THR A 1 64 ? 2.488   -16.185 -7.946  1.00 24.32 ? 247 THR A O   1 
ATOM   472  C CB  . THR A 1 64 ? 4.682   -15.313 -5.653  1.00 24.52 ? 247 THR A CB  1 
ATOM   473  O OG1 . THR A 1 64 ? 6.032   -14.852 -5.498  1.00 25.35 ? 247 THR A OG1 1 
ATOM   474  C CG2 . THR A 1 64 ? 4.732   -16.832 -5.795  1.00 24.27 ? 247 THR A CG2 1 
ATOM   475  N N   . LEU A 1 65 ? 1.625   -14.713 -6.471  1.00 23.15 ? 248 LEU A N   1 
ATOM   476  C CA  . LEU A 1 65 ? 0.228   -15.165 -6.656  1.00 23.52 ? 248 LEU A CA  1 
ATOM   477  C C   . LEU A 1 65 ? -0.245  -14.979 -8.083  1.00 23.44 ? 248 LEU A C   1 
ATOM   478  O O   . LEU A 1 65 ? -0.973  -15.801 -8.611  1.00 23.68 ? 248 LEU A O   1 
ATOM   479  C CB  . LEU A 1 65 ? -0.730  -14.404 -5.752  1.00 23.32 ? 248 LEU A CB  1 
ATOM   480  C CG  . LEU A 1 65 ? -1.074  -14.912 -4.334  1.00 26.53 ? 248 LEU A CG  1 
ATOM   481  C CD1 . LEU A 1 65 ? 0.049   -15.665 -3.622  1.00 29.38 ? 248 LEU A CD1 1 
ATOM   482  C CD2 . LEU A 1 65 ? -1.600  -13.782 -3.515  1.00 26.71 ? 248 LEU A CD2 1 
ATOM   483  N N   . ILE A 1 66 ? 0.130   -13.864 -8.692  1.00 23.31 ? 249 ILE A N   1 
ATOM   484  C CA  . ILE A 1 66 ? -0.154  -13.633 -10.092 1.00 23.40 ? 249 ILE A CA  1 
ATOM   485  C C   . ILE A 1 66 ? 0.644   -14.605 -10.977 1.00 22.77 ? 249 ILE A C   1 
ATOM   486  O O   . ILE A 1 66 ? 0.078   -15.209 -11.894 1.00 22.50 ? 249 ILE A O   1 
ATOM   487  C CB  . ILE A 1 66 ? 0.142   -12.164 -10.491 1.00 23.67 ? 249 ILE A CB  1 
ATOM   488  C CG1 . ILE A 1 66 ? -0.873  -11.237 -9.812  1.00 25.02 ? 249 ILE A CG1 1 
ATOM   489  C CG2 . ILE A 1 66 ? 0.158   -12.032 -12.010 1.00 24.98 ? 249 ILE A CG2 1 
ATOM   490  C CD1 . ILE A 1 66 ? -0.777  -9.762  -10.340 1.00 27.05 ? 249 ILE A CD1 1 
ATOM   491  N N   . GLU A 1 67 ? 1.936   -14.780 -10.685 1.00 22.25 ? 250 GLU A N   1 
ATOM   492  C CA  . GLU A 1 67 ? 2.771   -15.728 -11.445 1.00 23.17 ? 250 GLU A CA  1 
ATOM   493  C C   . GLU A 1 67 ? 2.161   -17.128 -11.456 1.00 22.34 ? 250 GLU A C   1 
ATOM   494  O O   . GLU A 1 67 ? 2.344   -17.892 -12.413 1.00 22.92 ? 250 GLU A O   1 
ATOM   495  C CB  . GLU A 1 67 ? 4.172   -15.823 -10.843 1.00 23.36 ? 250 GLU A CB  1 
ATOM   496  C CG  . GLU A 1 67 ? 5.038   -14.573 -11.012 1.00 26.02 ? 250 GLU A CG  1 
ATOM   497  C CD  . GLU A 1 67 ? 6.229   -14.527 -10.032 1.00 26.91 ? 250 GLU A CD  1 
ATOM   498  O OE1 . GLU A 1 67 ? 6.696   -15.604 -9.572  1.00 32.79 ? 250 GLU A OE1 1 
ATOM   499  O OE2 . GLU A 1 67 ? 6.711   -13.419 -9.739  1.00 33.30 ? 250 GLU A OE2 1 
ATOM   500  N N   . ARG A 1 68 ? 1.469   -17.487 -10.376 1.00 21.48 ? 251 ARG A N   1 
ATOM   501  C CA  . ARG A 1 68 ? 0.991   -18.875 -10.210 1.00 21.10 ? 251 ARG A CA  1 
ATOM   502  C C   . ARG A 1 68 ? -0.506  -19.046 -10.577 1.00 21.35 ? 251 ARG A C   1 
ATOM   503  O O   . ARG A 1 68 ? -1.103  -20.080 -10.300 1.00 20.81 ? 251 ARG A O   1 
ATOM   504  C CB  . ARG A 1 68 ? 1.240   -19.367 -8.767  1.00 22.24 ? 251 ARG A CB  1 
ATOM   505  C CG  . ARG A 1 68 ? 2.719   -19.479 -8.343  1.00 20.76 ? 251 ARG A CG  1 
ATOM   506  C CD  . ARG A 1 68 ? 2.860   -19.974 -6.901  1.00 19.90 ? 251 ARG A CD  1 
ATOM   507  N NE  . ARG A 1 68 ? 4.242   -19.930 -6.461  1.00 18.61 ? 251 ARG A NE  1 
ATOM   508  C CZ  . ARG A 1 68 ? 4.674   -20.369 -5.292  1.00 19.44 ? 251 ARG A CZ  1 
ATOM   509  N NH1 . ARG A 1 68 ? 3.822   -20.903 -4.426  1.00 21.31 ? 251 ARG A NH1 1 
ATOM   510  N NH2 . ARG A 1 68 ? 5.962   -20.279 -4.994  1.00 21.53 ? 251 ARG A NH2 1 
ATOM   511  N N   . SER A 1 69 ? -1.089  -18.018 -11.204 1.00 21.39 ? 252 SER A N   1 
ATOM   512  C CA  . SER A 1 69 ? -2.523  -17.974 -11.476 1.00 20.56 ? 252 SER A CA  1 
ATOM   513  C C   . SER A 1 69 ? -2.995  -18.855 -12.641 1.00 21.19 ? 252 SER A C   1 
ATOM   514  O O   . SER A 1 69 ? -4.197  -19.039 -12.810 1.00 20.59 ? 252 SER A O   1 
ATOM   515  C CB  . SER A 1 69 ? -2.991  -16.521 -11.668 1.00 21.25 ? 252 SER A CB  1 
ATOM   516  O OG  . SER A 1 69 ? -2.370  -15.907 -12.780 1.00 20.82 ? 252 SER A OG  1 
ATOM   517  N N   . LYS A 1 70 ? -2.071  -19.381 -13.456 1.00 20.28 ? 253 LYS A N   1 
ATOM   518  C CA  . LYS A 1 70 ? -2.450  -20.282 -14.570 1.00 21.86 ? 253 LYS A CA  1 
ATOM   519  C C   . LYS A 1 70 ? -3.544  -19.677 -15.481 1.00 21.24 ? 253 LYS A C   1 
ATOM   520  O O   . LYS A 1 70 ? -4.499  -20.373 -15.874 1.00 21.51 ? 253 LYS A O   1 
ATOM   521  C CB  . LYS A 1 70 ? -2.881  -21.650 -14.032 1.00 21.35 ? 253 LYS A CB  1 
ATOM   522  C CG  . LYS A 1 70 ? -1.796  -22.424 -13.226 1.00 23.01 ? 253 LYS A CG  1 
ATOM   523  C CD  . LYS A 1 70 ? -2.401  -23.680 -12.612 1.00 24.11 ? 253 LYS A CD  1 
ATOM   524  C CE  . LYS A 1 70 ? -1.587  -24.176 -11.413 1.00 27.44 ? 253 LYS A CE  1 
ATOM   525  N NZ  . LYS A 1 70 ? -0.356  -24.922 -11.772 1.00 28.87 ? 253 LYS A NZ  1 
ATOM   526  N N   . GLY A 1 71 ? -3.430  -18.376 -15.764 1.00 20.44 ? 254 GLY A N   1 
ATOM   527  C CA  . GLY A 1 71 ? -4.256  -17.722 -16.788 1.00 19.25 ? 254 GLY A CA  1 
ATOM   528  C C   . GLY A 1 71 ? -5.625  -17.234 -16.373 1.00 20.42 ? 254 GLY A C   1 
ATOM   529  O O   . GLY A 1 71 ? -6.366  -16.677 -17.191 1.00 20.40 ? 254 GLY A O   1 
ATOM   530  N N   . LYS A 1 72 ? -5.970  -17.450 -15.110 1.00 19.18 ? 255 LYS A N   1 
ATOM   531  C CA  . LYS A 1 72 ? -7.196  -16.897 -14.570 1.00 20.57 ? 255 LYS A CA  1 
ATOM   532  C C   . LYS A 1 72 ? -6.888  -16.142 -13.289 1.00 20.16 ? 255 LYS A C   1 
ATOM   533  O O   . LYS A 1 72 ? -6.327  -16.709 -12.368 1.00 20.50 ? 255 LYS A O   1 
ATOM   534  C CB  . LYS A 1 72 ? -8.262  -17.986 -14.330 1.00 19.71 ? 255 LYS A CB  1 
ATOM   535  C CG  . LYS A 1 72 ? -9.571  -17.389 -13.720 1.00 22.41 ? 255 LYS A CG  1 
ATOM   536  C CD  . LYS A 1 72 ? -10.649 -18.437 -13.522 1.00 23.25 ? 255 LYS A CD  1 
ATOM   537  C CE  . LYS A 1 72 ? -11.491 -18.512 -14.765 1.00 28.83 ? 255 LYS A CE  1 
ATOM   538  N NZ  . LYS A 1 72 ? -12.590 -19.488 -14.661 1.00 29.78 ? 255 LYS A NZ  1 
ATOM   539  N N   . LEU A 1 73 ? -7.255  -14.862 -13.258 1.00 20.49 ? 256 LEU A N   1 
ATOM   540  C CA  . LEU A 1 73 ? -7.023  -13.997 -12.114 1.00 20.92 ? 256 LEU A CA  1 
ATOM   541  C C   . LEU A 1 73 ? -8.369  -13.473 -11.629 1.00 22.58 ? 256 LEU A C   1 
ATOM   542  O O   . LEU A 1 73 ? -9.027  -12.686 -12.324 1.00 23.04 ? 256 LEU A O   1 
ATOM   543  C CB  . LEU A 1 73 ? -6.067  -12.854 -12.548 1.00 21.68 ? 256 LEU A CB  1 
ATOM   544  C CG  . LEU A 1 73 ? -5.320  -12.020 -11.511 1.00 22.83 ? 256 LEU A CG  1 
ATOM   545  C CD1 . LEU A 1 73 ? -4.435  -12.930 -10.659 1.00 25.32 ? 256 LEU A CD1 1 
ATOM   546  C CD2 . LEU A 1 73 ? -4.447  -10.975 -12.206 1.00 18.69 ? 256 LEU A CD2 1 
ATOM   547  N N   . LYS A 1 74 ? -8.804  -13.911 -10.450 1.00 21.68 ? 257 LYS A N   1 
ATOM   548  C CA  . LYS A 1 74 ? -10.051 -13.382 -9.877  1.00 23.16 ? 257 LYS A CA  1 
ATOM   549  C C   . LYS A 1 74 ? -9.650  -12.492 -8.743  1.00 22.93 ? 257 LYS A C   1 
ATOM   550  O O   . LYS A 1 74 ? -8.970  -12.935 -7.820  1.00 23.76 ? 257 LYS A O   1 
ATOM   551  C CB  . LYS A 1 74 ? -10.992 -14.489 -9.430  1.00 24.10 ? 257 LYS A CB  1 
ATOM   552  C CG  . LYS A 1 74 ? -11.383 -15.403 -10.581 1.00 26.94 ? 257 LYS A CG  1 
ATOM   553  C CD  . LYS A 1 74 ? -12.542 -16.291 -10.235 1.00 30.28 ? 257 LYS A CD  1 
ATOM   554  C CE  . LYS A 1 74 ? -12.071 -17.460 -9.415  1.00 32.54 ? 257 LYS A CE  1 
ATOM   555  N NZ  . LYS A 1 74 ? -11.822 -17.060 -7.990  1.00 33.13 ? 257 LYS A NZ  1 
ATOM   556  N N   . MET A 1 75 ? -10.013 -11.214 -8.838  1.00 22.51 ? 258 MET A N   1 
ATOM   557  C CA  . MET A 1 75 ? -9.657  -10.229 -7.817  1.00 23.22 ? 258 MET A CA  1 
ATOM   558  C C   . MET A 1 75 ? -10.881 -9.536  -7.227  1.00 22.07 ? 258 MET A C   1 
ATOM   559  O O   . MET A 1 75 ? -11.990 -9.588  -7.781  1.00 20.81 ? 258 MET A O   1 
ATOM   560  C CB  . MET A 1 75 ? -8.671  -9.180  -8.374  1.00 23.08 ? 258 MET A CB  1 
ATOM   561  C CG  . MET A 1 75 ? -7.388  -9.782  -8.880  1.00 25.24 ? 258 MET A CG  1 
ATOM   562  S SD  . MET A 1 75 ? -6.503  -8.595  -9.875  1.00 30.03 ? 258 MET A SD  1 
ATOM   563  C CE  . MET A 1 75 ? -7.566  -8.458  -11.305 1.00 30.87 ? 258 MET A CE  1 
ATOM   564  N N   . VAL A 1 76 ? -10.690 -8.952  -6.054  1.00 21.19 ? 259 VAL A N   1 
ATOM   565  C CA  . VAL A 1 76 ? -11.654 -8.003  -5.561  1.00 21.15 ? 259 VAL A CA  1 
ATOM   566  C C   . VAL A 1 76 ? -10.871 -6.729  -5.380  1.00 21.40 ? 259 VAL A C   1 
ATOM   567  O O   . VAL A 1 76 ? -9.796  -6.756  -4.798  1.00 20.18 ? 259 VAL A O   1 
ATOM   568  C CB  . VAL A 1 76 ? -12.319 -8.438  -4.260  1.00 22.04 ? 259 VAL A CB  1 
ATOM   569  C CG1 . VAL A 1 76 ? -13.246 -7.353  -3.754  1.00 22.01 ? 259 VAL A CG1 1 
ATOM   570  C CG2 . VAL A 1 76 ? -13.080 -9.755  -4.494  1.00 22.10 ? 259 VAL A CG2 1 
ATOM   571  N N   . VAL A 1 77 ? -11.413 -5.633  -5.899  1.00 21.33 ? 260 VAL A N   1 
ATOM   572  C CA  . VAL A 1 77 ? -10.725 -4.341  -5.802  1.00 23.00 ? 260 VAL A CA  1 
ATOM   573  C C   . VAL A 1 77 ? -11.588 -3.340  -5.087  1.00 25.16 ? 260 VAL A C   1 
ATOM   574  O O   . VAL A 1 77 ? -12.811 -3.495  -4.994  1.00 25.85 ? 260 VAL A O   1 
ATOM   575  C CB  . VAL A 1 77 ? -10.330 -3.792  -7.190  1.00 23.47 ? 260 VAL A CB  1 
ATOM   576  C CG1 . VAL A 1 77 ? -9.314  -4.716  -7.825  1.00 23.52 ? 260 VAL A CG1 1 
ATOM   577  C CG2 . VAL A 1 77 ? -11.539 -3.659  -8.106  1.00 23.77 ? 260 VAL A CG2 1 
ATOM   578  N N   . GLN A 1 78 ? -10.943 -2.325  -4.539  1.00 26.48 ? 261 GLN A N   1 
ATOM   579  C CA  . GLN A 1 78 ? -11.675 -1.179  -4.010  1.00 28.91 ? 261 GLN A CA  1 
ATOM   580  C C   . GLN A 1 78 ? -11.183 0.124   -4.653  1.00 30.06 ? 261 GLN A C   1 
ATOM   581  O O   . GLN A 1 78 ? -9.974  0.361   -4.766  1.00 28.70 ? 261 GLN A O   1 
ATOM   582  C CB  . GLN A 1 78 ? -11.589 -1.137  -2.476  1.00 29.43 ? 261 GLN A CB  1 
ATOM   583  C CG  . GLN A 1 78 ? -10.188 -1.261  -1.902  1.00 30.36 ? 261 GLN A CG  1 
ATOM   584  C CD  . GLN A 1 78 ? -10.092 -0.712  -0.473  1.00 31.69 ? 261 GLN A CD  1 
ATOM   585  O OE1 . GLN A 1 78 ? -11.007 -0.883  0.329   1.00 35.72 ? 261 GLN A OE1 1 
ATOM   586  N NE2 . GLN A 1 78 ? -8.975  -0.064  -0.149  1.00 35.96 ? 261 GLN A NE2 1 
ATOM   587  N N   . ARG A 1 79 ? -12.153 0.912   -5.129  1.00 32.04 ? 262 ARG A N   1 
ATOM   588  C CA  . ARG A 1 79 ? -12.019 2.309   -5.568  1.00 33.70 ? 262 ARG A CA  1 
ATOM   589  C C   . ARG A 1 79 ? -12.280 2.482   -7.058  1.00 34.77 ? 262 ARG A C   1 
ATOM   590  O O   . ARG A 1 79 ? -12.983 3.407   -7.462  1.00 35.44 ? 262 ARG A O   1 
ATOM   591  C CB  . ARG A 1 79 ? -10.679 2.936   -5.159  1.00 34.75 ? 262 ARG A CB  1 
ATOM   592  N N   . GLY B 1 1  ? -17.476 -3.489  -10.648 1.00 33.81 ? 184 GLY B N   1 
ATOM   593  C CA  . GLY B 1 1  ? -17.859 -3.094  -9.256  1.00 33.45 ? 184 GLY B CA  1 
ATOM   594  C C   . GLY B 1 1  ? -16.730 -3.304  -8.269  1.00 32.99 ? 184 GLY B C   1 
ATOM   595  O O   . GLY B 1 1  ? -15.832 -2.461  -8.159  1.00 34.18 ? 184 GLY B O   1 
ATOM   596  N N   . SER B 1 2  ? -16.781 -4.405  -7.517  1.00 31.46 ? 185 SER B N   1 
ATOM   597  C CA  . SER B 1 2  ? -15.623 -4.809  -6.744  1.00 28.60 ? 185 SER B CA  1 
ATOM   598  C C   . SER B 1 2  ? -15.000 -6.121  -7.216  1.00 26.35 ? 185 SER B C   1 
ATOM   599  O O   . SER B 1 2  ? -13.820 -6.286  -7.051  1.00 25.01 ? 185 SER B O   1 
ATOM   600  C CB  . SER B 1 2  ? -15.766 -4.693  -5.204  1.00 28.97 ? 185 SER B CB  1 
ATOM   601  O OG  . SER B 1 2  ? -17.129 -4.627  -4.733  1.00 31.74 ? 185 SER B OG  1 
ATOM   602  N N   . LYS B 1 3  ? -15.773 -6.998  -7.853  1.00 24.54 ? 186 LYS B N   1 
ATOM   603  C CA  . LYS B 1 3  ? -15.233 -8.260  -8.419  1.00 23.80 ? 186 LYS B CA  1 
ATOM   604  C C   . LYS B 1 3  ? -14.742 -8.115  -9.849  1.00 23.27 ? 186 LYS B C   1 
ATOM   605  O O   . LYS B 1 3  ? -15.456 -7.598  -10.720 1.00 23.70 ? 186 LYS B O   1 
ATOM   606  C CB  . LYS B 1 3  ? -16.281 -9.370  -8.356  1.00 24.17 ? 186 LYS B CB  1 
ATOM   607  C CG  . LYS B 1 3  ? -16.624 -9.830  -6.962  1.00 25.92 ? 186 LYS B CG  1 
ATOM   608  C CD  . LYS B 1 3  ? -17.314 -11.190 -6.967  1.00 29.36 ? 186 LYS B CD  1 
ATOM   609  C CE  . LYS B 1 3  ? -18.387 -11.267 -8.039  1.00 29.80 ? 186 LYS B CE  1 
ATOM   610  N NZ  . LYS B 1 3  ? -19.359 -12.390 -7.813  1.00 31.14 ? 186 LYS B NZ  1 
ATOM   611  N N   . VAL B 1 4  ? -13.526 -8.596  -10.119 1.00 21.42 ? 187 VAL B N   1 
ATOM   612  C CA  . VAL B 1 4  ? -12.977 -8.561  -11.472 1.00 21.89 ? 187 VAL B CA  1 
ATOM   613  C C   . VAL B 1 4  ? -12.367 -9.920  -11.771 1.00 20.99 ? 187 VAL B C   1 
ATOM   614  O O   . VAL B 1 4  ? -11.686 -10.484 -10.911 1.00 22.79 ? 187 VAL B O   1 
ATOM   615  C CB  . VAL B 1 4  ? -11.876 -7.471  -11.598 1.00 21.50 ? 187 VAL B CB  1 
ATOM   616  C CG1 . VAL B 1 4  ? -11.392 -7.345  -13.032 1.00 24.85 ? 187 VAL B CG1 1 
ATOM   617  C CG2 . VAL B 1 4  ? -12.403 -6.119  -11.083 1.00 24.26 ? 187 VAL B CG2 1 
ATOM   618  N N   . THR B 1 5  ? -12.622 -10.447 -12.958 1.00 21.38 ? 188 THR B N   1 
ATOM   619  C CA  . THR B 1 5  ? -11.974 -11.668 -13.427 1.00 20.30 ? 188 THR B CA  1 
ATOM   620  C C   . THR B 1 5  ? -11.310 -11.379 -14.782 1.00 21.00 ? 188 THR B C   1 
ATOM   621  O O   . THR B 1 5  ? -11.957 -10.898 -15.714 1.00 21.69 ? 188 THR B O   1 
ATOM   622  C CB  . THR B 1 5  ? -12.993 -12.821 -13.563 1.00 21.52 ? 188 THR B CB  1 
ATOM   623  O OG1 . THR B 1 5  ? -13.638 -13.017 -12.300 1.00 23.82 ? 188 THR B OG1 1 
ATOM   624  C CG2 . THR B 1 5  ? -12.317 -14.099 -13.985 1.00 20.60 ? 188 THR B CG2 1 
ATOM   625  N N   . LEU B 1 6  ? -10.013 -11.658 -14.869 1.00 19.49 ? 189 LEU B N   1 
ATOM   626  C CA  . LEU B 1 6  ? -9.267  -11.544 -16.140 1.00 19.61 ? 189 LEU B CA  1 
ATOM   627  C C   . LEU B 1 6  ? -8.887  -12.931 -16.539 1.00 18.76 ? 189 LEU B C   1 
ATOM   628  O O   . LEU B 1 6  ? -8.385  -13.671 -15.715 1.00 19.70 ? 189 LEU B O   1 
ATOM   629  C CB  . LEU B 1 6  ? -7.971  -10.760 -15.965 1.00 18.59 ? 189 LEU B CB  1 
ATOM   630  C CG  . LEU B 1 6  ? -8.122  -9.358  -15.415 1.00 20.21 ? 189 LEU B CG  1 
ATOM   631  C CD1 . LEU B 1 6  ? -6.758  -8.699  -15.230 1.00 21.54 ? 189 LEU B CD1 1 
ATOM   632  C CD2 . LEU B 1 6  ? -9.088  -8.489  -16.251 1.00 19.75 ? 189 LEU B CD2 1 
ATOM   633  N N   . VAL B 1 7  ? -9.103  -13.301 -17.795 1.00 19.43 ? 190 VAL B N   1 
ATOM   634  C CA  . VAL B 1 7  ? -8.680  -14.622 -18.211 1.00 19.35 ? 190 VAL B CA  1 
ATOM   635  C C   . VAL B 1 7  ? -7.871  -14.561 -19.513 1.00 18.99 ? 190 VAL B C   1 
ATOM   636  O O   . VAL B 1 7  ? -8.248  -13.868 -20.441 1.00 18.91 ? 190 VAL B O   1 
ATOM   637  C CB  . VAL B 1 7  ? -9.860  -15.679 -18.285 1.00 21.11 ? 190 VAL B CB  1 
ATOM   638  C CG1 . VAL B 1 7  ? -10.866 -15.491 -17.124 1.00 21.48 ? 190 VAL B CG1 1 
ATOM   639  C CG2 . VAL B 1 7  ? -10.579 -15.690 -19.601 1.00 22.58 ? 190 VAL B CG2 1 
ATOM   640  N N   . LYS B 1 8  ? -6.795  -15.333 -19.578 1.00 18.59 ? 191 LYS B N   1 
ATOM   641  C CA  . LYS B 1 8  ? -5.967  -15.407 -20.797 1.00 18.24 ? 191 LYS B CA  1 
ATOM   642  C C   . LYS B 1 8  ? -6.514  -16.428 -21.790 1.00 19.04 ? 191 LYS B C   1 
ATOM   643  O O   . LYS B 1 8  ? -7.080  -17.435 -21.378 1.00 20.00 ? 191 LYS B O   1 
ATOM   644  C CB  . LYS B 1 8  ? -4.559  -15.789 -20.395 1.00 18.04 ? 191 LYS B CB  1 
ATOM   645  C CG  . LYS B 1 8  ? -3.832  -14.677 -19.670 1.00 19.13 ? 191 LYS B CG  1 
ATOM   646  C CD  . LYS B 1 8  ? -2.465  -15.132 -19.233 1.00 17.48 ? 191 LYS B CD  1 
ATOM   647  C CE  . LYS B 1 8  ? -1.782  -14.006 -18.470 1.00 21.18 ? 191 LYS B CE  1 
ATOM   648  N NZ  . LYS B 1 8  ? -0.466  -14.449 -17.964 1.00 24.37 ? 191 LYS B NZ  1 
ATOM   649  N N   . SER B 1 9  ? -6.318  -16.179 -23.093 1.00 18.79 ? 192 SER B N   1 
ATOM   650  C CA  . SER B 1 9  ? -6.732  -17.121 -24.123 1.00 20.52 ? 192 SER B CA  1 
ATOM   651  C C   . SER B 1 9  ? -5.546  -17.949 -24.571 1.00 20.47 ? 192 SER B C   1 
ATOM   652  O O   . SER B 1 9  ? -5.708  -19.064 -25.088 1.00 20.91 ? 192 SER B O   1 
ATOM   653  C CB  . SER B 1 9  ? -7.310  -16.352 -25.314 1.00 21.22 ? 192 SER B CB  1 
ATOM   654  O OG  . SER B 1 9  ? -8.442  -15.609 -24.863 1.00 23.70 ? 192 SER B OG  1 
ATOM   655  N N   . ARG B 1 10 ? -4.349  -17.385 -24.389 1.00 21.57 ? 193 ARG B N   1 
ATOM   656  C CA  . ARG B 1 10 ? -3.094  -18.006 -24.831 1.00 23.56 ? 193 ARG B CA  1 
ATOM   657  C C   . ARG B 1 10 ? -2.048  -17.874 -23.731 1.00 24.73 ? 193 ARG B C   1 
ATOM   658  O O   . ARG B 1 10 ? -2.125  -16.972 -22.882 1.00 24.56 ? 193 ARG B O   1 
ATOM   659  C CB  . ARG B 1 10 ? -2.563  -17.344 -26.112 1.00 23.75 ? 193 ARG B CB  1 
ATOM   660  C CG  . ARG B 1 10 ? -3.635  -17.037 -27.138 1.00 26.66 ? 193 ARG B CG  1 
ATOM   661  C CD  . ARG B 1 10 ? -3.077  -16.856 -28.529 1.00 31.54 ? 193 ARG B CD  1 
ATOM   662  N NE  . ARG B 1 10 ? -4.181  -16.829 -29.480 1.00 35.59 ? 193 ARG B NE  1 
ATOM   663  C CZ  . ARG B 1 10 ? -4.115  -17.249 -30.737 1.00 36.55 ? 193 ARG B CZ  1 
ATOM   664  N NH1 . ARG B 1 10 ? -2.993  -17.752 -31.238 1.00 37.55 ? 193 ARG B NH1 1 
ATOM   665  N NH2 . ARG B 1 10 ? -5.195  -17.172 -31.494 1.00 38.28 ? 193 ARG B NH2 1 
ATOM   666  N N   . LYS B 1 11 ? -1.056  -18.761 -23.761 1.00 26.46 ? 194 LYS B N   1 
ATOM   667  C CA  . LYS B 1 11 ? 0.051   -18.670 -22.833 1.00 28.18 ? 194 LYS B CA  1 
ATOM   668  C C   . LYS B 1 11 ? 0.868   -17.442 -23.227 1.00 28.99 ? 194 LYS B C   1 
ATOM   669  O O   . LYS B 1 11 ? 0.929   -17.087 -24.410 1.00 29.73 ? 194 LYS B O   1 
ATOM   670  C CB  . LYS B 1 11 ? 0.892   -19.947 -22.890 1.00 28.26 ? 194 LYS B CB  1 
ATOM   671  C CG  . LYS B 1 11 ? 1.988   -20.051 -21.835 1.00 30.24 ? 194 LYS B CG  1 
ATOM   672  C CD  . LYS B 1 11 ? 1.456   -20.314 -20.421 1.00 31.79 ? 194 LYS B CD  1 
ATOM   673  C CE  . LYS B 1 11 ? 2.577   -20.798 -19.487 1.00 32.73 ? 194 LYS B CE  1 
ATOM   674  N NZ  . LYS B 1 11 ? 3.208   -22.100 -19.925 1.00 34.71 ? 194 LYS B NZ  1 
ATOM   675  N N   . ASN B 1 12 ? 1.472   -16.803 -22.233 1.00 29.90 ? 195 ASN B N   1 
ATOM   676  C CA  . ASN B 1 12 ? 2.304   -15.601 -22.419 1.00 30.92 ? 195 ASN B CA  1 
ATOM   677  C C   . ASN B 1 12 ? 1.601   -14.393 -23.059 1.00 30.27 ? 195 ASN B C   1 
ATOM   678  O O   . ASN B 1 12 ? 2.251   -13.481 -23.593 1.00 30.77 ? 195 ASN B O   1 
ATOM   679  C CB  . ASN B 1 12 ? 3.626   -15.935 -23.128 1.00 31.84 ? 195 ASN B CB  1 
ATOM   680  C CG  . ASN B 1 12 ? 4.738   -16.296 -22.152 1.00 34.19 ? 195 ASN B CG  1 
ATOM   681  O OD1 . ASN B 1 12 ? 5.571   -17.157 -22.441 1.00 36.99 ? 195 ASN B OD1 1 
ATOM   682  N ND2 . ASN B 1 12 ? 4.768   -15.630 -21.003 1.00 35.82 ? 195 ASN B ND2 1 
ATOM   683  N N   . GLU B 1 13 ? 0.271   -14.426 -23.053 1.00 29.17 ? 196 GLU B N   1 
ATOM   684  C CA  . GLU B 1 13 ? -0.498  -13.193 -23.061 1.00 28.08 ? 196 GLU B CA  1 
ATOM   685  C C   . GLU B 1 13 ? -0.159  -12.589 -21.709 1.00 25.94 ? 196 GLU B C   1 
ATOM   686  O O   . GLU B 1 13 ? 0.197   -13.335 -20.778 1.00 25.24 ? 196 GLU B O   1 
ATOM   687  C CB  . GLU B 1 13 ? -1.985  -13.497 -23.129 1.00 28.93 ? 196 GLU B CB  1 
ATOM   688  C CG  . GLU B 1 13 ? -2.831  -12.358 -23.638 1.00 31.12 ? 196 GLU B CG  1 
ATOM   689  C CD  . GLU B 1 13 ? -4.300  -12.711 -23.726 1.00 35.14 ? 196 GLU B CD  1 
ATOM   690  O OE1 . GLU B 1 13 ? -4.655  -13.905 -23.577 1.00 34.56 ? 196 GLU B OE1 1 
ATOM   691  O OE2 . GLU B 1 13 ? -5.110  -11.789 -23.948 1.00 36.63 ? 196 GLU B OE2 1 
ATOM   692  N N   . GLU B 1 14 ? -0.230  -11.260 -21.581 1.00 23.22 ? 197 GLU B N   1 
ATOM   693  C CA  . GLU B 1 14 ? -0.058  -10.638 -20.268 1.00 23.59 ? 197 GLU B CA  1 
ATOM   694  C C   . GLU B 1 14 ? -1.426  -10.194 -19.755 1.00 21.46 ? 197 GLU B C   1 
ATOM   695  O O   . GLU B 1 14 ? -2.334  -9.967  -20.542 1.00 20.60 ? 197 GLU B O   1 
ATOM   696  C CB  . GLU B 1 14 ? 0.871   -9.413  -20.333 1.00 23.06 ? 197 GLU B CB  1 
ATOM   697  C CG  . GLU B 1 14 ? 2.315   -9.682  -20.782 1.00 25.66 ? 197 GLU B CG  1 
ATOM   698  C CD  . GLU B 1 14 ? 3.256   -8.518  -20.474 1.00 26.08 ? 197 GLU B CD  1 
ATOM   699  O OE1 . GLU B 1 14 ? 2.834   -7.528  -19.829 1.00 28.31 ? 197 GLU B OE1 1 
ATOM   700  O OE2 . GLU B 1 14 ? 4.437   -8.584  -20.881 1.00 29.42 ? 197 GLU B OE2 1 
ATOM   701  N N   . TYR B 1 15 ? -1.570  -10.041 -18.444 1.00 21.46 ? 198 TYR B N   1 
ATOM   702  C CA  . TYR B 1 15 ? -2.801  -9.472  -17.870 1.00 20.91 ? 198 TYR B CA  1 
ATOM   703  C C   . TYR B 1 15 ? -2.867  -7.969  -18.138 1.00 21.07 ? 198 TYR B C   1 
ATOM   704  O O   . TYR B 1 15 ? -3.941  -7.418  -18.353 1.00 21.52 ? 198 TYR B O   1 
ATOM   705  C CB  . TYR B 1 15 ? -2.878  -9.705  -16.368 1.00 20.51 ? 198 TYR B CB  1 
ATOM   706  C CG  . TYR B 1 15 ? -3.153  -11.136 -15.989 1.00 18.97 ? 198 TYR B CG  1 
ATOM   707  C CD1 . TYR B 1 15 ? -4.306  -11.797 -16.428 1.00 20.52 ? 198 TYR B CD1 1 
ATOM   708  C CD2 . TYR B 1 15 ? -2.241  -11.843 -15.204 1.00 17.40 ? 198 TYR B CD2 1 
ATOM   709  C CE1 . TYR B 1 15 ? -4.555  -13.126 -16.077 1.00 20.01 ? 198 TYR B CE1 1 
ATOM   710  C CE2 . TYR B 1 15 ? -2.482  -13.188 -14.840 1.00 18.15 ? 198 TYR B CE2 1 
ATOM   711  C CZ  . TYR B 1 15 ? -3.631  -13.811 -15.286 1.00 19.21 ? 198 TYR B CZ  1 
ATOM   712  O OH  . TYR B 1 15 ? -3.854  -15.110 -14.919 1.00 19.16 ? 198 TYR B OH  1 
ATOM   713  N N   . GLY B 1 16 ? -1.701  -7.329  -18.178 1.00 19.95 ? 199 GLY B N   1 
ATOM   714  C CA  . GLY B 1 16 ? -1.621  -5.887  -18.378 1.00 19.84 ? 199 GLY B CA  1 
ATOM   715  C C   . GLY B 1 16 ? -1.612  -5.090  -17.098 1.00 20.46 ? 199 GLY B C   1 
ATOM   716  O O   . GLY B 1 16 ? -1.848  -3.882  -17.133 1.00 20.87 ? 199 GLY B O   1 
ATOM   717  N N   . LEU B 1 17 ? -1.381  -5.766  -15.968 1.00 21.03 ? 200 LEU B N   1 
ATOM   718  C CA  . LEU B 1 17 ? -1.361  -5.143  -14.637 1.00 20.84 ? 200 LEU B CA  1 
ATOM   719  C C   . LEU B 1 17 ? 0.046   -5.009  -14.114 1.00 21.50 ? 200 LEU B C   1 
ATOM   720  O O   . LEU B 1 17 ? 0.831   -5.978  -14.205 1.00 24.45 ? 200 LEU B O   1 
ATOM   721  C CB  . LEU B 1 17 ? -2.082  -6.035  -13.628 1.00 22.17 ? 200 LEU B CB  1 
ATOM   722  C CG  . LEU B 1 17 ? -3.576  -6.145  -13.770 1.00 23.67 ? 200 LEU B CG  1 
ATOM   723  C CD1 . LEU B 1 17 ? -4.073  -7.098  -12.675 1.00 26.04 ? 200 LEU B CD1 1 
ATOM   724  C CD2 . LEU B 1 17 ? -4.163  -4.774  -13.541 1.00 27.40 ? 200 LEU B CD2 1 
ATOM   725  N N   . ARG B 1 18 ? 0.398   -3.828  -13.604 1.00 19.63 ? 201 ARG B N   1 
ATOM   726  C CA  . ARG B 1 18 ? 1.619   -3.688  -12.841 1.00 21.02 ? 201 ARG B CA  1 
ATOM   727  C C   . ARG B 1 18 ? 1.179   -3.366  -11.413 1.00 20.72 ? 201 ARG B C   1 
ATOM   728  O O   . ARG B 1 18 ? 0.433   -2.432  -11.198 1.00 20.61 ? 201 ARG B O   1 
ATOM   729  C CB  . ARG B 1 18 ? 2.500   -2.568  -13.392 1.00 22.12 ? 201 ARG B CB  1 
ATOM   730  C CG  . ARG B 1 18 ? 3.786   -2.340  -12.601 1.00 25.24 ? 201 ARG B CG  1 
ATOM   731  C CD  . ARG B 1 18 ? 4.701   -1.303  -13.305 1.00 26.36 ? 201 ARG B CD  1 
ATOM   732  N NE  . ARG B 1 18 ? 5.857   -1.928  -13.959 1.00 36.09 ? 201 ARG B NE  1 
ATOM   733  C CZ  . ARG B 1 18 ? 6.485   -1.452  -15.040 1.00 38.01 ? 201 ARG B CZ  1 
ATOM   734  N NH1 . ARG B 1 18 ? 6.065   -0.347  -15.653 1.00 40.25 ? 201 ARG B NH1 1 
ATOM   735  N NH2 . ARG B 1 18 ? 7.531   -2.108  -15.534 1.00 39.15 ? 201 ARG B NH2 1 
ATOM   736  N N   . LEU B 1 19 ? 1.665   -4.130  -10.455 1.00 20.10 ? 202 LEU B N   1 
ATOM   737  C CA  . LEU B 1 19 ? 1.255   -3.913  -9.072  1.00 21.03 ? 202 LEU B CA  1 
ATOM   738  C C   . LEU B 1 19 ? 2.345   -3.165  -8.321  1.00 20.31 ? 202 LEU B C   1 
ATOM   739  O O   . LEU B 1 19 ? 3.525   -3.179  -8.710  1.00 20.53 ? 202 LEU B O   1 
ATOM   740  C CB  . LEU B 1 19 ? 0.961   -5.264  -8.355  1.00 21.96 ? 202 LEU B CB  1 
ATOM   741  C CG  . LEU B 1 19 ? -0.147  -6.167  -8.893  1.00 24.40 ? 202 LEU B CG  1 
ATOM   742  C CD1 . LEU B 1 19 ? -0.400  -7.345  -7.940  1.00 28.98 ? 202 LEU B CD1 1 
ATOM   743  C CD2 . LEU B 1 19 ? -1.435  -5.354  -9.118  1.00 27.79 ? 202 LEU B CD2 1 
ATOM   744  N N   . ALA B 1 20 ? 1.950   -2.502  -7.247  1.00 18.72 ? 203 ALA B N   1 
ATOM   745  C CA  . ALA B 1 20 ? 2.909   -1.898  -6.318  1.00 18.07 ? 203 ALA B CA  1 
ATOM   746  C C   . ALA B 1 20 ? 2.314   -1.998  -4.928  1.00 18.32 ? 203 ALA B C   1 
ATOM   747  O O   . ALA B 1 20 ? 1.197   -2.482  -4.753  1.00 19.43 ? 203 ALA B O   1 
ATOM   748  C CB  . ALA B 1 20 ? 3.147   -0.446  -6.691  1.00 17.99 ? 203 ALA B CB  1 
ATOM   749  N N   . SER B 1 21 ? 3.079   -1.578  -3.936  1.00 18.89 ? 204 SER B N   1 
ATOM   750  C CA  . SER B 1 21 ? 2.545   -1.566  -2.573  1.00 19.05 ? 204 SER B CA  1 
ATOM   751  C C   . SER B 1 21 ? 2.801   -0.213  -1.895  1.00 19.48 ? 204 SER B C   1 
ATOM   752  O O   . SER B 1 21 ? 3.745   0.495   -2.243  1.00 19.31 ? 204 SER B O   1 
ATOM   753  C CB  . SER B 1 21 ? 3.081   -2.741  -1.756  1.00 20.98 ? 204 SER B CB  1 
ATOM   754  O OG  . SER B 1 21 ? 4.399   -2.500  -1.365  1.00 23.16 ? 204 SER B OG  1 
ATOM   755  N N   . HIS B 1 22 ? 1.876   0.188   -1.029  1.00 18.30 ? 205 HIS B N   1 
ATOM   756  C CA  . HIS B 1 22 ? 1.999   1.439   -0.289  1.00 21.11 ? 205 HIS B CA  1 
ATOM   757  C C   . HIS B 1 22 ? 1.849   1.111   1.177   1.00 19.94 ? 205 HIS B C   1 
ATOM   758  O O   . HIS B 1 22 ? 1.065   0.216   1.576   1.00 20.32 ? 205 HIS B O   1 
ATOM   759  C CB  . HIS B 1 22 ? 0.854   2.418   -0.631  1.00 22.62 ? 205 HIS B CB  1 
ATOM   760  C CG  . HIS B 1 22 ? 1.126   3.337   -1.765  1.00 27.39 ? 205 HIS B CG  1 
ATOM   761  N ND1 . HIS B 1 22 ? 0.098   3.931   -2.460  1.00 30.25 ? 205 HIS B ND1 1 
ATOM   762  C CD2 . HIS B 1 22 ? 2.275   3.789   -2.326  1.00 30.46 ? 205 HIS B CD2 1 
ATOM   763  C CE1 . HIS B 1 22 ? 0.597   4.704   -3.411  1.00 31.36 ? 205 HIS B CE1 1 
ATOM   764  N NE2 . HIS B 1 22 ? 1.917   4.626   -3.360  1.00 33.26 ? 205 HIS B NE2 1 
ATOM   765  N N   . ILE B 1 23 ? 2.609   1.840   1.997   1.00 18.07 ? 206 ILE B N   1 
ATOM   766  C CA  . ILE B 1 23 ? 2.456   1.825   3.448   1.00 18.30 ? 206 ILE B CA  1 
ATOM   767  C C   . ILE B 1 23 ? 1.433   2.875   3.829   1.00 17.76 ? 206 ILE B C   1 
ATOM   768  O O   . ILE B 1 23 ? 1.446   3.966   3.281   1.00 18.26 ? 206 ILE B O   1 
ATOM   769  C CB  . ILE B 1 23 ? 3.819   2.155   4.121   1.00 18.32 ? 206 ILE B CB  1 
ATOM   770  C CG1 . ILE B 1 23 ? 4.873   1.092   3.787   1.00 18.03 ? 206 ILE B CG1 1 
ATOM   771  C CG2 . ILE B 1 23 ? 3.622   2.299   5.659   1.00 19.00 ? 206 ILE B CG2 1 
ATOM   772  C CD1 . ILE B 1 23 ? 4.565   -0.288  4.291   1.00 20.54 ? 206 ILE B CD1 1 
ATOM   773  N N   . PHE B 1 24 ? 0.507   2.555   4.735   1.00 18.53 ? 207 PHE B N   1 
ATOM   774  C CA  . PHE B 1 24 ? -0.489  3.564   5.126   1.00 19.07 ? 207 PHE B CA  1 
ATOM   775  C C   . PHE B 1 24 ? -0.805  3.507   6.605   1.00 18.67 ? 207 PHE B C   1 
ATOM   776  O O   . PHE B 1 24 ? -0.435  2.545   7.306   1.00 17.06 ? 207 PHE B O   1 
ATOM   777  C CB  . PHE B 1 24 ? -1.767  3.430   4.271   1.00 20.63 ? 207 PHE B CB  1 
ATOM   778  C CG  . PHE B 1 24 ? -2.588  2.223   4.599   1.00 19.18 ? 207 PHE B CG  1 
ATOM   779  C CD1 . PHE B 1 24 ? -3.707  2.326   5.436   1.00 23.13 ? 207 PHE B CD1 1 
ATOM   780  C CD2 . PHE B 1 24 ? -2.280  0.990   4.042   1.00 22.53 ? 207 PHE B CD2 1 
ATOM   781  C CE1 . PHE B 1 24 ? -4.490  1.215   5.748   1.00 23.18 ? 207 PHE B CE1 1 
ATOM   782  C CE2 . PHE B 1 24 ? -3.044  -0.143  4.346   1.00 22.62 ? 207 PHE B CE2 1 
ATOM   783  C CZ  . PHE B 1 24 ? -4.169  -0.028  5.207   1.00 21.56 ? 207 PHE B CZ  1 
ATOM   784  N N   . VAL B 1 25 ? -1.410  4.572   7.108   1.00 18.98 ? 208 VAL B N   1 
ATOM   785  C CA  . VAL B 1 25 ? -1.723  4.661   8.521   1.00 19.30 ? 208 VAL B CA  1 
ATOM   786  C C   . VAL B 1 25 ? -3.095  4.014   8.789   1.00 20.79 ? 208 VAL B C   1 
ATOM   787  O O   . VAL B 1 25 ? -4.111  4.520   8.342   1.00 20.99 ? 208 VAL B O   1 
ATOM   788  C CB  . VAL B 1 25 ? -1.711  6.106   9.049   1.00 19.67 ? 208 VAL B CB  1 
ATOM   789  C CG1 . VAL B 1 25 ? -1.955  6.095   10.553  1.00 21.71 ? 208 VAL B CG1 1 
ATOM   790  C CG2 . VAL B 1 25 ? -0.362  6.751   8.784   1.00 21.23 ? 208 VAL B CG2 1 
ATOM   791  N N   . LYS B 1 26 ? -3.088  2.892   9.496   1.00 21.08 ? 209 LYS B N   1 
ATOM   792  C CA  . LYS B 1 26 ? -4.308  2.138   9.763   1.00 23.34 ? 209 LYS B CA  1 
ATOM   793  C C   . LYS B 1 26 ? -5.020  2.742   10.962  1.00 23.31 ? 209 LYS B C   1 
ATOM   794  O O   . LYS B 1 26 ? -6.273  2.806   11.026  1.00 23.91 ? 209 LYS B O   1 
ATOM   795  C CB  . LYS B 1 26 ? -3.959  0.682   10.087  1.00 25.37 ? 209 LYS B CB  1 
ATOM   796  C CG  . LYS B 1 26 ? -5.178  -0.236  10.255  1.00 27.70 ? 209 LYS B CG  1 
ATOM   797  C CD  . LYS B 1 26 ? -5.638  -0.744  8.896   1.00 32.48 ? 209 LYS B CD  1 
ATOM   798  C CE  . LYS B 1 26 ? -7.129  -1.060  8.825   1.00 34.90 ? 209 LYS B CE  1 
ATOM   799  N NZ  . LYS B 1 26 ? -7.564  -0.752  7.412   1.00 34.44 ? 209 LYS B NZ  1 
ATOM   800  N N   . GLU B 1 27 ? -4.222  3.152   11.954  1.00 23.01 ? 210 GLU B N   1 
ATOM   801  C CA  . GLU B 1 27 ? -4.776  3.619   13.221  1.00 22.11 ? 210 GLU B CA  1 
ATOM   802  C C   . GLU B 1 27 ? -3.871  4.644   13.849  1.00 21.53 ? 210 GLU B C   1 
ATOM   803  O O   . GLU B 1 27 ? -2.663  4.574   13.674  1.00 22.19 ? 210 GLU B O   1 
ATOM   804  C CB  . GLU B 1 27 ? -4.971  2.434   14.199  1.00 23.07 ? 210 GLU B CB  1 
ATOM   805  N N   . ILE B 1 28 ? -4.453  5.623   14.541  1.00 21.03 ? 211 ILE B N   1 
ATOM   806  C CA  . ILE B 1 28 ? -3.627  6.576   15.300  1.00 20.19 ? 211 ILE B CA  1 
ATOM   807  C C   . ILE B 1 28 ? -4.130  6.464   16.746  1.00 20.55 ? 211 ILE B C   1 
ATOM   808  O O   . ILE B 1 28 ? -5.343  6.560   17.014  1.00 20.77 ? 211 ILE B O   1 
ATOM   809  C CB  . ILE B 1 28 ? -3.815  8.010   14.825  1.00 20.51 ? 211 ILE B CB  1 
ATOM   810  C CG1 . ILE B 1 28 ? -3.215  8.175   13.432  1.00 22.23 ? 211 ILE B CG1 1 
ATOM   811  C CG2 . ILE B 1 28 ? -3.125  8.997   15.807  1.00 22.70 ? 211 ILE B CG2 1 
ATOM   812  C CD1 . ILE B 1 28 ? -3.403  9.495   12.846  1.00 27.49 ? 211 ILE B CD1 1 
ATOM   813  N N   . SER B 1 29 ? -3.224  6.177   17.664  1.00 19.64 ? 212 SER B N   1 
ATOM   814  C CA  . SER B 1 29 ? -3.639  5.953   19.052  1.00 21.00 ? 212 SER B CA  1 
ATOM   815  C C   . SER B 1 29 ? -3.994  7.234   19.771  1.00 20.64 ? 212 SER B C   1 
ATOM   816  O O   . SER B 1 29 ? -3.422  8.281   19.517  1.00 21.23 ? 212 SER B O   1 
ATOM   817  C CB  . SER B 1 29 ? -2.536  5.257   19.833  1.00 22.38 ? 212 SER B CB  1 
ATOM   818  O OG  . SER B 1 29 ? -1.981  4.237   19.025  1.00 30.64 ? 212 SER B OG  1 
ATOM   819  N N   . GLN B 1 30 ? -4.925  7.152   20.724  1.00 19.19 ? 213 GLN B N   1 
ATOM   820  C CA  . GLN B 1 30 ? -5.243  8.311   21.491  1.00 19.17 ? 213 GLN B CA  1 
ATOM   821  C C   . GLN B 1 30 ? -4.057  8.655   22.393  1.00 20.65 ? 213 GLN B C   1 
ATOM   822  O O   . GLN B 1 30 ? -3.369  7.755   22.880  1.00 21.45 ? 213 GLN B O   1 
ATOM   823  C CB  . GLN B 1 30 ? -6.429  7.980   22.401  1.00 16.96 ? 213 GLN B CB  1 
ATOM   824  C CG  . GLN B 1 30 ? -6.860  9.154   23.243  1.00 20.49 ? 213 GLN B CG  1 
ATOM   825  C CD  . GLN B 1 30 ? -7.951  8.760   24.184  1.00 17.58 ? 213 GLN B CD  1 
ATOM   826  O OE1 . GLN B 1 30 ? -8.900  8.101   23.789  1.00 22.97 ? 213 GLN B OE1 1 
ATOM   827  N NE2 . GLN B 1 30 ? -7.837  9.155   25.449  1.00 21.13 ? 213 GLN B NE2 1 
ATOM   828  N N   . ASP B 1 31 ? -3.834  9.946   22.629  1.00 23.34 ? 214 ASP B N   1 
ATOM   829  C CA  . ASP B 1 31 ? -2.771  10.429  23.558  1.00 23.75 ? 214 ASP B CA  1 
ATOM   830  C C   . ASP B 1 31 ? -1.404  10.095  22.991  1.00 23.72 ? 214 ASP B C   1 
ATOM   831  O O   . ASP B 1 31 ? -0.484  9.738   23.719  1.00 26.42 ? 214 ASP B O   1 
ATOM   832  C CB  . ASP B 1 31 ? -2.902  9.864   24.995  1.00 26.32 ? 214 ASP B CB  1 
ATOM   833  C CG  . ASP B 1 31 ? -1.746  10.307  25.932  1.00 27.02 ? 214 ASP B CG  1 
ATOM   834  O OD1 . ASP B 1 31 ? -1.214  11.442  25.784  1.00 36.50 ? 214 ASP B OD1 1 
ATOM   835  O OD2 . ASP B 1 31 ? -1.346  9.518   26.824  1.00 30.90 ? 214 ASP B OD2 1 
ATOM   836  N N   . SER B 1 32 ? -1.284  10.180  21.692  1.00 22.47 ? 215 SER B N   1 
ATOM   837  C CA  . SER B 1 32 ? 0.015   9.933   21.060  1.00 21.33 ? 215 SER B CA  1 
ATOM   838  C C   . SER B 1 32 ? 0.500   11.203  20.402  1.00 20.38 ? 215 SER B C   1 
ATOM   839  O O   . SER B 1 32 ? -0.283  12.139  20.245  1.00 21.32 ? 215 SER B O   1 
ATOM   840  C CB  . SER B 1 32 ? -0.135  8.865   20.012  1.00 21.21 ? 215 SER B CB  1 
ATOM   841  O OG  . SER B 1 32 ? -0.990  9.298   18.972  1.00 22.34 ? 215 SER B OG  1 
ATOM   842  N N   . LEU B 1 33 ? 1.767   11.218  19.970  1.00 19.22 ? 216 LEU B N   1 
ATOM   843  C CA  . LEU B 1 33 ? 2.326   12.355  19.274  1.00 18.69 ? 216 LEU B CA  1 
ATOM   844  C C   . LEU B 1 33 ? 1.554   12.595  18.007  1.00 18.52 ? 216 LEU B C   1 
ATOM   845  O O   . LEU B 1 33 ? 1.265   13.748  17.631  1.00 18.92 ? 216 LEU B O   1 
ATOM   846  C CB  . LEU B 1 33 ? 3.857   12.190  19.037  1.00 19.31 ? 216 LEU B CB  1 
ATOM   847  C CG  . LEU B 1 33 ? 4.699   12.181  20.329  1.00 21.66 ? 216 LEU B CG  1 
ATOM   848  C CD1 . LEU B 1 33 ? 6.106   11.744  19.997  1.00 21.17 ? 216 LEU B CD1 1 
ATOM   849  C CD2 . LEU B 1 33 ? 4.722   13.530  21.063  1.00 23.19 ? 216 LEU B CD2 1 
ATOM   850  N N   . ALA B 1 34 ? 1.212   11.512  17.315  1.00 18.19 ? 217 ALA B N   1 
ATOM   851  C CA  . ALA B 1 34 ? 0.494   11.627  16.058  1.00 19.84 ? 217 ALA B CA  1 
ATOM   852  C C   . ALA B 1 34 ? -0.909  12.203  16.254  1.00 20.66 ? 217 ALA B C   1 
ATOM   853  O O   . ALA B 1 34 ? -1.385  12.948  15.394  1.00 20.99 ? 217 ALA B O   1 
ATOM   854  C CB  . ALA B 1 34 ? 0.422   10.297  15.406  1.00 18.82 ? 217 ALA B CB  1 
ATOM   855  N N   . ALA B 1 35 ? -1.563  11.841  17.359  1.00 21.95 ? 218 ALA B N   1 
ATOM   856  C CA  . ALA B 1 35 ? -2.885  12.377  17.681  1.00 24.09 ? 218 ALA B CA  1 
ATOM   857  C C   . ALA B 1 35 ? -2.819  13.873  17.955  1.00 25.39 ? 218 ALA B C   1 
ATOM   858  O O   . ALA B 1 35 ? -3.716  14.615  17.572  1.00 26.16 ? 218 ALA B O   1 
ATOM   859  C CB  . ALA B 1 35 ? -3.487  11.640  18.869  1.00 23.74 ? 218 ALA B CB  1 
ATOM   860  N N   . ARG B 1 36 ? -1.756  14.311  18.614  1.00 26.83 ? 219 ARG B N   1 
ATOM   861  C CA  . ARG B 1 36 ? -1.634  15.726  19.013  1.00 29.05 ? 219 ARG B CA  1 
ATOM   862  C C   . ARG B 1 36 ? -1.194  16.617  17.864  1.00 30.35 ? 219 ARG B C   1 
ATOM   863  O O   . ARG B 1 36 ? -1.562  17.785  17.795  1.00 31.67 ? 219 ARG B O   1 
ATOM   864  C CB  . ARG B 1 36 ? -0.676  15.868  20.186  1.00 28.71 ? 219 ARG B CB  1 
ATOM   865  C CG  . ARG B 1 36 ? -1.318  15.416  21.506  1.00 30.71 ? 219 ARG B CG  1 
ATOM   866  C CD  . ARG B 1 36 ? -0.689  16.117  22.708  1.00 35.19 ? 219 ARG B CD  1 
ATOM   867  N NE  . ARG B 1 36 ? -1.244  17.456  22.939  1.00 39.73 ? 219 ARG B NE  1 
ATOM   868  C CZ  . ARG B 1 36 ? -0.950  18.235  23.980  1.00 41.22 ? 219 ARG B CZ  1 
ATOM   869  N NH1 . ARG B 1 36 ? -0.088  17.836  24.910  1.00 42.59 ? 219 ARG B NH1 1 
ATOM   870  N NH2 . ARG B 1 36 ? -1.518  19.428  24.090  1.00 42.30 ? 219 ARG B NH2 1 
ATOM   871  N N   . ASP B 1 37 ? -0.402  16.059  16.963  1.00 31.84 ? 220 ASP B N   1 
ATOM   872  C CA  . ASP B 1 37 ? 0.095   16.823  15.848  1.00 32.93 ? 220 ASP B CA  1 
ATOM   873  C C   . ASP B 1 37 ? -1.063  17.212  14.929  1.00 33.29 ? 220 ASP B C   1 
ATOM   874  O O   . ASP B 1 37 ? -1.225  18.388  14.582  1.00 33.62 ? 220 ASP B O   1 
ATOM   875  C CB  . ASP B 1 37 ? 1.137   16.028  15.089  1.00 33.70 ? 220 ASP B CB  1 
ATOM   876  C CG  . ASP B 1 37 ? 1.675   16.781  13.916  1.00 34.80 ? 220 ASP B CG  1 
ATOM   877  O OD1 . ASP B 1 37 ? 2.485   17.709  14.133  1.00 37.18 ? 220 ASP B OD1 1 
ATOM   878  O OD2 . ASP B 1 37 ? 1.271   16.452  12.784  1.00 35.56 ? 220 ASP B OD2 1 
ATOM   879  N N   . GLY B 1 38 ? -1.861  16.218  14.551  1.00 33.38 ? 221 GLY B N   1 
ATOM   880  C CA  . GLY B 1 38 ? -3.046  16.419  13.733  1.00 34.02 ? 221 GLY B CA  1 
ATOM   881  C C   . GLY B 1 38 ? -2.806  16.687  12.257  1.00 34.35 ? 221 GLY B C   1 
ATOM   882  O O   . GLY B 1 38 ? -3.728  17.104  11.560  1.00 35.52 ? 221 GLY B O   1 
ATOM   883  N N   . ASN B 1 39 ? -1.586  16.461  11.772  1.00 34.04 ? 222 ASN B N   1 
ATOM   884  C CA  . ASN B 1 39 ? -1.275  16.658  10.345  1.00 33.32 ? 222 ASN B CA  1 
ATOM   885  C C   . ASN B 1 39 ? -1.299  15.335  9.572   1.00 33.33 ? 222 ASN B C   1 
ATOM   886  O O   . ASN B 1 39 ? -1.106  15.285  8.339   1.00 34.07 ? 222 ASN B O   1 
ATOM   887  C CB  . ASN B 1 39 ? 0.081   17.346  10.180  1.00 34.21 ? 222 ASN B CB  1 
ATOM   888  N N   . ILE B 1 40 ? -1.502  14.251  10.306  1.00 31.88 ? 223 ILE B N   1 
ATOM   889  C CA  . ILE B 1 40 ? -1.548  12.939  9.709   1.00 31.17 ? 223 ILE B CA  1 
ATOM   890  C C   . ILE B 1 40 ? -2.836  12.284  10.205  1.00 30.04 ? 223 ILE B C   1 
ATOM   891  O O   . ILE B 1 40 ? -3.195  12.447  11.370  1.00 30.14 ? 223 ILE B O   1 
ATOM   892  C CB  . ILE B 1 40 ? -0.210  12.159  10.036  1.00 31.46 ? 223 ILE B CB  1 
ATOM   893  C CG1 . ILE B 1 40 ? -0.136  10.808  9.304   1.00 32.24 ? 223 ILE B CG1 1 
ATOM   894  C CG2 . ILE B 1 40 ? 0.002   12.041  11.536  1.00 32.61 ? 223 ILE B CG2 1 
ATOM   895  C CD1 . ILE B 1 40 ? 1.297   10.221  9.210   1.00 33.07 ? 223 ILE B CD1 1 
ATOM   896  N N   . GLN B 1 41 ? -3.574  11.622  9.312   1.00 27.24 ? 224 GLN B N   1 
ATOM   897  C CA  . GLN B 1 41 ? -4.841  10.997  9.677   1.00 26.07 ? 224 GLN B CA  1 
ATOM   898  C C   . GLN B 1 41 ? -4.872  9.528   9.274   1.00 25.63 ? 224 GLN B C   1 
ATOM   899  O O   . GLN B 1 41 ? -4.085  9.089   8.420   1.00 23.73 ? 224 GLN B O   1 
ATOM   900  C CB  . GLN B 1 41 ? -6.041  11.767  9.055   1.00 26.17 ? 224 GLN B CB  1 
ATOM   901  N N   . GLU B 1 42 ? -5.766  8.757   9.893   1.00 24.19 ? 225 GLU B N   1 
ATOM   902  C CA  . GLU B 1 42 ? -5.948  7.364   9.507   1.00 24.23 ? 225 GLU B CA  1 
ATOM   903  C C   . GLU B 1 42 ? -6.278  7.315   8.012   1.00 23.98 ? 225 GLU B C   1 
ATOM   904  O O   . GLU B 1 42 ? -7.069  8.129   7.523   1.00 24.65 ? 225 GLU B O   1 
ATOM   905  C CB  . GLU B 1 42 ? -7.036  6.700   10.373  1.00 24.40 ? 225 GLU B CB  1 
ATOM   906  C CG  . GLU B 1 42 ? -6.571  6.624   11.804  1.00 26.91 ? 225 GLU B CG  1 
ATOM   907  C CD  . GLU B 1 42 ? -7.627  6.173   12.782  1.00 31.51 ? 225 GLU B CD  1 
ATOM   908  O OE1 . GLU B 1 42 ? -8.793  5.955   12.364  1.00 32.93 ? 225 GLU B OE1 1 
ATOM   909  O OE2 . GLU B 1 42 ? -7.274  6.048   13.987  1.00 32.58 ? 225 GLU B OE2 1 
ATOM   910  N N   . GLY B 1 43 ? -5.643  6.389   7.287   1.00 23.13 ? 226 GLY B N   1 
ATOM   911  C CA  . GLY B 1 43 ? -5.848  6.229   5.829   1.00 23.53 ? 226 GLY B CA  1 
ATOM   912  C C   . GLY B 1 43 ? -4.779  6.892   4.984   1.00 23.78 ? 226 GLY B C   1 
ATOM   913  O O   . GLY B 1 43 ? -4.642  6.607   3.769   1.00 25.68 ? 226 GLY B O   1 
ATOM   914  N N   . ASP B 1 44 ? -4.011  7.795   5.589   1.00 22.40 ? 227 ASP B N   1 
ATOM   915  C CA  . ASP B 1 44 ? -2.938  8.473   4.861   1.00 22.48 ? 227 ASP B CA  1 
ATOM   916  C C   . ASP B 1 44 ? -1.881  7.477   4.403   1.00 21.66 ? 227 ASP B C   1 
ATOM   917  O O   . ASP B 1 44 ? -1.433  6.637   5.181   1.00 20.43 ? 227 ASP B O   1 
ATOM   918  C CB  . ASP B 1 44 ? -2.247  9.512   5.760   1.00 22.30 ? 227 ASP B CB  1 
ATOM   919  C CG  . ASP B 1 44 ? -2.978  10.834  5.835   1.00 27.87 ? 227 ASP B CG  1 
ATOM   920  O OD1 . ASP B 1 44 ? -3.911  11.058  5.023   1.00 33.06 ? 227 ASP B OD1 1 
ATOM   921  O OD2 . ASP B 1 44 ? -2.599  11.684  6.687   1.00 28.09 ? 227 ASP B OD2 1 
ATOM   922  N N   . VAL B 1 45 ? -1.433  7.646   3.154   1.00 19.99 ? 228 VAL B N   1 
ATOM   923  C CA  . VAL B 1 45 ? -0.343  6.865   2.566   1.00 19.91 ? 228 VAL B CA  1 
ATOM   924  C C   . VAL B 1 45 ? 0.960   7.531   2.938   1.00 19.92 ? 228 VAL B C   1 
ATOM   925  O O   . VAL B 1 45 ? 1.070   8.735   2.855   1.00 20.41 ? 228 VAL B O   1 
ATOM   926  C CB  . VAL B 1 45 ? -0.491  6.810   1.042   1.00 19.80 ? 228 VAL B CB  1 
ATOM   927  C CG1 . VAL B 1 45 ? 0.734   6.173   0.444   1.00 22.27 ? 228 VAL B CG1 1 
ATOM   928  C CG2 . VAL B 1 45 ? -1.780  6.046   0.723   1.00 20.67 ? 228 VAL B CG2 1 
ATOM   929  N N   . VAL B 1 46 ? 1.902   6.748   3.459   1.00 20.61 ? 229 VAL B N   1 
ATOM   930  C CA  . VAL B 1 46 ? 3.199   7.251   3.882   1.00 21.84 ? 229 VAL B CA  1 
ATOM   931  C C   . VAL B 1 46 ? 4.226   7.031   2.799   1.00 24.50 ? 229 VAL B C   1 
ATOM   932  O O   . VAL B 1 46 ? 4.627   5.879   2.535   1.00 26.87 ? 229 VAL B O   1 
ATOM   933  C CB  . VAL B 1 46 ? 3.693   6.557   5.160   1.00 22.73 ? 229 VAL B CB  1 
ATOM   934  C CG1 . VAL B 1 46 ? 5.032   7.170   5.573   1.00 21.88 ? 229 VAL B CG1 1 
ATOM   935  C CG2 . VAL B 1 46 ? 2.669   6.721   6.235   1.00 23.21 ? 229 VAL B CG2 1 
ATOM   936  N N   . LEU B 1 47 ? 4.682   8.127   2.215   1.00 21.40 ? 230 LEU B N   1 
ATOM   937  C CA  . LEU B 1 47 ? 5.587   8.067   1.065   1.00 22.40 ? 230 LEU B CA  1 
ATOM   938  C C   . LEU B 1 47 ? 7.052   7.992   1.424   1.00 21.52 ? 230 LEU B C   1 
ATOM   939  O O   . LEU B 1 47 ? 7.815   7.443   0.645   1.00 22.11 ? 230 LEU B O   1 
ATOM   940  C CB  . LEU B 1 47 ? 5.366   9.248   0.139   1.00 22.61 ? 230 LEU B CB  1 
ATOM   941  C CG  . LEU B 1 47 ? 4.054   9.189   -0.631  1.00 25.20 ? 230 LEU B CG  1 
ATOM   942  C CD1 . LEU B 1 47 ? 4.019   10.401  -1.470  1.00 24.74 ? 230 LEU B CD1 1 
ATOM   943  C CD2 . LEU B 1 47 ? 3.879   7.928   -1.480  1.00 27.56 ? 230 LEU B CD2 1 
ATOM   944  N N   . LYS B 1 48 ? 7.432   8.534   2.583   1.00 20.95 ? 231 LYS B N   1 
ATOM   945  C CA  . LYS B 1 48 ? 8.851   8.529   3.033   1.00 21.43 ? 231 LYS B CA  1 
ATOM   946  C C   . LYS B 1 48 ? 8.878   8.512   4.544   1.00 20.02 ? 231 LYS B C   1 
ATOM   947  O O   . LYS B 1 48 ? 8.038   9.131   5.163   1.00 20.41 ? 231 LYS B O   1 
ATOM   948  C CB  . LYS B 1 48 ? 9.569   9.803   2.595   1.00 21.28 ? 231 LYS B CB  1 
ATOM   949  C CG  . LYS B 1 48 ? 9.689   10.005  1.108   1.00 24.99 ? 231 LYS B CG  1 
ATOM   950  C CD  . LYS B 1 48 ? 10.511  11.259  0.768   1.00 25.51 ? 231 LYS B CD  1 
ATOM   951  C CE  . LYS B 1 48 ? 11.822  11.332  1.567   1.00 32.10 ? 231 LYS B CE  1 
ATOM   952  N NZ  . LYS B 1 48 ? 12.343  12.727  1.800   1.00 35.02 ? 231 LYS B NZ  1 
ATOM   953  N N   . ILE B 1 49 ? 9.831   7.767   5.118   1.00 19.22 ? 232 ILE B N   1 
ATOM   954  C CA  . ILE B 1 49 ? 10.056  7.745   6.578   1.00 21.36 ? 232 ILE B CA  1 
ATOM   955  C C   . ILE B 1 49 ? 11.531  8.078   6.767   1.00 20.79 ? 232 ILE B C   1 
ATOM   956  O O   . ILE B 1 49 ? 12.392  7.321   6.321   1.00 20.94 ? 232 ILE B O   1 
ATOM   957  C CB  . ILE B 1 49 ? 9.725   6.373   7.154   1.00 19.75 ? 232 ILE B CB  1 
ATOM   958  C CG1 . ILE B 1 49 ? 8.218   6.092   7.028   1.00 22.29 ? 232 ILE B CG1 1 
ATOM   959  C CG2 . ILE B 1 49 ? 10.178  6.270   8.641   1.00 20.96 ? 232 ILE B CG2 1 
ATOM   960  C CD1 . ILE B 1 49 ? 7.815   4.640   7.331   1.00 22.85 ? 232 ILE B CD1 1 
ATOM   961  N N   . ASN B 1 50 ? 11.811  9.228   7.394   1.00 21.99 ? 233 ASN B N   1 
ATOM   962  C CA  . ASN B 1 50 ? 13.176  9.678   7.672   1.00 24.74 ? 233 ASN B CA  1 
ATOM   963  C C   . ASN B 1 50 ? 14.079  9.589   6.447   1.00 25.58 ? 233 ASN B C   1 
ATOM   964  O O   . ASN B 1 50 ? 15.219  9.086   6.487   1.00 26.76 ? 233 ASN B O   1 
ATOM   965  C CB  . ASN B 1 50 ? 13.737  8.965   8.893   1.00 24.99 ? 233 ASN B CB  1 
ATOM   966  C CG  . ASN B 1 50 ? 13.171  9.519   10.182  1.00 27.36 ? 233 ASN B CG  1 
ATOM   967  O OD1 . ASN B 1 50 ? 12.726  10.664  10.241  1.00 27.73 ? 233 ASN B OD1 1 
ATOM   968  N ND2 . ASN B 1 50 ? 13.251  8.737   11.233  1.00 29.84 ? 233 ASN B ND2 1 
ATOM   969  N N   . GLY B 1 51 ? 13.523  10.053  5.338   1.00 26.55 ? 234 GLY B N   1 
ATOM   970  C CA  . GLY B 1 51 ? 14.297  10.165  4.110   1.00 26.86 ? 234 GLY B CA  1 
ATOM   971  C C   . GLY B 1 51 ? 14.208  8.971   3.188   1.00 27.18 ? 234 GLY B C   1 
ATOM   972  O O   . GLY B 1 51 ? 14.553  9.087   2.016   1.00 28.02 ? 234 GLY B O   1 
ATOM   973  N N   . THR B 1 52 ? 13.739  7.838   3.694   1.00 26.17 ? 235 THR B N   1 
ATOM   974  C CA  . THR B 1 52 ? 13.668  6.598   2.922   1.00 25.64 ? 235 THR B CA  1 
ATOM   975  C C   . THR B 1 52 ? 12.300  6.435   2.244   1.00 25.61 ? 235 THR B C   1 
ATOM   976  O O   . THR B 1 52 ? 11.278  6.464   2.908   1.00 23.30 ? 235 THR B O   1 
ATOM   977  C CB  . THR B 1 52 ? 13.973  5.399   3.825   1.00 26.30 ? 235 THR B CB  1 
ATOM   978  O OG1 . THR B 1 52 ? 15.340  5.471   4.265   1.00 27.12 ? 235 THR B OG1 1 
ATOM   979  C CG2 . THR B 1 52 ? 13.758  4.087   3.099   1.00 26.66 ? 235 THR B CG2 1 
ATOM   980  N N   . VAL B 1 53 ? 12.286  6.227   0.929   1.00 24.97 ? 236 VAL B N   1 
ATOM   981  C CA  . VAL B 1 53 ? 11.008  6.063   0.225   1.00 24.73 ? 236 VAL B CA  1 
ATOM   982  C C   . VAL B 1 53 ? 10.425  4.684   0.553   1.00 25.37 ? 236 VAL B C   1 
ATOM   983  O O   . VAL B 1 53 ? 11.155  3.668   0.605   1.00 25.73 ? 236 VAL B O   1 
ATOM   984  C CB  . VAL B 1 53 ? 11.147  6.214   -1.294  1.00 26.13 ? 236 VAL B CB  1 
ATOM   985  C CG1 . VAL B 1 53 ? 11.448  7.670   -1.693  1.00 26.20 ? 236 VAL B CG1 1 
ATOM   986  C CG2 . VAL B 1 53 ? 12.238  5.336   -1.758  1.00 24.81 ? 236 VAL B CG2 1 
ATOM   987  N N   . THR B 1 54 ? 9.118   4.651   0.805   1.00 24.36 ? 237 THR B N   1 
ATOM   988  C CA  . THR B 1 54 ? 8.441   3.442   1.248   1.00 24.44 ? 237 THR B CA  1 
ATOM   989  C C   . THR B 1 54 ? 7.620   2.720   0.196   1.00 24.38 ? 237 THR B C   1 
ATOM   990  O O   . THR B 1 54 ? 6.997   1.697   0.496   1.00 23.78 ? 237 THR B O   1 
ATOM   991  C CB  . THR B 1 54 ? 7.495   3.749   2.377   1.00 25.81 ? 237 THR B CB  1 
ATOM   992  O OG1 . THR B 1 54 ? 6.555   4.721   1.888   1.00 26.88 ? 237 THR B OG1 1 
ATOM   993  C CG2 . THR B 1 54 ? 8.260   4.326   3.492   1.00 25.90 ? 237 THR B CG2 1 
ATOM   994  N N   . GLU B 1 55 ? 7.550   3.254   -1.017  1.00 23.50 ? 238 GLU B N   1 
ATOM   995  C CA  . GLU B 1 55 ? 6.862   2.501   -2.059  1.00 23.21 ? 238 GLU B CA  1 
ATOM   996  C C   . GLU B 1 55 ? 7.547   1.151   -2.244  1.00 22.14 ? 238 GLU B C   1 
ATOM   997  O O   . GLU B 1 55 ? 8.781   1.088   -2.350  1.00 21.13 ? 238 GLU B O   1 
ATOM   998  C CB  . GLU B 1 55 ? 6.796   3.290   -3.365  1.00 24.40 ? 238 GLU B CB  1 
ATOM   999  C CG  . GLU B 1 55 ? 5.838   2.621   -4.384  1.00 29.61 ? 238 GLU B CG  1 
ATOM   1000 C CD  . GLU B 1 55 ? 5.357   3.561   -5.483  1.00 35.71 ? 238 GLU B CD  1 
ATOM   1001 O OE1 . GLU B 1 55 ? 5.172   4.774   -5.223  1.00 39.73 ? 238 GLU B OE1 1 
ATOM   1002 O OE2 . GLU B 1 55 ? 5.137   3.068   -6.600  1.00 36.87 ? 238 GLU B OE2 1 
ATOM   1003 N N   . ASN B 1 56 ? 6.736   0.091   -2.261  1.00 19.60 ? 239 ASN B N   1 
ATOM   1004 C CA  . ASN B 1 56 ? 7.164   -1.280  -2.475  1.00 20.35 ? 239 ASN B CA  1 
ATOM   1005 C C   . ASN B 1 56 ? 7.990   -1.812  -1.336  1.00 21.12 ? 239 ASN B C   1 
ATOM   1006 O O   . ASN B 1 56 ? 8.701   -2.802  -1.471  1.00 22.71 ? 239 ASN B O   1 
ATOM   1007 C CB  . ASN B 1 56 ? 7.908   -1.444  -3.807  1.00 19.69 ? 239 ASN B CB  1 
ATOM   1008 C CG  . ASN B 1 56 ? 7.023   -1.137  -5.000  1.00 20.68 ? 239 ASN B CG  1 
ATOM   1009 O OD1 . ASN B 1 56 ? 5.804   -1.013  -4.877  1.00 20.54 ? 239 ASN B OD1 1 
ATOM   1010 N ND2 . ASN B 1 56 ? 7.630   -1.038  -6.172  1.00 23.10 ? 239 ASN B ND2 1 
ATOM   1011 N N   . MET B 1 57 ? 7.898   -1.151  -0.195  1.00 22.09 ? 240 MET B N   1 
ATOM   1012 C CA  . MET B 1 57 ? 8.643   -1.607  0.968   1.00 23.60 ? 240 MET B CA  1 
ATOM   1013 C C   . MET B 1 57 ? 7.754   -2.520  1.776   1.00 23.36 ? 240 MET B C   1 
ATOM   1014 O O   . MET B 1 57 ? 6.558   -2.262  1.899   1.00 22.52 ? 240 MET B O   1 
ATOM   1015 C CB  . MET B 1 57 ? 9.020   -0.421  1.838   1.00 23.31 ? 240 MET B CB  1 
ATOM   1016 C CG  . MET B 1 57 ? 9.750   -0.842  3.066   1.00 24.71 ? 240 MET B CG  1 
ATOM   1017 S SD  . MET B 1 57 ? 10.371  0.554   3.978   1.00 29.23 ? 240 MET B SD  1 
ATOM   1018 C CE  . MET B 1 57 ? 11.638  1.124   2.835   1.00 27.20 ? 240 MET B CE  1 
ATOM   1019 N N   . SER B 1 58 ? 8.316   -3.604  2.320   1.00 22.24 ? 241 SER B N   1 
ATOM   1020 C CA  . SER B 1 58 ? 7.512   -4.488  3.131   1.00 21.72 ? 241 SER B CA  1 
ATOM   1021 C C   . SER B 1 58 ? 7.101   -3.796  4.430   1.00 21.72 ? 241 SER B C   1 
ATOM   1022 O O   . SER B 1 58 ? 7.816   -2.925  4.924   1.00 22.32 ? 241 SER B O   1 
ATOM   1023 C CB  . SER B 1 58 ? 8.259   -5.785  3.442   1.00 22.91 ? 241 SER B CB  1 
ATOM   1024 O OG  . SER B 1 58 ? 9.116   -5.592  4.541   1.00 24.09 ? 241 SER B OG  1 
ATOM   1025 N N   . LEU B 1 59 ? 5.963   -4.196  4.988   1.00 20.50 ? 242 LEU B N   1 
ATOM   1026 C CA  . LEU B 1 59 ? 5.439   -3.530  6.183   1.00 19.89 ? 242 LEU B CA  1 
ATOM   1027 C C   . LEU B 1 59 ? 6.413   -3.713  7.342   1.00 19.65 ? 242 LEU B C   1 
ATOM   1028 O O   . LEU B 1 59 ? 6.637   -2.784  8.116   1.00 19.34 ? 242 LEU B O   1 
ATOM   1029 C CB  . LEU B 1 59 ? 4.053   -4.067  6.541   1.00 20.66 ? 242 LEU B CB  1 
ATOM   1030 C CG  . LEU B 1 59 ? 3.379   -3.551  7.811   1.00 20.49 ? 242 LEU B CG  1 
ATOM   1031 C CD1 . LEU B 1 59 ? 3.299   -2.046  7.822   1.00 20.29 ? 242 LEU B CD1 1 
ATOM   1032 C CD2 . LEU B 1 59 ? 1.972   -4.166  8.035   1.00 22.34 ? 242 LEU B CD2 1 
ATOM   1033 N N   . THR B 1 60 ? 7.003   -4.903  7.462   1.00 19.73 ? 243 THR B N   1 
ATOM   1034 C CA  . THR B 1 60 ? 7.981   -5.105  8.522   1.00 20.27 ? 243 THR B CA  1 
ATOM   1035 C C   . THR B 1 60 ? 9.175   -4.189  8.371   1.00 20.10 ? 243 THR B C   1 
ATOM   1036 O O   . THR B 1 60 ? 9.658   -3.628  9.359   1.00 20.88 ? 243 THR B O   1 
ATOM   1037 C CB  . THR B 1 60 ? 8.377   -6.566  8.586   1.00 19.62 ? 243 THR B CB  1 
ATOM   1038 O OG1 . THR B 1 60 ? 7.224   -7.285  9.039   1.00 22.91 ? 243 THR B OG1 1 
ATOM   1039 C CG2 . THR B 1 60 ? 9.507   -6.803  9.599   1.00 20.75 ? 243 THR B CG2 1 
ATOM   1040 N N   . ASP B 1 61 ? 9.613   -3.966  7.129   1.00 21.64 ? 244 ASP B N   1 
ATOM   1041 C CA  . ASP B 1 61 ? 10.700  -3.021  6.860   1.00 21.25 ? 244 ASP B CA  1 
ATOM   1042 C C   . ASP B 1 61 ? 10.316  -1.560  7.226   1.00 20.27 ? 244 ASP B C   1 
ATOM   1043 O O   . ASP B 1 61 ? 11.117  -0.848  7.815   1.00 19.09 ? 244 ASP B O   1 
ATOM   1044 C CB  . ASP B 1 61 ? 11.145  -3.090  5.392   1.00 23.03 ? 244 ASP B CB  1 
ATOM   1045 C CG  . ASP B 1 61 ? 12.076  -4.276  5.105   1.00 26.83 ? 244 ASP B CG  1 
ATOM   1046 O OD1 . ASP B 1 61 ? 12.675  -4.845  6.060   1.00 32.50 ? 244 ASP B OD1 1 
ATOM   1047 O OD2 . ASP B 1 61 ? 12.219  -4.644  3.917   1.00 34.50 ? 244 ASP B OD2 1 
ATOM   1048 N N   . ALA B 1 62 ? 9.078   -1.141  6.912   1.00 20.29 ? 245 ALA B N   1 
ATOM   1049 C CA  . ALA B 1 62 ? 8.611   0.185   7.312   1.00 19.31 ? 245 ALA B CA  1 
ATOM   1050 C C   . ALA B 1 62 ? 8.553   0.354   8.827   1.00 18.23 ? 245 ALA B C   1 
ATOM   1051 O O   . ALA B 1 62 ? 8.984   1.367   9.371   1.00 17.67 ? 245 ALA B O   1 
ATOM   1052 C CB  . ALA B 1 62 ? 7.226   0.451   6.729   1.00 19.43 ? 245 ALA B CB  1 
ATOM   1053 N N   . LYS B 1 63 ? 8.024   -0.658  9.524   1.00 18.05 ? 246 LYS B N   1 
ATOM   1054 C CA  . LYS B 1 63 ? 8.035   -0.655  10.983  1.00 17.24 ? 246 LYS B CA  1 
ATOM   1055 C C   . LYS B 1 63 ? 9.444   -0.556  11.571  1.00 18.07 ? 246 LYS B C   1 
ATOM   1056 O O   . LYS B 1 63 ? 9.640   0.121   12.572  1.00 19.65 ? 246 LYS B O   1 
ATOM   1057 C CB  . LYS B 1 63 ? 7.309   -1.887  11.508  1.00 18.29 ? 246 LYS B CB  1 
ATOM   1058 C CG  . LYS B 1 63 ? 5.853   -1.858  11.197  1.00 20.24 ? 246 LYS B CG  1 
ATOM   1059 C CD  . LYS B 1 63 ? 5.168   -3.142  11.644  1.00 23.59 ? 246 LYS B CD  1 
ATOM   1060 C CE  . LYS B 1 63 ? 3.661   -3.025  11.449  1.00 26.02 ? 246 LYS B CE  1 
ATOM   1061 N NZ  . LYS B 1 63 ? 3.051   -4.322  11.874  1.00 29.09 ? 246 LYS B NZ  1 
ATOM   1062 N N   . THR B 1 64 ? 10.417  -1.218  10.944  1.00 18.51 ? 247 THR B N   1 
ATOM   1063 C CA  . THR B 1 64 ? 11.807  -1.122  11.363  1.00 18.68 ? 247 THR B CA  1 
ATOM   1064 C C   . THR B 1 64 ? 12.320  0.342   11.311  1.00 19.08 ? 247 THR B C   1 
ATOM   1065 O O   . THR B 1 64 ? 12.984  0.784   12.224  1.00 19.55 ? 247 THR B O   1 
ATOM   1066 C CB  . THR B 1 64 ? 12.680  -2.067  10.542  1.00 18.48 ? 247 THR B CB  1 
ATOM   1067 O OG1 . THR B 1 64 ? 12.315  -3.426  10.840  1.00 17.44 ? 247 THR B OG1 1 
ATOM   1068 C CG2 . THR B 1 64 ? 14.161  -1.890  10.832  1.00 18.84 ? 247 THR B CG2 1 
ATOM   1069 N N   . LEU B 1 65 ? 11.975  1.080   10.258  1.00 19.96 ? 248 LEU B N   1 
ATOM   1070 C CA  . LEU B 1 65 ? 12.365  2.492   10.146  1.00 20.61 ? 248 LEU B CA  1 
ATOM   1071 C C   . LEU B 1 65 ? 11.842  3.334   11.278  1.00 20.36 ? 248 LEU B C   1 
ATOM   1072 O O   . LEU B 1 65 ? 12.543  4.212   11.799  1.00 22.43 ? 248 LEU B O   1 
ATOM   1073 C CB  . LEU B 1 65 ? 11.862  3.090   8.837   1.00 20.35 ? 248 LEU B CB  1 
ATOM   1074 C CG  . LEU B 1 65 ? 12.457  2.498   7.561   1.00 21.72 ? 248 LEU B CG  1 
ATOM   1075 C CD1 . LEU B 1 65 ? 11.700  3.082   6.387   1.00 28.16 ? 248 LEU B CD1 1 
ATOM   1076 C CD2 . LEU B 1 65 ? 13.937  2.773   7.457   1.00 26.49 ? 248 LEU B CD2 1 
ATOM   1077 N N   . ILE B 1 66 ? 10.624  3.041   11.723  1.00 22.22 ? 249 ILE B N   1 
ATOM   1078 C CA  . ILE B 1 66 ? 10.082  3.766   12.860  1.00 21.00 ? 249 ILE B CA  1 
ATOM   1079 C C   . ILE B 1 66 ? 10.860  3.345   14.132  1.00 20.88 ? 249 ILE B C   1 
ATOM   1080 O O   . ILE B 1 66 ? 11.313  4.175   14.933  1.00 22.50 ? 249 ILE B O   1 
ATOM   1081 C CB  . ILE B 1 66 ? 8.569   3.530   13.053  1.00 22.19 ? 249 ILE B CB  1 
ATOM   1082 C CG1 . ILE B 1 66 ? 7.779   3.978   11.797  1.00 24.58 ? 249 ILE B CG1 1 
ATOM   1083 C CG2 . ILE B 1 66 ? 8.101   4.300   14.245  1.00 21.15 ? 249 ILE B CG2 1 
ATOM   1084 C CD1 . ILE B 1 66 ? 6.293   3.958   12.016  1.00 28.04 ? 249 ILE B CD1 1 
ATOM   1085 N N   . GLU B 1 67 ? 11.078  2.050   14.314  1.00 20.35 ? 250 GLU B N   1 
ATOM   1086 C CA  . GLU B 1 67 ? 11.745  1.577   15.525  1.00 20.73 ? 250 GLU B CA  1 
ATOM   1087 C C   . GLU B 1 67 ? 13.168  2.127   15.690  1.00 21.64 ? 250 GLU B C   1 
ATOM   1088 O O   . GLU B 1 67 ? 13.639  2.304   16.807  1.00 21.82 ? 250 GLU B O   1 
ATOM   1089 C CB  . GLU B 1 67 ? 11.761  0.051   15.496  1.00 21.48 ? 250 GLU B CB  1 
ATOM   1090 C CG  . GLU B 1 67 ? 12.176  -0.606  16.806  1.00 23.75 ? 250 GLU B CG  1 
ATOM   1091 C CD  . GLU B 1 67 ? 13.617  -0.999  16.842  1.00 28.73 ? 250 GLU B CD  1 
ATOM   1092 O OE1 . GLU B 1 67 ? 14.285  -0.867  15.795  1.00 34.48 ? 250 GLU B OE1 1 
ATOM   1093 O OE2 . GLU B 1 67 ? 14.079  -1.447  17.925  1.00 32.96 ? 250 GLU B OE2 1 
ATOM   1094 N N   . ARG B 1 68 ? 13.808  2.421   14.566  1.00 22.27 ? 251 ARG B N   1 
ATOM   1095 C CA  . ARG B 1 68 ? 15.190  2.924   14.502  1.00 25.09 ? 251 ARG B CA  1 
ATOM   1096 C C   . ARG B 1 68 ? 15.299  4.470   14.439  1.00 25.41 ? 251 ARG B C   1 
ATOM   1097 O O   . ARG B 1 68 ? 16.389  5.011   14.184  1.00 25.87 ? 251 ARG B O   1 
ATOM   1098 C CB  . ARG B 1 68 ? 15.870  2.347   13.273  1.00 25.52 ? 251 ARG B CB  1 
ATOM   1099 C CG  . ARG B 1 68 ? 16.264  0.874   13.383  1.00 28.05 ? 251 ARG B CG  1 
ATOM   1100 C CD  . ARG B 1 68 ? 16.837  0.424   12.039  1.00 33.36 ? 251 ARG B CD  1 
ATOM   1101 N NE  . ARG B 1 68 ? 17.009  -1.028  11.911  1.00 37.19 ? 251 ARG B NE  1 
ATOM   1102 C CZ  . ARG B 1 68 ? 17.512  -1.635  10.830  1.00 39.10 ? 251 ARG B CZ  1 
ATOM   1103 N NH1 . ARG B 1 68 ? 17.900  -0.921  9.785   1.00 40.58 ? 251 ARG B NH1 1 
ATOM   1104 N NH2 . ARG B 1 68 ? 17.625  -2.963  10.784  1.00 39.89 ? 251 ARG B NH2 1 
ATOM   1105 N N   . SER B 1 69 ? 14.202  5.174   14.715  1.00 24.95 ? 252 SER B N   1 
ATOM   1106 C CA  . SER B 1 69 ? 14.128  6.616   14.428  1.00 25.54 ? 252 SER B CA  1 
ATOM   1107 C C   . SER B 1 69 ? 14.801  7.504   15.474  1.00 26.10 ? 252 SER B C   1 
ATOM   1108 O O   . SER B 1 69 ? 15.024  8.704   15.222  1.00 26.98 ? 252 SER B O   1 
ATOM   1109 C CB  . SER B 1 69 ? 12.668  7.040   14.258  1.00 25.29 ? 252 SER B CB  1 
ATOM   1110 O OG  . SER B 1 69 ? 11.989  6.750   15.450  1.00 25.45 ? 252 SER B OG  1 
ATOM   1111 N N   . LYS B 1 70 ? 15.106  6.931   16.635  1.00 26.53 ? 253 LYS B N   1 
ATOM   1112 C CA  . LYS B 1 70 ? 15.754  7.674   17.730  1.00 27.35 ? 253 LYS B CA  1 
ATOM   1113 C C   . LYS B 1 70 ? 14.942  8.896   18.189  1.00 27.57 ? 253 LYS B C   1 
ATOM   1114 O O   . LYS B 1 70 ? 15.506  9.941   18.508  1.00 28.65 ? 253 LYS B O   1 
ATOM   1115 C CB  . LYS B 1 70 ? 17.184  8.083   17.341  1.00 27.44 ? 253 LYS B CB  1 
ATOM   1116 C CG  . LYS B 1 70 ? 18.123  6.912   17.160  1.00 30.01 ? 253 LYS B CG  1 
ATOM   1117 C CD  . LYS B 1 70 ? 19.384  7.358   16.446  1.00 32.03 ? 253 LYS B CD  1 
ATOM   1118 C CE  . LYS B 1 70 ? 20.027  6.199   15.700  1.00 35.05 ? 253 LYS B CE  1 
ATOM   1119 N NZ  . LYS B 1 70 ? 20.338  5.045   16.604  1.00 37.00 ? 253 LYS B NZ  1 
ATOM   1120 N N   . GLY B 1 71 ? 13.620  8.769   18.227  1.00 26.64 ? 254 GLY B N   1 
ATOM   1121 C CA  . GLY B 1 71 ? 12.810  9.823   18.814  1.00 26.19 ? 254 GLY B CA  1 
ATOM   1122 C C   . GLY B 1 71 ? 12.473  11.000  17.903  1.00 25.46 ? 254 GLY B C   1 
ATOM   1123 O O   . GLY B 1 71 ? 11.712  11.873  18.295  1.00 25.30 ? 254 GLY B O   1 
ATOM   1124 N N   . LYS B 1 72 ? 13.012  11.024  16.691  1.00 23.39 ? 255 LYS B N   1 
ATOM   1125 C CA  . LYS B 1 72 ? 12.614  12.029  15.703  1.00 23.70 ? 255 LYS B CA  1 
ATOM   1126 C C   . LYS B 1 72 ? 12.101  11.296  14.448  1.00 23.71 ? 255 LYS B C   1 
ATOM   1127 O O   . LYS B 1 72 ? 12.833  10.549  13.829  1.00 23.96 ? 255 LYS B O   1 
ATOM   1128 C CB  . LYS B 1 72 ? 13.829  12.933  15.391  1.00 24.66 ? 255 LYS B CB  1 
ATOM   1129 C CG  . LYS B 1 72 ? 13.646  13.927  14.273  1.00 27.25 ? 255 LYS B CG  1 
ATOM   1130 C CD  . LYS B 1 72 ? 14.581  15.081  14.487  1.00 29.75 ? 255 LYS B CD  1 
ATOM   1131 C CE  . LYS B 1 72 ? 15.235  15.540  13.186  1.00 32.98 ? 255 LYS B CE  1 
ATOM   1132 N NZ  . LYS B 1 72 ? 16.331  16.514  13.415  1.00 36.96 ? 255 LYS B NZ  1 
ATOM   1133 N N   . LEU B 1 73 ? 10.840  11.524  14.081  1.00 22.08 ? 256 LEU B N   1 
ATOM   1134 C CA  . LEU B 1 73 ? 10.247  10.853  12.925  1.00 21.59 ? 256 LEU B CA  1 
ATOM   1135 C C   . LEU B 1 73 ? 9.792   11.899  11.918  1.00 22.75 ? 256 LEU B C   1 
ATOM   1136 O O   . LEU B 1 73 ? 8.870   12.621  12.197  1.00 23.34 ? 256 LEU B O   1 
ATOM   1137 C CB  . LEU B 1 73 ? 9.076   9.955   13.405  1.00 21.79 ? 256 LEU B CB  1 
ATOM   1138 C CG  . LEU B 1 73 ? 8.277   9.093   12.435  1.00 21.99 ? 256 LEU B CG  1 
ATOM   1139 C CD1 . LEU B 1 73 ? 9.194   8.085   11.750  1.00 24.64 ? 256 LEU B CD1 1 
ATOM   1140 C CD2 . LEU B 1 73 ? 7.174   8.330   13.111  1.00 23.03 ? 256 LEU B CD2 1 
ATOM   1141 N N   . LYS B 1 74 ? 10.458  11.983  10.765  1.00 21.71 ? 257 LYS B N   1 
ATOM   1142 C CA  . LYS B 1 74 ? 10.047  12.890  9.682   1.00 23.18 ? 257 LYS B CA  1 
ATOM   1143 C C   . LYS B 1 74 ? 9.355   12.074  8.589   1.00 24.62 ? 257 LYS B C   1 
ATOM   1144 O O   . LYS B 1 74 ? 9.967   11.188  7.992   1.00 25.77 ? 257 LYS B O   1 
ATOM   1145 C CB  . LYS B 1 74 ? 11.266  13.630  9.092   1.00 24.14 ? 257 LYS B CB  1 
ATOM   1146 C CG  . LYS B 1 74 ? 12.152  14.296  10.134  1.00 26.59 ? 257 LYS B CG  1 
ATOM   1147 C CD  . LYS B 1 74 ? 12.728  15.642  9.659   1.00 29.79 ? 257 LYS B CD  1 
ATOM   1148 C CE  . LYS B 1 74 ? 12.761  16.605  10.851  1.00 34.37 ? 257 LYS B CE  1 
ATOM   1149 N NZ  . LYS B 1 74 ? 12.302  18.017  10.548  1.00 33.37 ? 257 LYS B NZ  1 
ATOM   1150 N N   . MET B 1 75 ? 8.096   12.360  8.299   1.00 24.95 ? 258 MET B N   1 
ATOM   1151 C CA  . MET B 1 75 ? 7.385   11.576  7.288   1.00 26.83 ? 258 MET B CA  1 
ATOM   1152 C C   . MET B 1 75 ? 6.881   12.459  6.173   1.00 25.73 ? 258 MET B C   1 
ATOM   1153 O O   . MET B 1 75 ? 6.693   13.653  6.383   1.00 26.21 ? 258 MET B O   1 
ATOM   1154 C CB  . MET B 1 75 ? 6.231   10.830  7.915   1.00 27.58 ? 258 MET B CB  1 
ATOM   1155 C CG  . MET B 1 75 ? 6.688   9.625   8.670   1.00 28.40 ? 258 MET B CG  1 
ATOM   1156 S SD  . MET B 1 75 ? 5.362   9.010   9.679   1.00 35.41 ? 258 MET B SD  1 
ATOM   1157 C CE  . MET B 1 75 ? 4.965   10.495  10.616  1.00 36.62 ? 258 MET B CE  1 
ATOM   1158 N N   . VAL B 1 76 ? 6.751   11.889  4.974   1.00 24.27 ? 259 VAL B N   1 
ATOM   1159 C CA  . VAL B 1 76 ? 6.077   12.557  3.855   1.00 24.09 ? 259 VAL B CA  1 
ATOM   1160 C C   . VAL B 1 76 ? 4.810   11.749  3.615   1.00 23.63 ? 259 VAL B C   1 
ATOM   1161 O O   . VAL B 1 76 ? 4.883   10.527  3.472   1.00 23.49 ? 259 VAL B O   1 
ATOM   1162 C CB  . VAL B 1 76 ? 6.966   12.570  2.599   1.00 24.28 ? 259 VAL B CB  1 
ATOM   1163 C CG1 . VAL B 1 76 ? 6.219   13.140  1.361   1.00 25.43 ? 259 VAL B CG1 1 
ATOM   1164 C CG2 . VAL B 1 76 ? 8.192   13.382  2.880   1.00 26.95 ? 259 VAL B CG2 1 
ATOM   1165 N N   . VAL B 1 77 ? 3.663   12.430  3.670   1.00 23.65 ? 260 VAL B N   1 
ATOM   1166 C CA  . VAL B 1 77 ? 2.374   11.798  3.372   1.00 23.15 ? 260 VAL B CA  1 
ATOM   1167 C C   . VAL B 1 77 ? 1.916   12.189  1.956   1.00 22.39 ? 260 VAL B C   1 
ATOM   1168 O O   . VAL B 1 77 ? 2.131   13.324  1.501   1.00 21.21 ? 260 VAL B O   1 
ATOM   1169 C CB  . VAL B 1 77 ? 1.279   12.160  4.414   1.00 25.02 ? 260 VAL B CB  1 
ATOM   1170 C CG1 . VAL B 1 77 ? 1.671   11.623  5.772   1.00 26.45 ? 260 VAL B CG1 1 
ATOM   1171 C CG2 . VAL B 1 77 ? 1.147   13.620  4.501   1.00 28.12 ? 260 VAL B CG2 1 
ATOM   1172 N N   . GLN B 1 78 ? 1.276   11.239  1.277   1.00 21.21 ? 261 GLN B N   1 
ATOM   1173 C CA  . GLN B 1 78 ? 0.808   11.463  -0.101  1.00 22.59 ? 261 GLN B CA  1 
ATOM   1174 C C   . GLN B 1 78 ? -0.329  12.455  -0.127  1.00 23.25 ? 261 GLN B C   1 
ATOM   1175 O O   . GLN B 1 78 ? -1.261  12.366  0.695   1.00 23.05 ? 261 GLN B O   1 
ATOM   1176 C CB  . GLN B 1 78 ? 0.411   10.113  -0.732  1.00 21.45 ? 261 GLN B CB  1 
ATOM   1177 C CG  . GLN B 1 78 ? -0.007  10.172  -2.207  1.00 23.85 ? 261 GLN B CG  1 
ATOM   1178 C CD  . GLN B 1 78 ? -0.223  8.778   -2.795  1.00 26.00 ? 261 GLN B CD  1 
ATOM   1179 O OE1 . GLN B 1 78 ? -1.086  8.033   -2.320  1.00 34.06 ? 261 GLN B OE1 1 
ATOM   1180 N NE2 . GLN B 1 78 ? 0.545   8.430   -3.826  1.00 30.51 ? 261 GLN B NE2 1 
ATOM   1181 N N   . ARG B 1 79 ? -0.255  13.403  -1.057  1.00 24.54 ? 262 ARG B N   1 
ATOM   1182 C CA  . ARG B 1 79 ? -1.317  14.364  -1.269  1.00 27.10 ? 262 ARG B CA  1 
ATOM   1183 C C   . ARG B 1 79 ? -1.720  14.261  -2.729  1.00 28.28 ? 262 ARG B C   1 
ATOM   1184 O O   . ARG B 1 79 ? -0.851  14.205  -3.601  1.00 30.01 ? 262 ARG B O   1 
ATOM   1185 C CB  . ARG B 1 79 ? -0.833  15.756  -0.920  1.00 26.97 ? 262 ARG B CB  1 
ATOM   1186 N N   . ASP B 1 80 ? -3.022  14.192  -3.010  1.00 29.60 ? 263 ASP B N   1 
ATOM   1187 C CA  . ASP B 1 80 ? -3.491  14.243  -4.407  1.00 30.58 ? 263 ASP B CA  1 
ATOM   1188 C C   . ASP B 1 80 ? -4.008  15.631  -4.750  1.00 31.32 ? 263 ASP B C   1 
ATOM   1189 O O   . ASP B 1 80 ? -4.868  15.786  -5.612  1.00 31.88 ? 263 ASP B O   1 
ATOM   1190 C CB  . ASP B 1 80 ? -4.585  13.190  -4.648  1.00 30.86 ? 263 ASP B CB  1 
ATOM   1191 N N   . GLU B 1 81 ? -3.462  16.638  -4.074  1.00 31.87 ? 264 GLU B N   1 
ATOM   1192 C CA  . GLU B 1 81 ? -3.996  17.993  -4.101  1.00 32.42 ? 264 GLU B CA  1 
ATOM   1193 C C   . GLU B 1 81 ? -2.935  18.940  -4.654  1.00 32.45 ? 264 GLU B C   1 
ATOM   1194 O O   . GLU B 1 81 ? -3.225  19.792  -5.504  1.00 32.97 ? 264 GLU B O   1 
ATOM   1195 C CB  . GLU B 1 81 ? -4.390  18.413  -2.677  1.00 32.85 ? 264 GLU B CB  1 
ATOM   1196 C CG  . GLU B 1 81 ? -5.130  17.312  -1.889  1.00 33.97 ? 264 GLU B CG  1 
ATOM   1197 C CD  . GLU B 1 81 ? -4.592  17.110  -0.485  1.00 35.08 ? 264 GLU B CD  1 
ATOM   1198 O OE1 . GLU B 1 81 ? -4.632  15.963  0.028   1.00 37.40 ? 264 GLU B OE1 1 
ATOM   1199 O OE2 . GLU B 1 81 ? -4.109  18.092  0.114   1.00 36.75 ? 264 GLU B OE2 1 
HETATM 1200 O O   . HOH C 2 .  ? -6.801  -7.178  1.789   1.00 26.57 ? 265 HOH A O   1 
HETATM 1201 O O   . HOH C 2 .  ? -7.398  3.834   -14.722 1.00 24.06 ? 266 HOH A O   1 
HETATM 1202 O O   . HOH C 2 .  ? -10.224 -1.573  -16.966 1.00 24.39 ? 267 HOH A O   1 
HETATM 1203 O O   . HOH C 2 .  ? -3.949  -4.935  -0.208  1.00 27.18 ? 268 HOH A O   1 
HETATM 1204 O O   . HOH C 2 .  ? -3.066  -17.485 -8.092  1.00 30.43 ? 269 HOH A O   1 
HETATM 1205 O O   . HOH C 2 .  ? 1.619   -26.848 -11.376 1.00 31.78 ? 270 HOH A O   1 
HETATM 1206 O O   . HOH C 2 .  ? 6.571   5.040   19.596  1.00 33.20 ? 271 HOH A O   1 
HETATM 1207 O O   . HOH C 2 .  ? 2.860   0.145   13.184  1.00 32.03 ? 272 HOH A O   1 
HETATM 1208 O O   . HOH C 2 .  ? -7.961  5.528   -12.344 1.00 25.99 ? 273 HOH A O   1 
HETATM 1209 O O   . HOH C 2 .  ? 5.773   15.917  18.113  1.00 29.55 ? 274 HOH A O   1 
HETATM 1210 O O   . HOH C 2 .  ? -1.318  -27.134 -13.164 1.00 56.05 ? 275 HOH A O   1 
HETATM 1211 O O   . HOH C 2 .  ? -13.558 -11.966 -8.367  1.00 37.61 ? 276 HOH A O   1 
HETATM 1212 O O   . HOH C 2 .  ? -10.440 -8.472  -20.199 1.00 34.74 ? 277 HOH A O   1 
HETATM 1213 O O   . HOH C 2 .  ? -1.414  -3.746  10.266  1.00 40.39 ? 278 HOH A O   1 
HETATM 1214 O O   . HOH C 2 .  ? 0.819   -19.711 -16.403 1.00 48.91 ? 279 HOH A O   1 
HETATM 1215 O O   . HOH C 2 .  ? -12.454 -0.421  -9.928  1.00 40.47 ? 280 HOH A O   1 
HETATM 1216 O O   . HOH C 2 .  ? 0.696   -19.751 -13.662 1.00 34.04 ? 281 HOH A O   1 
HETATM 1217 O O   . HOH C 2 .  ? 0.400   -5.092  1.142   1.00 30.93 ? 282 HOH A O   1 
HETATM 1218 O O   . HOH C 2 .  ? 7.058   -21.095 -2.439  1.00 49.17 ? 283 HOH A O   1 
HETATM 1219 O O   . HOH C 2 .  ? -4.049  -17.080 -4.157  1.00 40.62 ? 284 HOH A O   1 
HETATM 1220 O O   . HOH C 2 .  ? 3.905   -11.376 -11.375 1.00 41.82 ? 285 HOH A O   1 
HETATM 1221 O O   . HOH C 2 .  ? -8.808  4.014   -8.546  1.00 35.56 ? 286 HOH A O   1 
HETATM 1222 O O   . HOH C 2 .  ? -3.025  3.182   -26.724 1.00 48.33 ? 287 HOH A O   1 
HETATM 1223 O O   . HOH C 2 .  ? 6.299   -19.252 -8.381  1.00 43.52 ? 288 HOH A O   1 
HETATM 1224 O O   . HOH C 2 .  ? 2.392   -1.800  -22.616 1.00 50.45 ? 289 HOH A O   1 
HETATM 1225 O O   . HOH C 2 .  ? 0.694   -3.254  -23.961 1.00 48.88 ? 290 HOH A O   1 
HETATM 1226 O O   . HOH C 2 .  ? 4.911   17.003  22.884  1.00 46.45 ? 291 HOH A O   1 
HETATM 1227 O O   . HOH C 2 .  ? 9.004   -10.101 0.664   1.00 48.03 ? 292 HOH A O   1 
HETATM 1228 O O   . HOH C 2 .  ? -18.153 -2.958  -19.737 1.00 64.45 ? 293 HOH A O   1 
HETATM 1229 O O   . HOH C 2 .  ? -10.032 -13.389 -5.202  1.00 33.18 ? 294 HOH A O   1 
HETATM 1230 O O   . HOH C 2 .  ? -0.783  -17.023 -15.988 1.00 38.40 ? 295 HOH A O   1 
HETATM 1231 O O   . HOH C 2 .  ? 5.123   1.427   13.911  1.00 47.10 ? 296 HOH A O   1 
HETATM 1232 O O   . HOH C 2 .  ? 8.420   -18.961 -6.646  1.00 41.81 ? 297 HOH A O   1 
HETATM 1233 O O   . HOH C 2 .  ? -6.622  0.266   -23.833 1.00 42.81 ? 298 HOH A O   1 
HETATM 1234 O O   . HOH C 2 .  ? 4.160   -14.853 4.110   1.00 54.77 ? 299 HOH A O   1 
HETATM 1235 O O   . HOH C 2 .  ? 1.602   -2.879  -16.854 1.00 49.01 ? 300 HOH A O   1 
HETATM 1236 O O   . HOH C 2 .  ? 0.925   -20.987 -4.128  1.00 34.59 ? 301 HOH A O   1 
HETATM 1237 O O   . HOH C 2 .  ? -6.434  -19.670 -10.975 1.00 38.08 ? 302 HOH A O   1 
HETATM 1238 O O   . HOH C 2 .  ? 4.259   -10.958 2.761   1.00 46.33 ? 303 HOH A O   1 
HETATM 1239 O O   . HOH C 2 .  ? 10.023  -9.375  -6.612  1.00 36.58 ? 304 HOH A O   1 
HETATM 1240 O O   . HOH C 2 .  ? 7.173   15.787  22.427  1.00 52.93 ? 305 HOH A O   1 
HETATM 1241 O O   . HOH C 2 .  ? 2.829   9.394   26.506  1.00 50.60 ? 306 HOH A O   1 
HETATM 1242 O O   . HOH C 2 .  ? -17.799 -6.982  -16.322 1.00 54.80 ? 307 HOH A O   1 
HETATM 1243 O O   . HOH C 2 .  ? 6.900   -16.299 -14.277 1.00 55.30 ? 308 HOH A O   1 
HETATM 1244 O O   . HOH C 2 .  ? 1.462   -12.992 5.891   1.00 52.52 ? 309 HOH A O   1 
HETATM 1245 O O   . HOH C 2 .  ? -13.948 -13.481 -6.180  1.00 48.87 ? 310 HOH A O   1 
HETATM 1246 O O   . HOH C 2 .  ? 5.947   3.535   17.556  1.00 46.21 ? 311 HOH A O   1 
HETATM 1247 O O   . HOH C 2 .  ? 3.828   4.258   18.909  1.00 46.62 ? 312 HOH A O   1 
HETATM 1248 O O   . HOH C 2 .  ? -6.033  -4.680  1.453   1.00 36.31 ? 313 HOH A O   1 
HETATM 1249 O O   . HOH C 2 .  ? 0.996   0.568   -22.197 1.00 38.19 ? 314 HOH A O   1 
HETATM 1250 O O   . HOH C 2 .  ? -14.691 -8.815  -14.757 1.00 36.05 ? 315 HOH A O   1 
HETATM 1251 O O   . HOH C 2 .  ? 6.934   -15.276 -2.798  1.00 45.22 ? 316 HOH A O   1 
HETATM 1252 O O   . HOH C 2 .  ? -3.951  -9.904  -26.991 1.00 48.95 ? 317 HOH A O   1 
HETATM 1253 O O   . HOH C 2 .  ? 1.859   14.044  22.935  1.00 57.99 ? 318 HOH A O   1 
HETATM 1254 O O   . HOH D 2 .  ? -6.007  4.419   21.283  1.00 32.85 ? 265 HOH B O   1 
HETATM 1255 O O   . HOH D 2 .  ? -3.326  -8.356  -22.398 1.00 33.03 ? 266 HOH B O   1 
HETATM 1256 O O   . HOH D 2 .  ? 4.926   -0.531  0.658   1.00 25.16 ? 267 HOH B O   1 
HETATM 1257 O O   . HOH D 2 .  ? 4.106   3.831   0.661   1.00 23.85 ? 268 HOH B O   1 
HETATM 1258 O O   . HOH D 2 .  ? 6.298   -7.456  6.270   1.00 30.85 ? 269 HOH B O   1 
HETATM 1259 O O   . HOH D 2 .  ? 0.765   -5.916  -20.795 1.00 39.00 ? 270 HOH B O   1 
HETATM 1260 O O   . HOH D 2 .  ? 16.895  8.993   0.175   1.00 55.48 ? 271 HOH B O   1 
HETATM 1261 O O   . HOH D 2 .  ? -2.477  10.036  1.729   1.00 25.99 ? 272 HOH B O   1 
HETATM 1262 O O   . HOH D 2 .  ? -2.395  22.241  -3.622  1.00 55.86 ? 273 HOH B O   1 
HETATM 1263 O O   . HOH D 2 .  ? 0.892   -11.078 -16.770 1.00 37.16 ? 274 HOH B O   1 
HETATM 1264 O O   . HOH D 2 .  ? 4.892   -9.812  -23.752 1.00 30.24 ? 275 HOH B O   1 
HETATM 1265 O O   . HOH D 2 .  ? 0.760   -7.987  -16.942 1.00 31.61 ? 276 HOH B O   1 
HETATM 1266 O O   . HOH D 2 .  ? 3.043   15.876  18.430  1.00 34.82 ? 277 HOH B O   1 
HETATM 1267 O O   . HOH D 2 .  ? -10.122 7.194   21.458  1.00 41.87 ? 278 HOH B O   1 
HETATM 1268 O O   . HOH D 2 .  ? 2.400   -10.630 -24.448 1.00 41.14 ? 279 HOH B O   1 
HETATM 1269 O O   . HOH D 2 .  ? 11.138  11.547  5.350   1.00 31.68 ? 280 HOH B O   1 
HETATM 1270 O O   . HOH D 2 .  ? 7.050   6.302   -1.625  1.00 28.35 ? 281 HOH B O   1 
HETATM 1271 O O   . HOH D 2 .  ? -9.875  0.823   6.783   1.00 63.76 ? 282 HOH B O   1 
HETATM 1272 O O   . HOH D 2 .  ? 13.425  -5.026  9.130   1.00 35.61 ? 283 HOH B O   1 
HETATM 1273 O O   . HOH D 2 .  ? -8.701  -11.233 -26.699 1.00 54.84 ? 284 HOH B O   1 
HETATM 1274 O O   . HOH D 2 .  ? 11.282  2.600   19.926  1.00 54.78 ? 285 HOH B O   1 
HETATM 1275 O O   . HOH D 2 .  ? 4.231   -5.820  3.408   1.00 34.55 ? 286 HOH B O   1 
HETATM 1276 O O   . HOH D 2 .  ? 11.150  -4.135  -1.848  1.00 56.42 ? 287 HOH B O   1 
HETATM 1277 O O   . HOH D 2 .  ? 3.040   -6.553  -11.035 1.00 32.74 ? 288 HOH B O   1 
HETATM 1278 O O   . HOH D 2 .  ? 6.332   1.269   -8.090  1.00 47.26 ? 289 HOH B O   1 
HETATM 1279 O O   . HOH D 2 .  ? 7.729   0.288   14.709  1.00 34.15 ? 290 HOH B O   1 
HETATM 1280 O O   . HOH D 2 .  ? 15.298  -2.358  22.216  1.00 49.38 ? 291 HOH B O   1 
HETATM 1281 O O   . HOH D 2 .  ? 5.635   -10.755 -21.057 1.00 59.36 ? 292 HOH B O   1 
HETATM 1282 O O   . HOH D 2 .  ? -7.346  4.830   18.137  1.00 48.16 ? 293 HOH B O   1 
HETATM 1283 O O   . HOH D 2 .  ? 1.533   -12.845 -16.221 1.00 41.29 ? 294 HOH B O   1 
HETATM 1284 O O   . HOH D 2 .  ? 5.859   -1.774  -8.693  1.00 34.30 ? 295 HOH B O   1 
HETATM 1285 O O   . HOH D 2 .  ? 2.203   9.428   24.050  1.00 47.35 ? 296 HOH B O   1 
HETATM 1286 O O   . HOH D 2 .  ? 16.046  9.940   13.272  1.00 44.95 ? 297 HOH B O   1 
HETATM 1287 O O   . HOH D 2 .  ? 5.904   -4.663  -0.323  1.00 32.83 ? 298 HOH B O   1 
HETATM 1288 O O   . HOH D 2 .  ? -17.132 -7.406  -3.826  1.00 41.82 ? 299 HOH B O   1 
HETATM 1289 O O   . HOH D 2 .  ? 2.239   -15.512 -26.154 0.50 33.55 ? 300 HOH B O   1 
HETATM 1290 O O   . HOH D 2 .  ? -3.743  13.068  13.946  1.00 33.56 ? 301 HOH B O   1 
HETATM 1291 O O   . HOH D 2 .  ? 8.096   -10.651 -17.977 1.00 63.80 ? 302 HOH B O   1 
HETATM 1292 O O   . HOH D 2 .  ? -1.116  -14.443 -27.002 1.00 51.76 ? 303 HOH B O   1 
HETATM 1293 O O   . HOH D 2 .  ? 11.057  -3.993  1.603   1.00 38.92 ? 304 HOH B O   1 
HETATM 1294 O O   . HOH D 2 .  ? -0.025  -9.659  -23.830 1.00 32.99 ? 305 HOH B O   1 
HETATM 1295 O O   . HOH D 2 .  ? -7.374  -12.978 -24.382 1.00 48.83 ? 306 HOH B O   1 
HETATM 1296 O O   . HOH D 2 .  ? -4.462  -9.445  -24.674 1.00 39.44 ? 307 HOH B O   1 
HETATM 1297 O O   . HOH D 2 .  ? 6.806   -7.113  -20.612 1.00 41.16 ? 308 HOH B O   1 
HETATM 1298 O O   . HOH D 2 .  ? 5.424   -4.089  -10.370 1.00 57.17 ? 309 HOH B O   1 
HETATM 1299 O O   . HOH D 2 .  ? -0.398  6.600   22.972  1.00 56.65 ? 310 HOH B O   1 
HETATM 1300 O O   . HOH D 2 .  ? -3.543  4.916   23.708  1.00 48.54 ? 311 HOH B O   1 
HETATM 1301 O O   . HOH D 2 .  ? -9.189  4.239   10.637  1.00 56.65 ? 312 HOH B O   1 
HETATM 1302 O O   . HOH D 2 .  ? 14.554  12.310  11.429  1.00 48.98 ? 313 HOH B O   1 
# 
